data_9DE2
#
_entry.id   9DE2
#
loop_
_entity.id
_entity.type
_entity.pdbx_description
1 polymer 'GATAD2A-MPPL motif and ETO2 NHR4 domain fusion protein'
2 non-polymer 'ZINC ION'
#
_entity_poly.entity_id   1
_entity_poly.type   'polypeptide(L)'
_entity_poly.pdbx_seq_one_letter_code
;GSASSQVVMPPLVRGAQQKNGRGSDSSESCWNCGRKASETCSGCNAARYCGSFCQHRDWEKHHHVCGQSLQ
;
_entity_poly.pdbx_strand_id   A
#
loop_
_chem_comp.id
_chem_comp.type
_chem_comp.name
_chem_comp.formula
ZN non-polymer 'ZINC ION' 'Zn 2'
#
# COMPACT_ATOMS: atom_id res chain seq x y z
N GLY A 1 -6.91 -18.10 -22.82
CA GLY A 1 -7.08 -17.86 -21.36
C GLY A 1 -5.93 -18.42 -20.54
N SER A 2 -4.80 -17.72 -20.54
CA SER A 2 -3.63 -18.16 -19.80
C SER A 2 -3.13 -17.06 -18.86
N ALA A 3 -2.55 -17.46 -17.74
CA ALA A 3 -2.04 -16.51 -16.76
C ALA A 3 -0.94 -15.65 -17.38
N SER A 4 -0.09 -16.26 -18.19
CA SER A 4 0.99 -15.54 -18.84
C SER A 4 1.83 -14.80 -17.80
N SER A 5 2.27 -13.58 -18.10
CA SER A 5 3.07 -12.80 -17.16
C SER A 5 2.41 -11.47 -16.86
N GLN A 6 1.65 -11.42 -15.78
CA GLN A 6 0.96 -10.19 -15.40
C GLN A 6 1.20 -9.87 -13.92
N VAL A 7 1.47 -8.61 -13.64
CA VAL A 7 1.72 -8.18 -12.27
C VAL A 7 0.45 -7.65 -11.62
N VAL A 8 0.05 -8.31 -10.53
CA VAL A 8 -1.14 -7.94 -9.79
C VAL A 8 -0.77 -7.31 -8.47
N MET A 9 -1.62 -6.41 -7.99
CA MET A 9 -1.36 -5.74 -6.73
C MET A 9 -1.59 -6.66 -5.53
N PRO A 10 -0.69 -6.64 -4.53
CA PRO A 10 -0.82 -7.48 -3.34
C PRO A 10 -1.74 -6.82 -2.31
N PRO A 11 -2.32 -7.59 -1.37
CA PRO A 11 -3.22 -7.03 -0.35
C PRO A 11 -2.48 -6.18 0.69
N LEU A 12 -3.16 -5.17 1.24
CA LEU A 12 -2.56 -4.29 2.24
C LEU A 12 -2.69 -4.87 3.65
N VAL A 13 -1.57 -4.87 4.38
CA VAL A 13 -1.51 -5.37 5.74
C VAL A 13 -1.77 -4.26 6.76
N ARG A 14 -2.17 -4.64 7.96
CA ARG A 14 -2.44 -3.66 9.02
C ARG A 14 -1.18 -3.38 9.82
N GLY A 15 -0.69 -2.14 9.72
CA GLY A 15 0.51 -1.76 10.44
C GLY A 15 0.30 -1.58 11.93
N ALA A 16 1.32 -1.93 12.70
CA ALA A 16 1.27 -1.81 14.15
C ALA A 16 2.68 -1.69 14.72
N GLN A 17 3.07 -0.47 15.05
CA GLN A 17 4.41 -0.23 15.61
C GLN A 17 4.34 0.68 16.84
N GLN A 18 5.19 0.40 17.81
CA GLN A 18 5.25 1.20 19.03
C GLN A 18 6.69 1.58 19.37
N LYS A 19 7.62 0.70 19.04
CA LYS A 19 9.03 0.96 19.32
C LYS A 19 9.46 2.27 18.68
N ASN A 20 9.15 2.45 17.39
CA ASN A 20 9.51 3.67 16.69
C ASN A 20 8.25 4.40 16.23
N GLY A 21 7.90 5.47 16.94
CA GLY A 21 6.72 6.24 16.59
C GLY A 21 5.52 5.87 17.46
N ARG A 22 4.44 6.62 17.32
CA ARG A 22 3.23 6.36 18.11
C ARG A 22 1.97 6.64 17.29
N GLY A 23 1.97 6.20 16.05
CA GLY A 23 0.82 6.41 15.19
C GLY A 23 1.18 6.48 13.72
N SER A 24 2.26 7.20 13.40
CA SER A 24 2.71 7.32 12.02
C SER A 24 4.01 8.12 11.93
N ASP A 25 4.01 9.29 12.58
CA ASP A 25 5.18 10.17 12.59
C ASP A 25 5.33 10.89 11.25
N SER A 26 5.56 10.13 10.19
CA SER A 26 5.71 10.71 8.86
C SER A 26 4.55 10.30 7.96
N SER A 27 3.83 11.30 7.45
CA SER A 27 2.68 11.06 6.57
C SER A 27 1.61 10.25 7.30
N GLU A 28 0.39 10.31 6.78
CA GLU A 28 -0.73 9.59 7.38
C GLU A 28 -1.94 9.61 6.45
N SER A 29 -1.69 9.49 5.15
CA SER A 29 -2.76 9.50 4.17
C SER A 29 -2.65 8.32 3.21
N CYS A 30 -3.81 7.93 2.65
CA CYS A 30 -3.89 6.84 1.70
C CYS A 30 -3.44 7.30 0.32
N TRP A 31 -2.45 6.62 -0.25
CA TRP A 31 -1.95 7.00 -1.56
C TRP A 31 -3.06 7.05 -2.58
N ASN A 32 -4.05 6.16 -2.45
CA ASN A 32 -5.14 6.16 -3.42
C ASN A 32 -6.14 7.30 -3.17
N CYS A 33 -6.99 7.17 -2.14
CA CYS A 33 -7.99 8.19 -1.84
C CYS A 33 -7.49 9.33 -0.94
N GLY A 34 -6.46 9.07 -0.12
CA GLY A 34 -5.93 10.11 0.75
C GLY A 34 -6.69 10.28 2.06
N ARG A 35 -7.72 9.47 2.27
CA ARG A 35 -8.51 9.54 3.50
C ARG A 35 -8.07 8.53 4.57
N LYS A 36 -7.33 9.03 5.56
CA LYS A 36 -6.83 8.21 6.68
C LYS A 36 -6.36 6.81 6.29
N ALA A 37 -5.04 6.63 6.27
CA ALA A 37 -4.46 5.34 5.93
C ALA A 37 -3.86 4.66 7.16
N SER A 38 -4.19 3.39 7.34
CA SER A 38 -3.67 2.63 8.48
C SER A 38 -3.08 1.29 8.06
N GLU A 39 -2.91 1.08 6.75
CA GLU A 39 -2.34 -0.17 6.25
C GLU A 39 -1.17 0.08 5.30
N THR A 40 -0.35 -0.94 5.11
CA THR A 40 0.82 -0.84 4.24
C THR A 40 0.84 -1.96 3.19
N CYS A 41 1.62 -1.75 2.14
CA CYS A 41 1.74 -2.73 1.07
C CYS A 41 2.40 -3.99 1.61
N SER A 42 1.76 -5.14 1.44
CA SER A 42 2.31 -6.40 1.93
C SER A 42 3.60 -6.76 1.19
N GLY A 43 3.87 -6.08 0.09
CA GLY A 43 5.06 -6.37 -0.67
C GLY A 43 6.23 -5.50 -0.25
N CYS A 44 6.29 -4.29 -0.78
CA CYS A 44 7.36 -3.35 -0.47
C CYS A 44 7.11 -2.62 0.87
N ASN A 45 5.87 -2.57 1.31
CA ASN A 45 5.52 -1.90 2.56
C ASN A 45 6.02 -0.45 2.55
N ALA A 46 5.97 0.17 1.38
CA ALA A 46 6.42 1.55 1.23
C ALA A 46 5.25 2.51 1.03
N ALA A 47 4.27 2.05 0.26
CA ALA A 47 3.09 2.85 -0.03
C ALA A 47 2.02 2.68 1.05
N ARG A 48 1.15 3.67 1.20
CA ARG A 48 0.10 3.63 2.20
C ARG A 48 -1.27 3.39 1.54
N TYR A 49 -2.03 2.45 2.11
CA TYR A 49 -3.35 2.11 1.57
C TYR A 49 -4.38 1.98 2.69
N CYS A 50 -5.64 2.20 2.36
CA CYS A 50 -6.72 2.08 3.33
C CYS A 50 -7.70 0.98 2.93
N GLY A 51 -7.60 0.51 1.68
CA GLY A 51 -8.48 -0.56 1.22
C GLY A 51 -7.97 -1.24 -0.05
N SER A 52 -8.47 -2.44 -0.31
CA SER A 52 -8.07 -3.21 -1.48
C SER A 52 -8.47 -2.51 -2.78
N PHE A 53 -9.64 -1.89 -2.78
CA PHE A 53 -10.13 -1.17 -3.96
C PHE A 53 -9.24 0.05 -4.25
N CYS A 54 -8.61 0.56 -3.19
CA CYS A 54 -7.75 1.71 -3.31
C CYS A 54 -6.42 1.32 -3.94
N GLN A 55 -5.90 0.18 -3.51
CA GLN A 55 -4.63 -0.31 -4.01
C GLN A 55 -4.69 -0.66 -5.49
N HIS A 56 -5.78 -1.28 -5.93
CA HIS A 56 -5.92 -1.65 -7.34
C HIS A 56 -5.90 -0.42 -8.24
N ARG A 57 -6.66 0.60 -7.85
CA ARG A 57 -6.74 1.84 -8.62
C ARG A 57 -5.37 2.53 -8.72
N ASP A 58 -4.63 2.54 -7.62
CA ASP A 58 -3.31 3.17 -7.57
C ASP A 58 -2.21 2.23 -8.07
N TRP A 59 -2.50 0.93 -8.12
CA TRP A 59 -1.55 -0.06 -8.56
C TRP A 59 -0.82 0.31 -9.86
N GLU A 60 -1.51 0.94 -10.79
CA GLU A 60 -0.86 1.31 -12.05
C GLU A 60 0.33 2.21 -11.77
N LYS A 61 0.14 3.14 -10.85
CA LYS A 61 1.17 4.09 -10.47
C LYS A 61 2.11 3.51 -9.40
N HIS A 62 1.78 2.32 -8.88
CA HIS A 62 2.61 1.71 -7.84
C HIS A 62 3.70 0.85 -8.47
N HIS A 63 3.50 0.48 -9.74
CA HIS A 63 4.46 -0.35 -10.49
C HIS A 63 5.91 0.10 -10.33
N HIS A 64 6.14 1.40 -10.17
CA HIS A 64 7.52 1.90 -10.03
C HIS A 64 7.95 2.04 -8.59
N VAL A 65 7.02 1.89 -7.64
CA VAL A 65 7.34 2.02 -6.23
C VAL A 65 7.55 0.66 -5.57
N CYS A 66 6.94 -0.38 -6.13
CA CYS A 66 7.06 -1.72 -5.58
C CYS A 66 8.35 -2.40 -6.06
N GLY A 67 8.90 -3.28 -5.23
CA GLY A 67 10.13 -3.98 -5.59
C GLY A 67 11.37 -3.11 -5.54
N GLN A 68 11.28 -1.96 -4.86
CA GLN A 68 12.43 -1.07 -4.75
C GLN A 68 12.91 -0.96 -3.30
N SER A 69 12.65 -2.02 -2.53
CA SER A 69 13.02 -2.12 -1.12
C SER A 69 12.89 -0.78 -0.37
N LEU A 70 13.98 0.00 -0.32
CA LEU A 70 13.98 1.28 0.37
C LEU A 70 14.89 2.28 -0.35
N GLN A 71 15.03 2.11 -1.66
CA GLN A 71 15.87 2.99 -2.47
C GLN A 71 15.76 2.63 -3.95
ZN ZN B . -8.08 4.79 0.40
ZN ZN C . 4.36 -2.08 -2.95
N GLY A 1 10.02 -9.63 -12.67
CA GLY A 1 10.87 -8.75 -13.52
C GLY A 1 10.07 -7.73 -14.29
N SER A 2 10.04 -6.50 -13.79
CA SER A 2 9.30 -5.42 -14.44
C SER A 2 7.85 -5.82 -14.66
N ALA A 3 7.25 -6.47 -13.67
CA ALA A 3 5.87 -6.90 -13.76
C ALA A 3 5.67 -7.85 -14.93
N SER A 4 6.34 -9.00 -14.89
CA SER A 4 6.25 -9.99 -15.96
C SER A 4 4.88 -10.68 -15.91
N SER A 5 4.45 -11.21 -17.06
CA SER A 5 3.17 -11.90 -17.14
C SER A 5 2.07 -11.05 -16.53
N GLN A 6 1.97 -9.80 -17.00
CA GLN A 6 0.97 -8.85 -16.51
C GLN A 6 1.36 -8.33 -15.14
N VAL A 7 0.77 -7.21 -14.73
CA VAL A 7 1.08 -6.62 -13.43
C VAL A 7 -0.08 -6.81 -12.46
N VAL A 8 0.19 -7.47 -11.34
CA VAL A 8 -0.83 -7.72 -10.33
C VAL A 8 -0.48 -7.08 -8.99
N MET A 9 -1.49 -6.57 -8.29
CA MET A 9 -1.29 -5.94 -7.00
C MET A 9 -1.22 -6.97 -5.88
N PRO A 10 -0.31 -6.78 -4.90
CA PRO A 10 -0.17 -7.71 -3.77
C PRO A 10 -1.19 -7.43 -2.68
N PRO A 11 -1.56 -8.44 -1.86
CA PRO A 11 -2.53 -8.26 -0.77
C PRO A 11 -2.05 -7.21 0.23
N LEU A 12 -2.98 -6.48 0.84
CA LEU A 12 -2.62 -5.46 1.82
C LEU A 12 -2.41 -6.09 3.20
N VAL A 13 -1.65 -5.40 4.03
CA VAL A 13 -1.35 -5.86 5.38
C VAL A 13 -1.57 -4.73 6.38
N ARG A 14 -1.81 -5.09 7.64
CA ARG A 14 -2.04 -4.09 8.67
C ARG A 14 -0.84 -3.16 8.82
N GLY A 15 -1.12 -1.89 9.05
CA GLY A 15 -0.05 -0.92 9.21
C GLY A 15 0.76 -1.16 10.46
N ALA A 16 1.13 -0.08 11.15
CA ALA A 16 1.92 -0.19 12.37
C ALA A 16 3.15 -1.06 12.14
N GLN A 17 4.20 -0.47 11.60
CA GLN A 17 5.44 -1.19 11.33
C GLN A 17 6.66 -0.37 11.73
N GLN A 18 7.79 -1.04 11.88
CA GLN A 18 9.03 -0.37 12.27
C GLN A 18 8.86 0.35 13.62
N LYS A 19 8.62 1.66 13.58
CA LYS A 19 8.45 2.42 14.81
C LYS A 19 7.31 3.44 14.69
N ASN A 20 6.60 3.65 15.78
CA ASN A 20 5.50 4.60 15.81
C ASN A 20 6.00 6.04 15.74
N GLY A 21 7.30 6.23 15.95
CA GLY A 21 7.88 7.56 15.89
C GLY A 21 7.44 8.42 17.06
N ARG A 22 6.97 7.79 18.13
CA ARG A 22 6.52 8.53 19.30
C ARG A 22 5.45 9.54 18.90
N GLY A 23 4.42 9.05 18.21
CA GLY A 23 3.34 9.91 17.77
C GLY A 23 2.01 9.20 17.71
N SER A 24 1.74 8.51 16.61
CA SER A 24 0.50 7.78 16.43
C SER A 24 0.76 6.45 15.73
N ASP A 25 -0.29 5.66 15.56
CA ASP A 25 -0.18 4.35 14.89
C ASP A 25 0.11 4.53 13.41
N SER A 26 1.34 4.91 13.09
CA SER A 26 1.76 5.12 11.71
C SER A 26 1.06 6.34 11.11
N SER A 27 1.69 6.96 10.12
CA SER A 27 1.14 8.15 9.48
C SER A 27 -0.06 7.79 8.60
N GLU A 28 -0.90 8.78 8.32
CA GLU A 28 -2.09 8.59 7.49
C GLU A 28 -1.85 9.08 6.06
N SER A 29 -2.93 9.32 5.33
CA SER A 29 -2.86 9.80 3.94
C SER A 29 -2.50 8.67 2.99
N CYS A 30 -3.51 7.93 2.55
CA CYS A 30 -3.34 6.81 1.64
C CYS A 30 -2.87 7.29 0.25
N TRP A 31 -2.24 6.39 -0.52
CA TRP A 31 -1.72 6.74 -1.85
C TRP A 31 -2.81 6.97 -2.89
N ASN A 32 -3.93 6.31 -2.70
CA ASN A 32 -5.05 6.42 -3.62
C ASN A 32 -5.95 7.62 -3.28
N CYS A 33 -6.83 7.44 -2.30
CA CYS A 33 -7.74 8.50 -1.89
C CYS A 33 -7.07 9.54 -0.98
N GLY A 34 -6.17 9.09 -0.10
CA GLY A 34 -5.50 10.02 0.80
C GLY A 34 -6.28 10.37 2.05
N ARG A 35 -7.47 9.80 2.19
CA ARG A 35 -8.32 10.06 3.34
C ARG A 35 -8.23 8.93 4.37
N LYS A 36 -7.80 9.28 5.58
CA LYS A 36 -7.65 8.32 6.69
C LYS A 36 -7.07 6.97 6.24
N ALA A 37 -5.76 6.81 6.42
CA ALA A 37 -5.09 5.56 6.04
C ALA A 37 -4.27 5.01 7.20
N SER A 38 -4.23 3.68 7.31
CA SER A 38 -3.48 3.02 8.37
C SER A 38 -3.14 1.58 8.01
N GLU A 39 -3.00 1.31 6.71
CA GLU A 39 -2.67 -0.02 6.21
C GLU A 39 -1.49 0.07 5.26
N THR A 40 -0.64 -0.96 5.21
CA THR A 40 0.52 -0.94 4.32
C THR A 40 0.47 -2.06 3.28
N CYS A 41 0.92 -1.75 2.06
CA CYS A 41 0.93 -2.71 0.96
C CYS A 41 2.00 -3.77 1.18
N SER A 42 1.67 -5.02 0.91
CA SER A 42 2.62 -6.11 1.08
C SER A 42 3.83 -5.92 0.17
N GLY A 43 4.85 -6.73 0.40
CA GLY A 43 6.06 -6.65 -0.40
C GLY A 43 6.91 -5.45 -0.06
N CYS A 44 6.52 -4.28 -0.57
CA CYS A 44 7.26 -3.06 -0.33
C CYS A 44 7.06 -2.55 1.10
N ASN A 45 5.81 -2.62 1.56
CA ASN A 45 5.47 -2.16 2.91
C ASN A 45 5.97 -0.73 3.15
N ALA A 46 6.14 0.01 2.06
CA ALA A 46 6.61 1.40 2.12
C ALA A 46 5.48 2.37 1.85
N ALA A 47 4.61 1.98 0.93
CA ALA A 47 3.49 2.80 0.54
C ALA A 47 2.38 2.78 1.60
N ARG A 48 1.69 3.91 1.78
CA ARG A 48 0.61 3.98 2.76
C ARG A 48 -0.73 3.77 2.07
N TYR A 49 -1.39 2.67 2.40
CA TYR A 49 -2.68 2.33 1.82
C TYR A 49 -3.79 2.28 2.87
N CYS A 50 -5.03 2.49 2.45
CA CYS A 50 -6.15 2.47 3.38
C CYS A 50 -7.12 1.33 3.06
N GLY A 51 -7.07 0.81 1.83
CA GLY A 51 -7.97 -0.28 1.46
C GLY A 51 -7.60 -0.99 0.17
N SER A 52 -8.16 -2.18 -0.01
CA SER A 52 -7.92 -3.01 -1.19
C SER A 52 -8.40 -2.35 -2.48
N PHE A 53 -9.59 -1.74 -2.42
CA PHE A 53 -10.15 -1.07 -3.59
C PHE A 53 -9.25 0.07 -4.04
N CYS A 54 -8.68 0.74 -3.06
CA CYS A 54 -7.78 1.85 -3.34
C CYS A 54 -6.56 1.36 -4.09
N GLN A 55 -6.06 0.20 -3.69
CA GLN A 55 -4.88 -0.39 -4.33
C GLN A 55 -5.10 -0.70 -5.80
N HIS A 56 -6.24 -1.29 -6.14
CA HIS A 56 -6.53 -1.63 -7.53
C HIS A 56 -6.60 -0.40 -8.43
N ARG A 57 -7.25 0.66 -7.95
CA ARG A 57 -7.41 1.89 -8.71
C ARG A 57 -6.08 2.58 -9.06
N ASP A 58 -5.12 2.59 -8.13
CA ASP A 58 -3.82 3.23 -8.38
C ASP A 58 -2.67 2.23 -8.52
N TRP A 59 -2.98 0.94 -8.42
CA TRP A 59 -1.94 -0.09 -8.54
C TRP A 59 -1.02 0.10 -9.74
N GLU A 60 -1.56 0.36 -10.92
CA GLU A 60 -0.70 0.53 -12.09
C GLU A 60 0.32 1.64 -11.82
N LYS A 61 -0.09 2.60 -11.01
CA LYS A 61 0.77 3.73 -10.65
C LYS A 61 1.69 3.40 -9.46
N HIS A 62 1.38 2.33 -8.72
CA HIS A 62 2.16 1.97 -7.56
C HIS A 62 3.34 1.04 -7.90
N HIS A 63 3.16 0.19 -8.89
CA HIS A 63 4.22 -0.74 -9.29
C HIS A 63 5.56 -0.01 -9.54
N HIS A 64 5.50 1.28 -9.81
CA HIS A 64 6.71 2.07 -10.05
C HIS A 64 7.55 2.23 -8.78
N VAL A 65 6.92 2.01 -7.63
CA VAL A 65 7.61 2.12 -6.34
C VAL A 65 7.59 0.82 -5.53
N CYS A 66 6.78 -0.15 -5.97
CA CYS A 66 6.69 -1.43 -5.27
C CYS A 66 7.89 -2.30 -5.59
N GLY A 67 8.29 -3.15 -4.63
CA GLY A 67 9.42 -4.01 -4.82
C GLY A 67 10.72 -3.39 -4.32
N GLN A 68 10.69 -2.08 -4.06
CA GLN A 68 11.87 -1.36 -3.57
C GLN A 68 13.12 -1.74 -4.36
N SER A 69 13.17 -1.35 -5.63
CA SER A 69 14.32 -1.66 -6.49
C SER A 69 14.49 -3.17 -6.64
N LEU A 70 14.44 -3.66 -7.87
CA LEU A 70 14.61 -5.09 -8.13
C LEU A 70 16.06 -5.50 -8.01
N GLN A 71 16.41 -6.09 -6.87
CA GLN A 71 17.78 -6.54 -6.61
C GLN A 71 18.78 -5.43 -6.91
ZN ZN B . -7.64 5.09 0.24
ZN ZN C . 3.67 -1.90 -2.67
N GLY A 1 6.71 -17.80 -23.00
CA GLY A 1 6.57 -16.36 -22.68
C GLY A 1 7.19 -15.99 -21.34
N SER A 2 8.36 -15.38 -21.38
CA SER A 2 9.04 -14.98 -20.16
C SER A 2 8.21 -13.98 -19.36
N ALA A 3 7.60 -13.04 -20.06
CA ALA A 3 6.76 -12.02 -19.41
C ALA A 3 5.36 -12.54 -19.18
N SER A 4 4.77 -12.18 -18.05
CA SER A 4 3.42 -12.62 -17.71
C SER A 4 2.42 -11.47 -17.90
N SER A 5 1.40 -11.71 -18.72
CA SER A 5 0.38 -10.70 -18.96
C SER A 5 -0.42 -10.41 -17.70
N GLN A 6 -0.84 -9.15 -17.56
CA GLN A 6 -1.61 -8.73 -16.40
C GLN A 6 -0.77 -8.73 -15.13
N VAL A 7 -0.23 -7.58 -14.78
CA VAL A 7 0.59 -7.45 -13.59
C VAL A 7 -0.25 -7.64 -12.34
N VAL A 8 0.26 -8.41 -11.37
CA VAL A 8 -0.47 -8.67 -10.13
C VAL A 8 0.15 -7.93 -8.95
N MET A 9 -0.70 -7.27 -8.17
CA MET A 9 -0.26 -6.52 -7.02
C MET A 9 -0.27 -7.37 -5.75
N PRO A 10 0.52 -6.98 -4.73
CA PRO A 10 0.61 -7.69 -3.46
C PRO A 10 -0.57 -7.43 -2.51
N PRO A 11 -0.77 -8.33 -1.53
CA PRO A 11 -1.86 -8.22 -0.55
C PRO A 11 -1.57 -7.16 0.51
N LEU A 12 -2.63 -6.64 1.12
CA LEU A 12 -2.49 -5.62 2.16
C LEU A 12 -2.24 -6.26 3.52
N VAL A 13 -1.59 -5.49 4.41
CA VAL A 13 -1.26 -5.96 5.74
C VAL A 13 -1.70 -4.93 6.79
N ARG A 14 -2.04 -5.41 7.99
CA ARG A 14 -2.48 -4.53 9.06
C ARG A 14 -1.34 -3.63 9.52
N GLY A 15 -1.62 -2.34 9.63
CA GLY A 15 -0.61 -1.39 10.06
C GLY A 15 -0.87 -0.86 11.45
N ALA A 16 -0.83 0.46 11.60
CA ALA A 16 -1.05 1.09 12.89
C ALA A 16 -2.35 1.91 12.89
N GLN A 17 -3.34 1.42 13.63
CA GLN A 17 -4.63 2.09 13.72
C GLN A 17 -4.90 2.56 15.15
N GLN A 18 -6.16 2.78 15.49
CA GLN A 18 -6.53 3.23 16.83
C GLN A 18 -5.98 2.26 17.88
N LYS A 19 -5.82 2.76 19.11
CA LYS A 19 -5.29 1.95 20.20
C LYS A 19 -3.86 1.50 19.91
N ASN A 20 -3.24 0.86 20.89
CA ASN A 20 -1.87 0.38 20.74
C ASN A 20 -0.96 1.48 20.19
N GLY A 21 -1.11 2.69 20.74
CA GLY A 21 -0.31 3.80 20.29
C GLY A 21 0.79 4.18 21.27
N ARG A 22 1.53 3.19 21.75
CA ARG A 22 2.60 3.44 22.71
C ARG A 22 3.95 3.43 21.99
N GLY A 23 4.19 4.46 21.17
CA GLY A 23 5.43 4.57 20.45
C GLY A 23 5.48 5.78 19.54
N SER A 24 6.39 5.77 18.58
CA SER A 24 6.55 6.88 17.64
C SER A 24 5.41 6.90 16.61
N ASP A 25 4.63 5.82 16.56
CA ASP A 25 3.51 5.71 15.61
C ASP A 25 4.02 5.41 14.21
N SER A 26 3.22 5.77 13.20
CA SER A 26 3.60 5.52 11.81
C SER A 26 2.88 6.49 10.88
N SER A 27 3.38 6.61 9.65
CA SER A 27 2.78 7.51 8.67
C SER A 27 1.72 6.77 7.85
N GLU A 28 0.67 7.49 7.45
CA GLU A 28 -0.39 6.90 6.66
C GLU A 28 -0.51 7.58 5.28
N SER A 29 -1.75 7.84 4.83
CA SER A 29 -1.97 8.49 3.52
C SER A 29 -1.66 7.54 2.37
N CYS A 30 -2.64 7.33 1.50
CA CYS A 30 -2.47 6.44 0.34
C CYS A 30 -2.07 7.22 -0.90
N TRP A 31 -1.53 6.50 -1.86
CA TRP A 31 -1.10 7.11 -3.10
C TRP A 31 -2.30 7.48 -3.96
N ASN A 32 -3.44 6.82 -3.72
CA ASN A 32 -4.66 7.07 -4.47
C ASN A 32 -5.51 8.17 -3.84
N CYS A 33 -6.30 7.80 -2.83
CA CYS A 33 -7.17 8.75 -2.15
C CYS A 33 -6.40 9.70 -1.22
N GLY A 34 -5.42 9.18 -0.50
CA GLY A 34 -4.63 10.01 0.39
C GLY A 34 -5.21 10.12 1.79
N ARG A 35 -6.51 9.92 1.91
CA ARG A 35 -7.20 10.00 3.20
C ARG A 35 -6.81 8.83 4.10
N LYS A 36 -6.41 9.16 5.35
CA LYS A 36 -6.01 8.21 6.41
C LYS A 36 -6.20 6.74 6.05
N ALA A 37 -5.16 5.95 6.29
CA ALA A 37 -5.20 4.51 5.98
C ALA A 37 -4.81 3.66 7.18
N SER A 38 -5.52 2.54 7.36
CA SER A 38 -5.26 1.62 8.46
C SER A 38 -4.56 0.35 7.98
N GLU A 39 -4.14 0.34 6.71
CA GLU A 39 -3.46 -0.82 6.13
C GLU A 39 -2.25 -0.36 5.32
N THR A 40 -1.26 -1.23 5.15
CA THR A 40 -0.07 -0.88 4.38
C THR A 40 0.26 -1.95 3.35
N CYS A 41 0.95 -1.56 2.27
CA CYS A 41 1.32 -2.49 1.22
C CYS A 41 2.44 -3.42 1.68
N SER A 42 2.21 -4.72 1.62
CA SER A 42 3.23 -5.69 2.03
C SER A 42 4.37 -5.75 1.02
N GLY A 43 4.09 -5.34 -0.22
CA GLY A 43 5.10 -5.37 -1.26
C GLY A 43 6.28 -4.45 -1.00
N CYS A 44 6.01 -3.24 -0.49
CA CYS A 44 7.08 -2.29 -0.22
C CYS A 44 7.04 -1.78 1.23
N ASN A 45 5.86 -1.77 1.83
CA ASN A 45 5.68 -1.31 3.21
C ASN A 45 5.58 0.22 3.31
N ALA A 46 6.27 0.93 2.42
CA ALA A 46 6.25 2.39 2.44
C ALA A 46 4.85 2.90 2.13
N ALA A 47 4.21 2.22 1.20
CA ALA A 47 2.85 2.57 0.78
C ALA A 47 1.84 2.27 1.89
N ARG A 48 0.96 3.23 2.15
CA ARG A 48 -0.06 3.06 3.18
C ARG A 48 -1.43 3.10 2.52
N TYR A 49 -2.17 1.99 2.52
CA TYR A 49 -3.48 1.95 1.88
C TYR A 49 -4.61 1.85 2.90
N CYS A 50 -5.76 2.46 2.58
CA CYS A 50 -6.90 2.44 3.48
C CYS A 50 -7.90 1.36 3.12
N GLY A 51 -7.82 0.79 1.92
CA GLY A 51 -8.77 -0.24 1.54
C GLY A 51 -8.44 -0.95 0.23
N SER A 52 -9.14 -2.06 0.02
CA SER A 52 -8.98 -2.86 -1.19
C SER A 52 -9.33 -2.08 -2.46
N PHE A 53 -10.35 -1.25 -2.37
CA PHE A 53 -10.76 -0.44 -3.52
C PHE A 53 -9.71 0.62 -3.82
N CYS A 54 -9.06 1.09 -2.76
CA CYS A 54 -8.04 2.12 -2.88
C CYS A 54 -6.76 1.58 -3.53
N GLN A 55 -6.29 0.41 -3.07
CA GLN A 55 -5.07 -0.18 -3.63
C GLN A 55 -5.19 -0.49 -5.13
N HIS A 56 -6.38 -0.86 -5.57
CA HIS A 56 -6.59 -1.17 -6.99
C HIS A 56 -6.50 0.08 -7.87
N ARG A 57 -7.04 1.18 -7.38
CA ARG A 57 -7.04 2.44 -8.13
C ARG A 57 -5.63 2.96 -8.40
N ASP A 58 -4.74 2.82 -7.42
CA ASP A 58 -3.36 3.28 -7.57
C ASP A 58 -2.41 2.17 -7.99
N TRP A 59 -2.90 0.93 -8.01
CA TRP A 59 -2.07 -0.20 -8.38
C TRP A 59 -1.33 0.00 -9.71
N GLU A 60 -2.02 0.38 -10.77
CA GLU A 60 -1.34 0.57 -12.06
C GLU A 60 -0.18 1.55 -11.90
N LYS A 61 -0.42 2.56 -11.09
CA LYS A 61 0.56 3.60 -10.81
C LYS A 61 1.50 3.21 -9.67
N HIS A 62 1.27 2.06 -9.03
CA HIS A 62 2.11 1.65 -7.90
C HIS A 62 3.32 0.83 -8.32
N HIS A 63 3.13 -0.08 -9.27
CA HIS A 63 4.20 -0.94 -9.76
C HIS A 63 5.48 -0.18 -10.16
N HIS A 64 5.38 1.12 -10.39
CA HIS A 64 6.54 1.91 -10.78
C HIS A 64 7.50 2.14 -9.60
N VAL A 65 6.97 2.12 -8.38
CA VAL A 65 7.78 2.34 -7.19
C VAL A 65 7.83 1.14 -6.24
N CYS A 66 6.81 0.28 -6.30
CA CYS A 66 6.78 -0.89 -5.41
C CYS A 66 8.04 -1.73 -5.60
N GLY A 67 8.44 -2.42 -4.53
CA GLY A 67 9.63 -3.24 -4.58
C GLY A 67 10.82 -2.57 -3.93
N GLN A 68 10.73 -1.26 -3.72
CA GLN A 68 11.81 -0.51 -3.09
C GLN A 68 11.59 -0.42 -1.59
N SER A 69 12.60 -0.84 -0.82
CA SER A 69 12.51 -0.81 0.63
C SER A 69 13.89 -0.98 1.26
N LEU A 70 14.72 0.07 1.15
CA LEU A 70 16.06 0.03 1.71
C LEU A 70 16.27 1.17 2.71
N GLN A 71 16.84 0.84 3.86
CA GLN A 71 17.10 1.85 4.90
C GLN A 71 15.83 2.63 5.21
ZN ZN B . -7.04 5.38 0.53
ZN ZN C . 3.89 -1.44 -2.65
N GLY A 1 -1.45 -13.23 -26.56
CA GLY A 1 -2.25 -14.12 -25.67
C GLY A 1 -1.39 -15.14 -24.95
N SER A 2 -0.45 -14.65 -24.15
CA SER A 2 0.44 -15.53 -23.41
C SER A 2 -0.30 -16.25 -22.29
N ALA A 3 0.26 -17.35 -21.82
CA ALA A 3 -0.35 -18.13 -20.75
C ALA A 3 0.01 -17.58 -19.37
N SER A 4 0.95 -16.65 -19.33
CA SER A 4 1.37 -16.04 -18.07
C SER A 4 1.59 -14.54 -18.25
N SER A 5 2.54 -13.96 -17.47
CA SER A 5 2.85 -12.53 -17.54
C SER A 5 1.88 -11.72 -16.69
N GLN A 6 1.81 -10.42 -16.95
CA GLN A 6 0.92 -9.52 -16.22
C GLN A 6 1.50 -9.21 -14.84
N VAL A 7 0.94 -8.21 -14.16
CA VAL A 7 1.42 -7.83 -12.84
C VAL A 7 0.26 -7.77 -11.85
N VAL A 8 0.48 -8.32 -10.66
CA VAL A 8 -0.54 -8.32 -9.63
C VAL A 8 -0.10 -7.58 -8.38
N MET A 9 -1.07 -7.00 -7.67
CA MET A 9 -0.77 -6.25 -6.45
C MET A 9 -0.72 -7.17 -5.23
N PRO A 10 0.08 -6.80 -4.22
CA PRO A 10 0.21 -7.59 -2.99
C PRO A 10 -0.95 -7.34 -2.04
N PRO A 11 -1.17 -8.24 -1.07
CA PRO A 11 -2.26 -8.11 -0.10
C PRO A 11 -2.02 -6.97 0.87
N LEU A 12 -3.11 -6.40 1.40
CA LEU A 12 -3.01 -5.30 2.35
C LEU A 12 -2.97 -5.79 3.79
N VAL A 13 -1.82 -5.62 4.42
CA VAL A 13 -1.62 -6.03 5.81
C VAL A 13 -1.88 -4.89 6.78
N ARG A 14 -2.07 -5.23 8.05
CA ARG A 14 -2.31 -4.22 9.08
C ARG A 14 -1.05 -3.42 9.35
N GLY A 15 -1.18 -2.10 9.34
CA GLY A 15 -0.03 -1.23 9.58
C GLY A 15 0.10 -0.80 11.03
N ALA A 16 0.18 -1.77 11.94
CA ALA A 16 0.33 -1.48 13.36
C ALA A 16 -0.78 -0.55 13.86
N GLN A 17 -2.00 -1.07 13.94
CA GLN A 17 -3.13 -0.27 14.40
C GLN A 17 -4.42 -1.11 14.41
N GLN A 18 -4.71 -1.74 13.27
CA GLN A 18 -5.91 -2.56 13.13
C GLN A 18 -7.17 -1.76 13.45
N LYS A 19 -7.53 -0.86 12.54
CA LYS A 19 -8.73 -0.02 12.72
C LYS A 19 -8.62 0.84 13.97
N ASN A 20 -7.42 1.39 14.22
CA ASN A 20 -7.20 2.25 15.38
C ASN A 20 -6.89 3.69 14.96
N GLY A 21 -7.11 4.02 13.69
CA GLY A 21 -6.85 5.36 13.21
C GLY A 21 -7.99 6.30 13.52
N ARG A 22 -7.89 7.02 14.64
CA ARG A 22 -8.92 7.97 15.04
C ARG A 22 -8.43 9.40 14.88
N GLY A 23 -7.17 9.63 15.25
CA GLY A 23 -6.58 10.95 15.15
C GLY A 23 -5.46 11.00 14.14
N SER A 24 -5.28 12.15 13.50
CA SER A 24 -4.23 12.30 12.50
C SER A 24 -2.93 12.83 13.13
N ASP A 25 -2.67 14.13 13.02
CA ASP A 25 -1.46 14.73 13.57
C ASP A 25 -0.23 13.89 13.24
N SER A 26 -0.25 13.27 12.07
CA SER A 26 0.86 12.43 11.63
C SER A 26 0.84 12.23 10.11
N SER A 27 1.86 11.56 9.60
CA SER A 27 1.97 11.31 8.17
C SER A 27 1.50 9.89 7.84
N GLU A 28 0.21 9.74 7.58
CA GLU A 28 -0.36 8.44 7.25
C GLU A 28 -1.44 8.58 6.18
N SER A 29 -1.03 8.58 4.93
CA SER A 29 -1.96 8.72 3.80
C SER A 29 -1.60 7.77 2.67
N CYS A 30 -2.56 7.54 1.77
CA CYS A 30 -2.35 6.65 0.64
C CYS A 30 -1.77 7.42 -0.53
N TRP A 31 -1.16 6.68 -1.44
CA TRP A 31 -0.59 7.31 -2.61
C TRP A 31 -1.71 7.69 -3.58
N ASN A 32 -2.84 7.00 -3.45
CA ASN A 32 -4.00 7.22 -4.31
C ASN A 32 -4.98 8.28 -3.77
N CYS A 33 -5.85 7.87 -2.85
CA CYS A 33 -6.85 8.77 -2.28
C CYS A 33 -6.27 9.76 -1.26
N GLY A 34 -5.34 9.31 -0.41
CA GLY A 34 -4.74 10.18 0.58
C GLY A 34 -5.43 10.12 1.93
N ARG A 35 -6.68 9.68 1.94
CA ARG A 35 -7.47 9.56 3.16
C ARG A 35 -6.68 8.83 4.26
N LYS A 36 -7.28 8.77 5.44
CA LYS A 36 -6.65 8.12 6.59
C LYS A 36 -6.20 6.70 6.25
N ALA A 37 -4.95 6.39 6.57
CA ALA A 37 -4.38 5.07 6.30
C ALA A 37 -4.99 4.02 7.23
N SER A 38 -4.44 2.80 7.18
CA SER A 38 -4.90 1.69 8.01
C SER A 38 -4.23 0.36 7.63
N GLU A 39 -3.74 0.27 6.39
CA GLU A 39 -3.07 -0.94 5.91
C GLU A 39 -1.83 -0.56 5.10
N THR A 40 -0.91 -1.49 4.93
CA THR A 40 0.31 -1.22 4.17
C THR A 40 0.52 -2.27 3.08
N CYS A 41 1.08 -1.86 1.93
CA CYS A 41 1.33 -2.78 0.83
C CYS A 41 2.38 -3.80 1.26
N SER A 42 2.07 -5.08 1.17
CA SER A 42 3.04 -6.11 1.57
C SER A 42 4.25 -6.14 0.63
N GLY A 43 4.05 -5.70 -0.60
CA GLY A 43 5.13 -5.69 -1.58
C GLY A 43 6.33 -4.83 -1.19
N CYS A 44 6.07 -3.64 -0.65
CA CYS A 44 7.15 -2.73 -0.26
C CYS A 44 7.06 -2.30 1.21
N ASN A 45 5.90 -2.48 1.80
CA ASN A 45 5.68 -2.12 3.20
C ASN A 45 5.91 -0.62 3.39
N ALA A 46 5.86 0.13 2.29
CA ALA A 46 6.06 1.57 2.31
C ALA A 46 4.76 2.31 2.02
N ALA A 47 4.02 1.77 1.06
CA ALA A 47 2.74 2.34 0.66
C ALA A 47 1.65 2.04 1.69
N ARG A 48 1.09 3.08 2.31
CA ARG A 48 0.03 2.87 3.28
C ARG A 48 -1.32 3.05 2.62
N TYR A 49 -2.08 1.96 2.51
CA TYR A 49 -3.40 2.02 1.86
C TYR A 49 -4.53 1.90 2.86
N CYS A 50 -5.69 2.44 2.49
CA CYS A 50 -6.87 2.41 3.34
C CYS A 50 -7.85 1.30 2.95
N GLY A 51 -7.73 0.75 1.74
CA GLY A 51 -8.65 -0.30 1.34
C GLY A 51 -8.31 -0.98 0.02
N SER A 52 -9.05 -2.05 -0.27
CA SER A 52 -8.87 -2.84 -1.48
C SER A 52 -9.17 -2.02 -2.74
N PHE A 53 -10.18 -1.17 -2.68
CA PHE A 53 -10.53 -0.34 -3.84
C PHE A 53 -9.42 0.66 -4.13
N CYS A 54 -8.86 1.18 -3.05
CA CYS A 54 -7.80 2.16 -3.12
C CYS A 54 -6.54 1.56 -3.75
N GLN A 55 -6.16 0.36 -3.31
CA GLN A 55 -4.97 -0.30 -3.83
C GLN A 55 -5.10 -0.68 -5.31
N HIS A 56 -6.23 -1.24 -5.70
CA HIS A 56 -6.45 -1.64 -7.09
C HIS A 56 -6.52 -0.43 -8.02
N ARG A 57 -7.21 0.60 -7.56
CA ARG A 57 -7.38 1.83 -8.32
C ARG A 57 -6.05 2.49 -8.68
N ASP A 58 -5.05 2.33 -7.81
CA ASP A 58 -3.73 2.93 -8.07
C ASP A 58 -2.63 1.89 -8.26
N TRP A 59 -2.96 0.61 -8.10
CA TRP A 59 -1.97 -0.44 -8.27
C TRP A 59 -1.19 -0.34 -9.57
N GLU A 60 -1.86 -0.07 -10.68
CA GLU A 60 -1.16 0.04 -11.96
C GLU A 60 -0.08 1.11 -11.87
N LYS A 61 -0.41 2.18 -11.18
CA LYS A 61 0.52 3.29 -10.98
C LYS A 61 1.48 3.02 -9.81
N HIS A 62 1.23 1.96 -9.03
CA HIS A 62 2.07 1.66 -7.89
C HIS A 62 3.25 0.77 -8.28
N HIS A 63 3.00 -0.17 -9.19
CA HIS A 63 4.03 -1.11 -9.64
C HIS A 63 5.27 -0.40 -10.20
N HIS A 64 5.16 0.87 -10.53
CA HIS A 64 6.30 1.61 -11.06
C HIS A 64 7.16 2.22 -9.95
N VAL A 65 6.60 2.30 -8.75
CA VAL A 65 7.31 2.87 -7.60
C VAL A 65 7.42 1.90 -6.43
N CYS A 66 6.65 0.80 -6.47
CA CYS A 66 6.68 -0.19 -5.40
C CYS A 66 8.12 -0.60 -5.10
N GLY A 67 8.44 -0.55 -3.82
CA GLY A 67 9.77 -0.91 -3.36
C GLY A 67 10.63 0.31 -3.05
N GLN A 68 10.26 1.46 -3.61
CA GLN A 68 11.02 2.69 -3.37
C GLN A 68 10.61 3.33 -2.04
N SER A 69 11.44 3.16 -1.03
CA SER A 69 11.16 3.72 0.29
C SER A 69 12.46 4.10 1.00
N LEU A 70 13.39 3.16 1.07
CA LEU A 70 14.67 3.40 1.73
C LEU A 70 14.47 3.66 3.21
N GLN A 71 15.52 3.43 4.00
CA GLN A 71 15.45 3.64 5.44
C GLN A 71 15.97 5.02 5.82
ZN ZN B . -6.91 5.36 0.35
ZN ZN C . 4.17 -1.50 -2.78
N GLY A 1 11.89 -1.51 -20.49
CA GLY A 1 10.41 -1.59 -20.39
C GLY A 1 9.89 -3.01 -20.52
N SER A 2 8.65 -3.23 -20.07
CA SER A 2 8.04 -4.55 -20.13
C SER A 2 6.53 -4.44 -20.33
N ALA A 3 5.96 -5.36 -21.10
CA ALA A 3 4.53 -5.36 -21.36
C ALA A 3 3.75 -5.54 -20.06
N SER A 4 4.23 -6.42 -19.19
CA SER A 4 3.57 -6.67 -17.92
C SER A 4 2.12 -7.08 -18.14
N SER A 5 1.93 -8.19 -18.88
CA SER A 5 0.59 -8.68 -19.17
C SER A 5 -0.15 -9.04 -17.88
N GLN A 6 0.54 -9.73 -16.97
CA GLN A 6 -0.06 -10.13 -15.70
C GLN A 6 0.61 -9.44 -14.52
N VAL A 7 -0.01 -8.38 -14.02
CA VAL A 7 0.52 -7.63 -12.88
C VAL A 7 -0.53 -7.58 -11.78
N VAL A 8 -0.15 -8.00 -10.57
CA VAL A 8 -1.08 -8.00 -9.44
C VAL A 8 -0.54 -7.24 -8.24
N MET A 9 -1.46 -6.60 -7.50
CA MET A 9 -1.11 -5.84 -6.32
C MET A 9 -0.68 -6.74 -5.16
N PRO A 10 0.24 -6.26 -4.29
CA PRO A 10 0.71 -7.05 -3.14
C PRO A 10 -0.34 -7.11 -2.03
N PRO A 11 -0.33 -8.17 -1.20
CA PRO A 11 -1.31 -8.31 -0.11
C PRO A 11 -1.21 -7.16 0.90
N LEU A 12 -2.37 -6.69 1.37
CA LEU A 12 -2.43 -5.61 2.34
C LEU A 12 -2.17 -6.16 3.72
N VAL A 13 -1.67 -5.32 4.60
CA VAL A 13 -1.37 -5.75 5.95
C VAL A 13 -2.08 -4.88 6.98
N ARG A 14 -2.62 -5.53 8.02
CA ARG A 14 -3.35 -4.84 9.09
C ARG A 14 -4.82 -4.60 8.70
N GLY A 15 -5.41 -3.48 9.14
CA GLY A 15 -6.79 -3.18 8.81
C GLY A 15 -7.59 -2.80 10.04
N ALA A 16 -7.10 -3.19 11.21
CA ALA A 16 -7.78 -2.87 12.46
C ALA A 16 -7.66 -1.38 12.76
N GLN A 17 -7.77 -1.02 14.04
CA GLN A 17 -7.67 0.38 14.43
C GLN A 17 -6.81 0.52 15.68
N GLN A 18 -6.10 1.65 15.78
CA GLN A 18 -5.23 1.93 16.90
C GLN A 18 -5.37 3.39 17.33
N LYS A 19 -4.56 3.82 18.29
CA LYS A 19 -4.62 5.19 18.75
C LYS A 19 -4.38 6.15 17.59
N ASN A 20 -3.32 5.88 16.82
CA ASN A 20 -2.98 6.72 15.67
C ASN A 20 -2.97 8.20 16.03
N GLY A 21 -2.33 8.55 17.14
CA GLY A 21 -2.28 9.94 17.54
C GLY A 21 -1.75 10.84 16.45
N ARG A 22 -2.45 11.94 16.21
CA ARG A 22 -2.05 12.89 15.18
C ARG A 22 -0.60 13.33 15.34
N GLY A 23 -0.13 13.42 16.58
CA GLY A 23 1.24 13.82 16.81
C GLY A 23 1.55 15.19 16.22
N SER A 24 2.64 15.28 15.48
CA SER A 24 3.04 16.55 14.87
C SER A 24 2.41 16.72 13.49
N ASP A 25 3.01 16.10 12.48
CA ASP A 25 2.49 16.19 11.12
C ASP A 25 1.74 14.92 10.72
N SER A 26 2.20 13.78 11.24
CA SER A 26 1.57 12.50 10.94
C SER A 26 1.83 12.07 9.51
N SER A 27 2.00 10.76 9.30
CA SER A 27 2.26 10.23 7.96
C SER A 27 1.47 8.94 7.73
N GLU A 28 0.15 9.07 7.66
CA GLU A 28 -0.72 7.93 7.44
C GLU A 28 -1.68 8.18 6.27
N SER A 29 -1.13 8.28 5.07
CA SER A 29 -1.94 8.53 3.87
C SER A 29 -1.54 7.60 2.73
N CYS A 30 -2.48 7.33 1.82
CA CYS A 30 -2.21 6.46 0.68
C CYS A 30 -1.76 7.28 -0.51
N TRP A 31 -1.10 6.61 -1.44
CA TRP A 31 -0.60 7.26 -2.64
C TRP A 31 -1.77 7.63 -3.56
N ASN A 32 -2.90 6.94 -3.39
CA ASN A 32 -4.09 7.17 -4.19
C ASN A 32 -4.99 8.25 -3.60
N CYS A 33 -5.86 7.84 -2.68
CA CYS A 33 -6.80 8.76 -2.04
C CYS A 33 -6.11 9.65 -0.99
N GLY A 34 -5.17 9.08 -0.25
CA GLY A 34 -4.46 9.85 0.77
C GLY A 34 -5.17 9.86 2.12
N ARG A 35 -6.50 9.75 2.10
CA ARG A 35 -7.28 9.75 3.32
C ARG A 35 -6.89 8.58 4.24
N LYS A 36 -6.61 8.92 5.51
CA LYS A 36 -6.20 7.97 6.59
C LYS A 36 -6.33 6.50 6.17
N ALA A 37 -5.27 5.74 6.43
CA ALA A 37 -5.24 4.33 6.07
C ALA A 37 -4.86 3.44 7.25
N SER A 38 -5.58 2.33 7.39
CA SER A 38 -5.32 1.38 8.47
C SER A 38 -4.57 0.14 7.96
N GLU A 39 -4.14 0.18 6.70
CA GLU A 39 -3.41 -0.94 6.10
C GLU A 39 -2.14 -0.46 5.41
N THR A 40 -1.09 -1.28 5.47
CA THR A 40 0.18 -0.95 4.85
C THR A 40 0.56 -1.94 3.74
N CYS A 41 1.05 -1.42 2.62
CA CYS A 41 1.44 -2.26 1.49
C CYS A 41 2.60 -3.17 1.87
N SER A 42 2.43 -4.48 1.72
CA SER A 42 3.49 -5.41 2.06
C SER A 42 4.63 -5.36 1.04
N GLY A 43 4.32 -4.91 -0.17
CA GLY A 43 5.31 -4.82 -1.22
C GLY A 43 6.45 -3.86 -0.94
N CYS A 44 6.14 -2.69 -0.37
CA CYS A 44 7.16 -1.69 -0.07
C CYS A 44 7.08 -1.19 1.37
N ASN A 45 5.87 -1.23 1.95
CA ASN A 45 5.65 -0.78 3.34
C ASN A 45 5.42 0.74 3.40
N ALA A 46 6.08 1.50 2.53
CA ALA A 46 5.95 2.95 2.51
C ALA A 46 4.53 3.35 2.12
N ALA A 47 3.99 2.61 1.15
CA ALA A 47 2.64 2.85 0.65
C ALA A 47 1.58 2.39 1.63
N ARG A 48 0.98 3.32 2.38
CA ARG A 48 -0.05 2.97 3.34
C ARG A 48 -1.42 3.03 2.67
N TYR A 49 -2.09 1.88 2.53
CA TYR A 49 -3.40 1.84 1.88
C TYR A 49 -4.55 1.70 2.87
N CYS A 50 -5.68 2.32 2.55
CA CYS A 50 -6.85 2.28 3.41
C CYS A 50 -7.87 1.23 2.97
N GLY A 51 -7.79 0.78 1.71
CA GLY A 51 -8.74 -0.22 1.25
C GLY A 51 -8.38 -0.88 -0.07
N SER A 52 -9.09 -1.97 -0.34
CA SER A 52 -8.90 -2.74 -1.57
C SER A 52 -9.15 -1.90 -2.82
N PHE A 53 -10.19 -1.08 -2.79
CA PHE A 53 -10.52 -0.24 -3.93
C PHE A 53 -9.43 0.80 -4.14
N CYS A 54 -8.94 1.32 -3.04
CA CYS A 54 -7.88 2.32 -3.07
C CYS A 54 -6.62 1.73 -3.68
N GLN A 55 -6.25 0.53 -3.21
CA GLN A 55 -5.07 -0.18 -3.69
C GLN A 55 -5.16 -0.51 -5.18
N HIS A 56 -6.29 -1.06 -5.60
CA HIS A 56 -6.51 -1.42 -7.00
C HIS A 56 -6.45 -0.20 -7.92
N ARG A 57 -7.09 0.87 -7.45
CA ARG A 57 -7.16 2.13 -8.19
C ARG A 57 -5.78 2.69 -8.55
N ASP A 58 -4.81 2.51 -7.66
CA ASP A 58 -3.45 3.03 -7.91
C ASP A 58 -2.44 1.89 -8.12
N TRP A 59 -2.90 0.65 -8.03
CA TRP A 59 -2.02 -0.48 -8.21
C TRP A 59 -1.19 -0.41 -9.50
N GLU A 60 -1.81 -0.14 -10.64
CA GLU A 60 -1.06 -0.06 -11.90
C GLU A 60 0.03 1.01 -11.79
N LYS A 61 -0.32 2.11 -11.18
CA LYS A 61 0.62 3.20 -10.99
C LYS A 61 1.55 2.93 -9.81
N HIS A 62 1.30 1.84 -9.06
CA HIS A 62 2.12 1.53 -7.91
C HIS A 62 3.33 0.66 -8.25
N HIS A 63 3.13 -0.35 -9.10
CA HIS A 63 4.23 -1.25 -9.47
C HIS A 63 5.41 -0.52 -10.10
N HIS A 64 5.19 0.71 -10.54
CA HIS A 64 6.26 1.47 -11.15
C HIS A 64 7.27 1.92 -10.09
N VAL A 65 6.84 1.93 -8.83
CA VAL A 65 7.70 2.33 -7.72
C VAL A 65 7.85 1.22 -6.66
N CYS A 66 6.89 0.31 -6.60
CA CYS A 66 6.91 -0.77 -5.62
C CYS A 66 7.81 -1.92 -6.08
N GLY A 67 8.98 -2.04 -5.44
CA GLY A 67 9.91 -3.10 -5.79
C GLY A 67 10.96 -2.63 -6.78
N GLN A 68 10.67 -1.53 -7.47
CA GLN A 68 11.60 -0.97 -8.45
C GLN A 68 11.91 0.49 -8.11
N SER A 69 12.37 0.72 -6.89
CA SER A 69 12.71 2.06 -6.44
C SER A 69 13.84 2.03 -5.42
N LEU A 70 14.57 3.14 -5.31
CA LEU A 70 15.69 3.24 -4.37
C LEU A 70 16.79 2.25 -4.73
N GLN A 71 17.52 2.55 -5.81
CA GLN A 71 18.61 1.68 -6.25
C GLN A 71 19.76 1.69 -5.26
ZN ZN B . -6.81 5.34 0.55
ZN ZN C . 3.96 -0.99 -2.41
N GLY A 1 -6.09 -20.59 -8.79
CA GLY A 1 -5.73 -19.89 -7.51
C GLY A 1 -4.79 -18.73 -7.75
N SER A 2 -3.53 -19.03 -8.03
CA SER A 2 -2.53 -18.00 -8.27
C SER A 2 -1.85 -18.21 -9.62
N ALA A 3 -1.44 -17.12 -10.26
CA ALA A 3 -0.77 -17.20 -11.55
C ALA A 3 0.53 -16.41 -11.55
N SER A 4 1.55 -16.97 -12.20
CA SER A 4 2.85 -16.31 -12.28
C SER A 4 2.77 -15.09 -13.18
N SER A 5 3.75 -14.19 -13.04
CA SER A 5 3.79 -12.98 -13.85
C SER A 5 2.44 -12.25 -13.78
N GLN A 6 2.18 -11.42 -14.80
CA GLN A 6 0.94 -10.65 -14.89
C GLN A 6 1.05 -9.35 -14.09
N VAL A 7 0.09 -8.46 -14.28
CA VAL A 7 0.08 -7.18 -13.58
C VAL A 7 -0.91 -7.18 -12.42
N VAL A 8 -0.47 -7.66 -11.26
CA VAL A 8 -1.31 -7.72 -10.07
C VAL A 8 -0.66 -7.07 -8.85
N MET A 9 -1.50 -6.54 -7.96
CA MET A 9 -1.03 -5.89 -6.75
C MET A 9 -0.84 -6.89 -5.60
N PRO A 10 0.08 -6.59 -4.66
CA PRO A 10 0.36 -7.46 -3.51
C PRO A 10 -0.69 -7.33 -2.40
N PRO A 11 -0.85 -8.37 -1.55
CA PRO A 11 -1.83 -8.36 -0.45
C PRO A 11 -1.54 -7.25 0.56
N LEU A 12 -2.60 -6.71 1.16
CA LEU A 12 -2.46 -5.64 2.15
C LEU A 12 -2.35 -6.23 3.56
N VAL A 13 -1.83 -5.44 4.49
CA VAL A 13 -1.67 -5.89 5.86
C VAL A 13 -2.12 -4.82 6.85
N ARG A 14 -2.41 -5.22 8.08
CA ARG A 14 -2.85 -4.30 9.10
C ARG A 14 -1.72 -3.33 9.45
N GLY A 15 -2.03 -2.04 9.46
CA GLY A 15 -1.02 -1.04 9.77
C GLY A 15 -0.35 -1.28 11.10
N ALA A 16 0.96 -1.11 11.12
CA ALA A 16 1.75 -1.29 12.34
C ALA A 16 2.21 0.04 12.91
N GLN A 17 2.75 0.01 14.12
CA GLN A 17 3.23 1.22 14.77
C GLN A 17 4.05 0.86 16.00
N GLN A 18 5.37 0.97 15.89
CA GLN A 18 6.26 0.65 17.00
C GLN A 18 7.65 1.24 16.78
N LYS A 19 8.26 0.87 15.65
CA LYS A 19 9.60 1.35 15.33
C LYS A 19 10.02 0.88 13.93
N ASN A 20 9.24 1.26 12.92
CA ASN A 20 9.53 0.87 11.54
C ASN A 20 8.90 1.83 10.55
N GLY A 21 9.26 3.11 10.66
CA GLY A 21 8.72 4.10 9.74
C GLY A 21 9.79 5.01 9.20
N ARG A 22 9.79 5.21 7.88
CA ARG A 22 10.78 6.07 7.24
C ARG A 22 10.12 7.35 6.71
N GLY A 23 9.12 7.84 7.45
CA GLY A 23 8.43 9.04 7.04
C GLY A 23 9.04 10.29 7.65
N SER A 24 8.55 11.45 7.24
CA SER A 24 9.06 12.71 7.77
C SER A 24 8.83 12.80 9.27
N ASP A 25 7.69 12.31 9.72
CA ASP A 25 7.35 12.34 11.14
C ASP A 25 6.06 11.57 11.42
N SER A 26 6.14 10.24 11.37
CA SER A 26 4.97 9.41 11.62
C SER A 26 3.79 9.86 10.76
N SER A 27 3.88 9.62 9.45
CA SER A 27 2.83 10.02 8.53
C SER A 27 2.23 8.80 7.83
N GLU A 28 1.07 9.01 7.20
CA GLU A 28 0.38 7.94 6.50
C GLU A 28 -0.17 8.44 5.15
N SER A 29 -1.47 8.19 4.85
CA SER A 29 -2.09 8.63 3.60
C SER A 29 -1.77 7.67 2.45
N CYS A 30 -2.76 7.41 1.60
CA CYS A 30 -2.58 6.52 0.47
C CYS A 30 -2.18 7.27 -0.79
N TRP A 31 -1.62 6.51 -1.73
CA TRP A 31 -1.17 7.09 -2.98
C TRP A 31 -2.36 7.44 -3.88
N ASN A 32 -3.49 6.75 -3.66
CA ASN A 32 -4.70 6.96 -4.45
C ASN A 32 -5.60 8.05 -3.87
N CYS A 33 -6.36 7.72 -2.83
CA CYS A 33 -7.28 8.66 -2.20
C CYS A 33 -6.59 9.59 -1.21
N GLY A 34 -5.66 9.06 -0.41
CA GLY A 34 -4.95 9.88 0.56
C GLY A 34 -5.65 9.99 1.90
N ARG A 35 -6.97 9.79 1.91
CA ARG A 35 -7.75 9.87 3.14
C ARG A 35 -7.34 8.80 4.13
N LYS A 36 -6.90 9.25 5.32
CA LYS A 36 -6.46 8.40 6.45
C LYS A 36 -6.21 6.92 6.10
N ALA A 37 -4.97 6.49 6.29
CA ALA A 37 -4.58 5.12 5.99
C ALA A 37 -5.20 4.12 6.97
N SER A 38 -4.64 2.91 6.99
CA SER A 38 -5.13 1.84 7.87
C SER A 38 -4.44 0.50 7.59
N GLU A 39 -3.95 0.33 6.36
CA GLU A 39 -3.26 -0.89 5.95
C GLU A 39 -1.97 -0.53 5.22
N THR A 40 -0.96 -1.40 5.32
CA THR A 40 0.31 -1.15 4.66
C THR A 40 0.59 -2.19 3.57
N CYS A 41 1.14 -1.74 2.43
CA CYS A 41 1.44 -2.65 1.34
C CYS A 41 2.57 -3.60 1.72
N SER A 42 2.34 -4.90 1.65
CA SER A 42 3.38 -5.87 1.99
C SER A 42 4.49 -5.89 0.94
N GLY A 43 4.15 -5.47 -0.28
CA GLY A 43 5.12 -5.45 -1.36
C GLY A 43 6.31 -4.53 -1.12
N CYS A 44 6.06 -3.34 -0.57
CA CYS A 44 7.13 -2.39 -0.31
C CYS A 44 7.16 -1.93 1.14
N ASN A 45 6.00 -1.98 1.81
CA ASN A 45 5.86 -1.59 3.22
C ASN A 45 5.74 -0.06 3.38
N ALA A 46 6.38 0.69 2.47
CA ALA A 46 6.35 2.14 2.51
C ALA A 46 4.95 2.67 2.22
N ALA A 47 4.29 2.03 1.25
CA ALA A 47 2.95 2.42 0.85
C ALA A 47 1.92 2.14 1.94
N ARG A 48 1.03 3.10 2.17
CA ARG A 48 -0.02 2.94 3.18
C ARG A 48 -1.38 3.08 2.53
N TYR A 49 -2.14 1.99 2.48
CA TYR A 49 -3.47 2.01 1.86
C TYR A 49 -4.57 1.92 2.89
N CYS A 50 -5.71 2.52 2.60
CA CYS A 50 -6.85 2.50 3.51
C CYS A 50 -7.82 1.38 3.18
N GLY A 51 -7.73 0.85 1.97
CA GLY A 51 -8.62 -0.22 1.58
C GLY A 51 -8.25 -0.92 0.29
N SER A 52 -8.84 -2.09 0.10
CA SER A 52 -8.62 -2.91 -1.08
C SER A 52 -8.98 -2.15 -2.34
N PHE A 53 -10.05 -1.36 -2.27
CA PHE A 53 -10.49 -0.57 -3.43
C PHE A 53 -9.47 0.51 -3.75
N CYS A 54 -8.81 1.01 -2.71
CA CYS A 54 -7.81 2.06 -2.86
C CYS A 54 -6.56 1.53 -3.58
N GLN A 55 -6.07 0.35 -3.16
CA GLN A 55 -4.88 -0.25 -3.77
C GLN A 55 -5.06 -0.51 -5.27
N HIS A 56 -6.27 -0.88 -5.66
CA HIS A 56 -6.56 -1.15 -7.07
C HIS A 56 -6.43 0.10 -7.93
N ARG A 57 -6.97 1.22 -7.44
CA ARG A 57 -6.93 2.48 -8.16
C ARG A 57 -5.51 3.00 -8.42
N ASP A 58 -4.62 2.87 -7.44
CA ASP A 58 -3.24 3.34 -7.59
C ASP A 58 -2.30 2.20 -7.96
N TRP A 59 -2.79 0.97 -7.93
CA TRP A 59 -1.97 -0.18 -8.26
C TRP A 59 -1.21 0.00 -9.57
N GLU A 60 -1.87 0.42 -10.63
CA GLU A 60 -1.17 0.61 -11.90
C GLU A 60 -0.01 1.58 -11.72
N LYS A 61 -0.25 2.58 -10.90
CA LYS A 61 0.75 3.59 -10.60
C LYS A 61 1.69 3.12 -9.48
N HIS A 62 1.42 1.94 -8.93
CA HIS A 62 2.24 1.43 -7.85
C HIS A 62 3.43 0.61 -8.34
N HIS A 63 3.19 -0.26 -9.31
CA HIS A 63 4.25 -1.11 -9.88
C HIS A 63 5.51 -0.33 -10.30
N HIS A 64 5.39 0.98 -10.46
CA HIS A 64 6.53 1.80 -10.85
C HIS A 64 7.40 2.19 -9.65
N VAL A 65 6.84 2.11 -8.43
CA VAL A 65 7.57 2.47 -7.22
C VAL A 65 7.70 1.27 -6.25
N CYS A 66 6.75 0.34 -6.29
CA CYS A 66 6.76 -0.83 -5.41
C CYS A 66 8.00 -1.68 -5.67
N GLY A 67 8.46 -2.36 -4.63
CA GLY A 67 9.65 -3.19 -4.75
C GLY A 67 10.91 -2.37 -4.88
N GLN A 68 10.82 -1.09 -4.51
CA GLN A 68 11.97 -0.19 -4.59
C GLN A 68 11.87 0.88 -3.52
N SER A 69 12.98 1.16 -2.83
CA SER A 69 12.99 2.18 -1.79
C SER A 69 14.04 3.24 -2.10
N LEU A 70 15.18 2.81 -2.63
CA LEU A 70 16.27 3.73 -2.97
C LEU A 70 16.75 3.49 -4.40
N GLN A 71 17.17 2.26 -4.68
CA GLN A 71 17.65 1.91 -6.02
C GLN A 71 18.99 2.58 -6.31
ZN ZN B . -7.18 5.42 0.51
ZN ZN C . 3.90 -1.52 -2.56
N GLY A 1 -6.17 -17.93 -15.60
CA GLY A 1 -5.69 -16.59 -15.14
C GLY A 1 -4.21 -16.39 -15.40
N SER A 2 -3.47 -16.09 -14.33
CA SER A 2 -2.03 -15.88 -14.45
C SER A 2 -1.30 -17.18 -14.74
N ALA A 3 -0.10 -17.07 -15.27
CA ALA A 3 0.71 -18.24 -15.60
C ALA A 3 2.17 -18.05 -15.19
N SER A 4 2.66 -16.83 -15.34
CA SER A 4 4.04 -16.51 -14.98
C SER A 4 4.19 -15.01 -14.72
N SER A 5 4.88 -14.67 -13.63
CA SER A 5 5.09 -13.28 -13.28
C SER A 5 3.76 -12.50 -13.27
N GLN A 6 3.56 -11.60 -14.26
CA GLN A 6 2.32 -10.79 -14.36
C GLN A 6 2.42 -9.56 -13.46
N VAL A 7 1.43 -8.70 -13.57
CA VAL A 7 1.39 -7.47 -12.78
C VAL A 7 0.22 -7.47 -11.80
N VAL A 8 0.49 -7.87 -10.57
CA VAL A 8 -0.53 -7.92 -9.53
C VAL A 8 -0.08 -7.16 -8.29
N MET A 9 -1.04 -6.56 -7.59
CA MET A 9 -0.74 -5.80 -6.38
C MET A 9 -0.44 -6.73 -5.21
N PRO A 10 0.37 -6.27 -4.24
CA PRO A 10 0.73 -7.08 -3.06
C PRO A 10 -0.35 -7.03 -1.97
N PRO A 11 -0.52 -8.11 -1.19
CA PRO A 11 -1.51 -8.17 -0.11
C PRO A 11 -1.28 -7.11 0.97
N LEU A 12 -2.36 -6.60 1.55
CA LEU A 12 -2.27 -5.59 2.60
C LEU A 12 -2.02 -6.22 3.95
N VAL A 13 -1.53 -5.41 4.88
CA VAL A 13 -1.25 -5.86 6.23
C VAL A 13 -1.89 -4.92 7.23
N ARG A 14 -2.20 -5.43 8.42
CA ARG A 14 -2.81 -4.65 9.47
C ARG A 14 -4.30 -4.43 9.18
N GLY A 15 -4.87 -3.34 9.70
CA GLY A 15 -6.27 -3.05 9.49
C GLY A 15 -7.11 -3.48 10.67
N ALA A 16 -8.16 -2.72 10.98
CA ALA A 16 -9.04 -3.04 12.11
C ALA A 16 -8.23 -3.39 13.36
N GLN A 17 -7.85 -2.37 14.13
CA GLN A 17 -7.06 -2.60 15.34
C GLN A 17 -7.81 -3.49 16.33
N GLN A 18 -9.10 -3.18 16.53
CA GLN A 18 -9.96 -3.96 17.45
C GLN A 18 -11.27 -3.22 17.76
N LYS A 19 -11.65 -2.27 16.90
CA LYS A 19 -12.89 -1.51 17.10
C LYS A 19 -12.97 -0.35 16.12
N ASN A 20 -11.92 0.47 16.09
CA ASN A 20 -11.85 1.63 15.21
C ASN A 20 -10.39 2.06 15.02
N GLY A 21 -9.62 1.97 16.10
CA GLY A 21 -8.22 2.36 16.06
C GLY A 21 -7.96 3.66 16.79
N ARG A 22 -8.87 4.63 16.63
CA ARG A 22 -8.75 5.92 17.27
C ARG A 22 -7.32 6.47 17.19
N GLY A 23 -6.58 6.39 18.31
CA GLY A 23 -5.22 6.88 18.32
C GLY A 23 -5.14 8.40 18.26
N SER A 24 -4.13 8.96 18.92
CA SER A 24 -3.96 10.41 18.93
C SER A 24 -3.74 10.93 17.52
N ASP A 25 -2.94 10.20 16.74
CA ASP A 25 -2.66 10.58 15.36
C ASP A 25 -3.02 9.44 14.41
N SER A 26 -2.17 8.41 14.41
CA SER A 26 -2.40 7.24 13.56
C SER A 26 -2.47 7.64 12.08
N SER A 27 -1.75 8.69 11.72
CA SER A 27 -1.75 9.15 10.33
C SER A 27 -1.02 8.15 9.43
N GLU A 28 -1.38 8.13 8.15
CA GLU A 28 -0.76 7.22 7.19
C GLU A 28 -0.85 7.80 5.78
N SER A 29 -2.07 7.94 5.28
CA SER A 29 -2.30 8.48 3.94
C SER A 29 -1.81 7.53 2.85
N CYS A 30 -2.65 7.30 1.84
CA CYS A 30 -2.28 6.41 0.74
C CYS A 30 -1.81 7.21 -0.46
N TRP A 31 -1.10 6.55 -1.35
CA TRP A 31 -0.60 7.21 -2.55
C TRP A 31 -1.75 7.58 -3.48
N ASN A 32 -2.88 6.89 -3.32
CA ASN A 32 -4.05 7.13 -4.16
C ASN A 32 -4.99 8.20 -3.57
N CYS A 33 -5.88 7.78 -2.67
CA CYS A 33 -6.83 8.67 -2.05
C CYS A 33 -6.17 9.67 -1.09
N GLY A 34 -5.15 9.23 -0.38
CA GLY A 34 -4.46 10.11 0.56
C GLY A 34 -5.09 10.14 1.95
N ARG A 35 -6.36 9.81 2.02
CA ARG A 35 -7.09 9.79 3.28
C ARG A 35 -6.57 8.69 4.21
N LYS A 36 -6.28 9.07 5.46
CA LYS A 36 -5.77 8.14 6.50
C LYS A 36 -6.14 6.69 6.23
N ALA A 37 -5.25 5.78 6.61
CA ALA A 37 -5.45 4.35 6.38
C ALA A 37 -5.02 3.50 7.58
N SER A 38 -5.63 2.32 7.69
CA SER A 38 -5.29 1.40 8.78
C SER A 38 -4.56 0.16 8.25
N GLU A 39 -4.17 0.18 6.97
CA GLU A 39 -3.46 -0.94 6.36
C GLU A 39 -2.25 -0.45 5.57
N THR A 40 -1.19 -1.26 5.54
CA THR A 40 0.03 -0.89 4.82
C THR A 40 0.39 -1.89 3.72
N CYS A 41 0.89 -1.36 2.60
CA CYS A 41 1.29 -2.20 1.46
C CYS A 41 2.45 -3.12 1.84
N SER A 42 2.26 -4.42 1.64
CA SER A 42 3.31 -5.39 1.96
C SER A 42 4.47 -5.34 0.97
N GLY A 43 4.17 -4.91 -0.26
CA GLY A 43 5.20 -4.82 -1.29
C GLY A 43 6.34 -3.86 -1.00
N CYS A 44 6.03 -2.70 -0.43
CA CYS A 44 7.07 -1.71 -0.12
C CYS A 44 7.02 -1.23 1.33
N ASN A 45 5.83 -1.23 1.91
CA ASN A 45 5.62 -0.80 3.30
C ASN A 45 5.44 0.72 3.39
N ALA A 46 6.13 1.47 2.54
CA ALA A 46 6.02 2.92 2.55
C ALA A 46 4.62 3.33 2.19
N ALA A 47 4.06 2.62 1.21
CA ALA A 47 2.71 2.88 0.74
C ALA A 47 1.70 2.43 1.78
N ARG A 48 0.83 3.32 2.23
CA ARG A 48 -0.18 2.97 3.22
C ARG A 48 -1.54 2.98 2.56
N TYR A 49 -2.18 1.83 2.44
CA TYR A 49 -3.49 1.75 1.78
C TYR A 49 -4.63 1.57 2.78
N CYS A 50 -5.76 2.18 2.46
CA CYS A 50 -6.94 2.09 3.31
C CYS A 50 -7.94 1.05 2.83
N GLY A 51 -7.79 0.56 1.60
CA GLY A 51 -8.74 -0.43 1.12
C GLY A 51 -8.37 -1.07 -0.20
N SER A 52 -9.08 -2.17 -0.49
CA SER A 52 -8.89 -2.92 -1.72
C SER A 52 -9.16 -2.06 -2.96
N PHE A 53 -10.17 -1.21 -2.88
CA PHE A 53 -10.51 -0.34 -4.00
C PHE A 53 -9.42 0.71 -4.21
N CYS A 54 -8.89 1.18 -3.10
CA CYS A 54 -7.84 2.19 -3.12
C CYS A 54 -6.55 1.64 -3.76
N GLN A 55 -6.12 0.46 -3.32
CA GLN A 55 -4.90 -0.15 -3.86
C GLN A 55 -5.04 -0.48 -5.34
N HIS A 56 -6.18 -1.04 -5.74
CA HIS A 56 -6.40 -1.38 -7.14
C HIS A 56 -6.40 -0.13 -8.02
N ARG A 57 -7.07 0.90 -7.55
CA ARG A 57 -7.19 2.17 -8.25
C ARG A 57 -5.83 2.78 -8.61
N ASP A 58 -4.82 2.56 -7.76
CA ASP A 58 -3.49 3.10 -8.03
C ASP A 58 -2.44 1.99 -8.25
N TRP A 59 -2.86 0.74 -8.12
CA TRP A 59 -1.94 -0.37 -8.31
C TRP A 59 -1.15 -0.29 -9.62
N GLU A 60 -1.81 -0.04 -10.73
CA GLU A 60 -1.08 0.03 -12.01
C GLU A 60 0.01 1.09 -11.91
N LYS A 61 -0.32 2.17 -11.25
CA LYS A 61 0.61 3.27 -11.06
C LYS A 61 1.56 3.03 -9.87
N HIS A 62 1.31 1.97 -9.11
CA HIS A 62 2.14 1.66 -7.95
C HIS A 62 3.34 0.78 -8.30
N HIS A 63 3.11 -0.18 -9.19
CA HIS A 63 4.16 -1.11 -9.61
C HIS A 63 5.40 -0.39 -10.16
N HIS A 64 5.26 0.88 -10.51
CA HIS A 64 6.37 1.66 -11.03
C HIS A 64 7.42 1.93 -9.95
N VAL A 65 6.96 1.97 -8.70
CA VAL A 65 7.85 2.22 -7.57
C VAL A 65 7.89 1.06 -6.57
N CYS A 66 6.85 0.24 -6.54
CA CYS A 66 6.82 -0.89 -5.61
C CYS A 66 7.61 -2.06 -6.15
N GLY A 67 8.78 -2.30 -5.58
CA GLY A 67 9.62 -3.40 -6.01
C GLY A 67 10.63 -2.97 -7.05
N GLN A 68 10.35 -1.85 -7.73
CA GLN A 68 11.25 -1.33 -8.75
C GLN A 68 12.63 -1.06 -8.17
N SER A 69 12.65 -0.38 -7.03
CA SER A 69 13.91 -0.05 -6.37
C SER A 69 13.68 0.31 -4.91
N LEU A 70 14.73 0.18 -4.10
CA LEU A 70 14.65 0.50 -2.68
C LEU A 70 15.77 1.46 -2.28
N GLN A 71 16.99 0.95 -2.23
CA GLN A 71 18.14 1.77 -1.86
C GLN A 71 18.57 2.65 -3.02
ZN ZN B . -6.80 5.18 0.53
ZN ZN C . 3.85 -0.97 -2.40
N GLY A 1 0.85 -21.73 -18.84
CA GLY A 1 2.17 -22.09 -18.26
C GLY A 1 2.09 -22.34 -16.76
N SER A 2 3.06 -23.08 -16.24
CA SER A 2 3.10 -23.39 -14.82
C SER A 2 3.27 -22.13 -13.99
N ALA A 3 3.88 -21.11 -14.59
CA ALA A 3 4.09 -19.84 -13.90
C ALA A 3 3.21 -18.75 -14.49
N SER A 4 3.47 -18.37 -15.73
CA SER A 4 2.70 -17.33 -16.40
C SER A 4 2.71 -16.04 -15.60
N SER A 5 3.62 -15.13 -15.94
CA SER A 5 3.74 -13.86 -15.25
C SER A 5 2.40 -13.13 -15.19
N GLN A 6 2.26 -12.28 -14.17
CA GLN A 6 1.03 -11.52 -13.97
C GLN A 6 1.32 -10.21 -13.26
N VAL A 7 0.54 -9.17 -13.59
CA VAL A 7 0.72 -7.87 -12.97
C VAL A 7 -0.40 -7.58 -11.98
N VAL A 8 -0.20 -8.01 -10.74
CA VAL A 8 -1.20 -7.80 -9.69
C VAL A 8 -0.59 -7.14 -8.46
N MET A 9 -1.43 -6.41 -7.73
CA MET A 9 -0.98 -5.71 -6.53
C MET A 9 -1.05 -6.63 -5.29
N PRO A 10 0.06 -6.77 -4.52
CA PRO A 10 0.06 -7.64 -3.32
C PRO A 10 -0.97 -7.20 -2.29
N PRO A 11 -1.57 -8.14 -1.53
CA PRO A 11 -2.57 -7.81 -0.50
C PRO A 11 -2.06 -6.86 0.57
N LEU A 12 -2.96 -6.09 1.16
CA LEU A 12 -2.60 -5.13 2.21
C LEU A 12 -2.57 -5.81 3.57
N VAL A 13 -1.81 -5.24 4.49
CA VAL A 13 -1.70 -5.80 5.83
C VAL A 13 -1.83 -4.70 6.88
N ARG A 14 -2.19 -5.07 8.11
CA ARG A 14 -2.33 -4.08 9.18
C ARG A 14 -0.99 -3.41 9.43
N GLY A 15 -1.01 -2.08 9.57
CA GLY A 15 0.22 -1.36 9.83
C GLY A 15 0.98 -1.93 11.02
N ALA A 16 0.50 -1.64 12.23
CA ALA A 16 1.15 -2.14 13.44
C ALA A 16 2.51 -1.46 13.65
N GLN A 17 2.64 -0.24 13.15
CA GLN A 17 3.88 0.52 13.30
C GLN A 17 3.59 1.97 13.65
N GLN A 18 3.97 2.36 14.86
CA GLN A 18 3.75 3.74 15.33
C GLN A 18 4.37 3.98 16.71
N LYS A 19 4.60 2.91 17.46
CA LYS A 19 5.18 3.03 18.80
C LYS A 19 6.60 3.58 18.75
N ASN A 20 6.86 4.57 19.59
CA ASN A 20 8.18 5.21 19.66
C ASN A 20 8.72 5.51 18.26
N GLY A 21 10.04 5.68 18.15
CA GLY A 21 10.64 5.98 16.87
C GLY A 21 10.27 7.35 16.36
N ARG A 22 11.02 8.36 16.79
CA ARG A 22 10.77 9.73 16.37
C ARG A 22 9.30 10.10 16.59
N GLY A 23 8.90 10.19 17.86
CA GLY A 23 7.53 10.52 18.18
C GLY A 23 6.60 9.33 18.11
N SER A 24 5.31 9.60 18.02
CA SER A 24 4.30 8.54 17.94
C SER A 24 3.19 8.92 16.95
N ASP A 25 2.45 7.91 16.49
CA ASP A 25 1.35 8.15 15.56
C ASP A 25 1.83 8.87 14.30
N SER A 26 2.07 8.09 13.24
CA SER A 26 2.53 8.65 11.97
C SER A 26 1.43 9.42 11.25
N SER A 27 0.20 9.36 11.78
CA SER A 27 -0.94 10.06 11.19
C SER A 27 -1.53 9.25 10.03
N GLU A 28 -2.06 9.95 9.02
CA GLU A 28 -2.65 9.27 7.86
C GLU A 28 -2.22 9.91 6.55
N SER A 29 -2.47 9.19 5.45
CA SER A 29 -2.11 9.66 4.11
C SER A 29 -2.14 8.52 3.08
N CYS A 30 -3.34 8.05 2.73
CA CYS A 30 -3.49 6.97 1.74
C CYS A 30 -2.92 7.42 0.40
N TRP A 31 -2.54 6.47 -0.45
CA TRP A 31 -1.98 6.82 -1.75
C TRP A 31 -3.07 7.25 -2.75
N ASN A 32 -3.97 6.33 -3.05
CA ASN A 32 -5.07 6.60 -4.00
C ASN A 32 -6.00 7.74 -3.57
N CYS A 33 -6.90 7.46 -2.63
CA CYS A 33 -7.86 8.47 -2.16
C CYS A 33 -7.22 9.55 -1.28
N GLY A 34 -6.37 9.14 -0.35
CA GLY A 34 -5.70 10.10 0.53
C GLY A 34 -6.32 10.15 1.93
N ARG A 35 -7.56 9.69 2.03
CA ARG A 35 -8.28 9.67 3.30
C ARG A 35 -7.52 8.88 4.36
N LYS A 36 -8.08 8.85 5.55
CA LYS A 36 -7.46 8.14 6.68
C LYS A 36 -7.07 6.72 6.28
N ALA A 37 -5.79 6.39 6.45
CA ALA A 37 -5.29 5.06 6.10
C ALA A 37 -4.61 4.37 7.29
N SER A 38 -4.86 3.07 7.44
CA SER A 38 -4.27 2.29 8.51
C SER A 38 -3.78 0.93 7.99
N GLU A 39 -3.43 0.88 6.71
CA GLU A 39 -2.96 -0.37 6.10
C GLU A 39 -1.70 -0.12 5.28
N THR A 40 -0.87 -1.15 5.16
CA THR A 40 0.37 -1.04 4.40
C THR A 40 0.41 -2.03 3.23
N CYS A 41 1.28 -1.75 2.26
CA CYS A 41 1.43 -2.60 1.09
C CYS A 41 2.41 -3.73 1.37
N SER A 42 1.98 -4.97 1.19
CA SER A 42 2.87 -6.10 1.44
C SER A 42 4.01 -6.13 0.43
N GLY A 43 3.79 -5.50 -0.72
CA GLY A 43 4.80 -5.47 -1.77
C GLY A 43 6.06 -4.68 -1.40
N CYS A 44 5.89 -3.52 -0.75
CA CYS A 44 7.04 -2.70 -0.38
C CYS A 44 7.03 -2.32 1.11
N ASN A 45 5.83 -2.26 1.69
CA ASN A 45 5.64 -1.93 3.12
C ASN A 45 5.63 -0.42 3.39
N ALA A 46 6.40 0.35 2.61
CA ALA A 46 6.43 1.80 2.82
C ALA A 46 5.09 2.39 2.44
N ALA A 47 4.61 1.95 1.29
CA ALA A 47 3.32 2.40 0.77
C ALA A 47 2.20 2.12 1.76
N ARG A 48 1.58 3.17 2.28
CA ARG A 48 0.49 3.03 3.24
C ARG A 48 -0.83 3.30 2.54
N TYR A 49 -1.69 2.29 2.49
CA TYR A 49 -3.00 2.42 1.83
C TYR A 49 -4.10 2.31 2.87
N CYS A 50 -5.33 2.66 2.49
CA CYS A 50 -6.45 2.59 3.43
C CYS A 50 -7.43 1.48 3.04
N GLY A 51 -7.33 0.98 1.82
CA GLY A 51 -8.25 -0.08 1.41
C GLY A 51 -7.85 -0.83 0.16
N SER A 52 -8.45 -2.00 0.00
CA SER A 52 -8.22 -2.88 -1.13
C SER A 52 -8.58 -2.22 -2.46
N PHE A 53 -9.65 -1.42 -2.47
CA PHE A 53 -10.07 -0.75 -3.69
C PHE A 53 -9.04 0.30 -4.10
N CYS A 54 -8.50 0.98 -3.09
CA CYS A 54 -7.50 2.01 -3.31
C CYS A 54 -6.24 1.47 -3.96
N GLN A 55 -5.76 0.32 -3.49
CA GLN A 55 -4.56 -0.27 -4.05
C GLN A 55 -4.77 -0.62 -5.52
N HIS A 56 -5.96 -1.09 -5.85
CA HIS A 56 -6.29 -1.47 -7.23
C HIS A 56 -6.29 -0.26 -8.17
N ARG A 57 -6.88 0.85 -7.70
CA ARG A 57 -6.97 2.07 -8.48
C ARG A 57 -5.60 2.69 -8.81
N ASP A 58 -4.68 2.64 -7.86
CA ASP A 58 -3.34 3.21 -8.06
C ASP A 58 -2.29 2.15 -8.40
N TRP A 59 -2.67 0.87 -8.26
CA TRP A 59 -1.74 -0.22 -8.55
C TRP A 59 -1.00 -0.07 -9.89
N GLU A 60 -1.69 0.34 -10.95
CA GLU A 60 -1.02 0.47 -12.24
C GLU A 60 0.18 1.41 -12.12
N LYS A 61 -0.02 2.49 -11.40
CA LYS A 61 1.02 3.48 -11.19
C LYS A 61 1.92 3.13 -9.99
N HIS A 62 1.60 2.06 -9.25
CA HIS A 62 2.39 1.68 -8.08
C HIS A 62 3.54 0.74 -8.44
N HIS A 63 3.31 -0.11 -9.43
CA HIS A 63 4.32 -1.07 -9.87
C HIS A 63 5.68 -0.43 -10.17
N HIS A 64 5.72 0.88 -10.39
CA HIS A 64 6.98 1.55 -10.68
C HIS A 64 7.74 1.89 -9.40
N VAL A 65 7.01 2.00 -8.29
CA VAL A 65 7.60 2.33 -6.99
C VAL A 65 7.71 1.12 -6.07
N CYS A 66 6.91 0.08 -6.34
CA CYS A 66 6.91 -1.13 -5.53
C CYS A 66 8.12 -2.02 -5.85
N GLY A 67 8.57 -2.76 -4.85
CA GLY A 67 9.71 -3.64 -5.03
C GLY A 67 11.03 -2.90 -5.11
N GLN A 68 11.05 -1.63 -4.72
CA GLN A 68 12.27 -0.85 -4.75
C GLN A 68 12.08 0.48 -4.02
N SER A 69 12.99 0.77 -3.09
CA SER A 69 12.94 1.99 -2.31
C SER A 69 13.98 1.99 -1.20
N LEU A 70 14.35 0.80 -0.76
CA LEU A 70 15.34 0.66 0.31
C LEU A 70 16.68 1.24 -0.13
N GLN A 71 17.08 0.94 -1.37
CA GLN A 71 18.34 1.44 -1.90
C GLN A 71 18.38 2.96 -1.87
ZN ZN B . -7.75 5.15 0.35
ZN ZN C . 4.00 -1.51 -2.77
N GLY A 1 1.98 -15.00 -30.09
CA GLY A 1 1.47 -15.62 -28.84
C GLY A 1 2.47 -15.55 -27.70
N SER A 2 2.17 -16.22 -26.60
CA SER A 2 3.04 -16.23 -25.44
C SER A 2 3.40 -14.81 -25.02
N ALA A 3 4.53 -14.65 -24.32
CA ALA A 3 4.96 -13.33 -23.87
C ALA A 3 3.88 -12.64 -23.05
N SER A 4 3.49 -13.27 -21.95
CA SER A 4 2.46 -12.71 -21.08
C SER A 4 3.01 -12.48 -19.67
N SER A 5 2.58 -11.38 -19.05
CA SER A 5 3.03 -11.05 -17.70
C SER A 5 1.87 -10.63 -16.81
N GLN A 6 1.29 -9.46 -17.11
CA GLN A 6 0.17 -8.95 -16.34
C GLN A 6 0.58 -8.67 -14.90
N VAL A 7 1.04 -7.44 -14.65
CA VAL A 7 1.47 -7.05 -13.31
C VAL A 7 0.35 -7.22 -12.28
N VAL A 8 0.68 -7.85 -11.15
CA VAL A 8 -0.30 -8.09 -10.10
C VAL A 8 0.07 -7.35 -8.82
N MET A 9 -0.95 -6.90 -8.08
CA MET A 9 -0.74 -6.18 -6.84
C MET A 9 -0.57 -7.14 -5.65
N PRO A 10 0.30 -6.80 -4.68
CA PRO A 10 0.52 -7.64 -3.51
C PRO A 10 -0.54 -7.41 -2.43
N PRO A 11 -0.86 -8.43 -1.61
CA PRO A 11 -1.88 -8.29 -0.54
C PRO A 11 -1.48 -7.22 0.47
N LEU A 12 -2.47 -6.58 1.08
CA LEU A 12 -2.21 -5.54 2.07
C LEU A 12 -2.03 -6.16 3.47
N VAL A 13 -1.43 -5.39 4.37
CA VAL A 13 -1.20 -5.85 5.73
C VAL A 13 -1.71 -4.81 6.72
N ARG A 14 -2.11 -5.27 7.90
CA ARG A 14 -2.64 -4.36 8.93
C ARG A 14 -4.03 -3.86 8.54
N GLY A 15 -4.41 -2.69 9.04
CA GLY A 15 -5.71 -2.13 8.72
C GLY A 15 -6.79 -2.56 9.71
N ALA A 16 -6.52 -3.61 10.48
CA ALA A 16 -7.47 -4.12 11.46
C ALA A 16 -7.00 -5.45 12.02
N GLN A 17 -6.18 -5.38 13.08
CA GLN A 17 -5.65 -6.59 13.72
C GLN A 17 -4.73 -6.24 14.88
N GLN A 18 -4.95 -5.08 15.49
CA GLN A 18 -4.12 -4.65 16.61
C GLN A 18 -4.78 -3.50 17.37
N LYS A 19 -4.72 -3.56 18.69
CA LYS A 19 -5.31 -2.52 19.54
C LYS A 19 -4.23 -1.81 20.34
N ASN A 20 -3.11 -2.49 20.58
CA ASN A 20 -2.02 -1.91 21.33
C ASN A 20 -1.53 -0.62 20.69
N GLY A 21 -1.32 -0.63 19.38
CA GLY A 21 -0.86 0.56 18.68
C GLY A 21 -1.80 0.97 17.57
N ARG A 22 -1.96 2.26 17.36
CA ARG A 22 -2.84 2.77 16.31
C ARG A 22 -2.42 4.19 15.91
N GLY A 23 -2.70 5.16 16.78
CA GLY A 23 -2.36 6.53 16.50
C GLY A 23 -0.90 6.84 16.81
N SER A 24 0.01 6.10 16.17
CA SER A 24 1.44 6.29 16.38
C SER A 24 2.25 5.65 15.26
N ASP A 25 1.75 5.77 14.03
CA ASP A 25 2.43 5.19 12.88
C ASP A 25 3.35 6.21 12.22
N SER A 26 2.96 7.49 12.28
CA SER A 26 3.75 8.56 11.70
C SER A 26 3.80 8.42 10.18
N SER A 27 2.66 8.66 9.54
CA SER A 27 2.56 8.57 8.08
C SER A 27 1.12 8.72 7.61
N GLU A 28 0.41 7.60 7.51
CA GLU A 28 -0.99 7.62 7.08
C GLU A 28 -1.12 8.21 5.68
N SER A 29 -2.37 8.34 5.21
CA SER A 29 -2.63 8.88 3.89
C SER A 29 -2.13 7.95 2.79
N CYS A 30 -3.00 7.66 1.83
CA CYS A 30 -2.63 6.78 0.71
C CYS A 30 -2.11 7.55 -0.48
N TRP A 31 -1.42 6.83 -1.36
CA TRP A 31 -0.87 7.44 -2.54
C TRP A 31 -2.01 7.71 -3.54
N ASN A 32 -3.10 6.96 -3.37
CA ASN A 32 -4.26 7.09 -4.24
C ASN A 32 -5.25 8.13 -3.71
N CYS A 33 -6.10 7.72 -2.77
CA CYS A 33 -7.09 8.62 -2.20
C CYS A 33 -6.47 9.63 -1.23
N GLY A 34 -5.56 9.16 -0.37
CA GLY A 34 -4.92 10.05 0.59
C GLY A 34 -5.67 10.21 1.90
N ARG A 35 -6.95 9.89 1.89
CA ARG A 35 -7.80 9.99 3.07
C ARG A 35 -7.63 8.82 4.04
N LYS A 36 -7.27 9.16 5.28
CA LYS A 36 -7.06 8.20 6.38
C LYS A 36 -6.58 6.82 5.94
N ALA A 37 -5.28 6.56 6.13
CA ALA A 37 -4.68 5.29 5.76
C ALA A 37 -4.19 4.54 7.01
N SER A 38 -4.65 3.31 7.19
CA SER A 38 -4.26 2.50 8.35
C SER A 38 -3.79 1.09 7.95
N GLU A 39 -3.47 0.92 6.67
CA GLU A 39 -3.01 -0.37 6.17
C GLU A 39 -1.76 -0.16 5.35
N THR A 40 -0.87 -1.14 5.30
CA THR A 40 0.37 -1.01 4.53
C THR A 40 0.47 -2.03 3.40
N CYS A 41 0.89 -1.57 2.22
CA CYS A 41 1.04 -2.45 1.07
C CYS A 41 2.19 -3.43 1.29
N SER A 42 1.94 -4.71 1.08
CA SER A 42 2.99 -5.71 1.26
C SER A 42 4.10 -5.46 0.24
N GLY A 43 5.10 -6.33 0.22
CA GLY A 43 6.21 -6.17 -0.71
C GLY A 43 7.05 -4.94 -0.43
N CYS A 44 6.54 -3.77 -0.80
CA CYS A 44 7.28 -2.53 -0.57
C CYS A 44 7.22 -2.12 0.90
N ASN A 45 6.06 -2.34 1.50
CA ASN A 45 5.87 -2.00 2.91
C ASN A 45 6.14 -0.51 3.16
N ALA A 46 6.06 0.26 2.09
CA ALA A 46 6.28 1.71 2.15
C ALA A 46 4.98 2.44 1.96
N ALA A 47 4.16 1.89 1.07
CA ALA A 47 2.87 2.45 0.75
C ALA A 47 1.86 2.21 1.88
N ARG A 48 1.09 3.22 2.22
CA ARG A 48 0.08 3.09 3.28
C ARG A 48 -1.28 3.24 2.64
N TYR A 49 -2.09 2.18 2.63
CA TYR A 49 -3.41 2.24 2.01
C TYR A 49 -4.53 2.10 3.03
N CYS A 50 -5.73 2.54 2.65
CA CYS A 50 -6.88 2.47 3.54
C CYS A 50 -7.77 1.27 3.19
N GLY A 51 -7.60 0.70 2.00
CA GLY A 51 -8.41 -0.44 1.61
C GLY A 51 -8.00 -1.09 0.30
N SER A 52 -8.50 -2.31 0.10
CA SER A 52 -8.22 -3.08 -1.12
C SER A 52 -8.69 -2.33 -2.37
N PHE A 53 -9.82 -1.64 -2.27
CA PHE A 53 -10.37 -0.89 -3.39
C PHE A 53 -9.39 0.22 -3.78
N CYS A 54 -8.92 0.90 -2.75
CA CYS A 54 -7.98 1.99 -2.92
C CYS A 54 -6.71 1.48 -3.63
N GLN A 55 -6.24 0.31 -3.21
CA GLN A 55 -5.05 -0.30 -3.80
C GLN A 55 -5.23 -0.58 -5.30
N HIS A 56 -6.38 -1.15 -5.65
CA HIS A 56 -6.68 -1.49 -7.04
C HIS A 56 -6.74 -0.22 -7.89
N ARG A 57 -7.32 0.83 -7.33
CA ARG A 57 -7.48 2.10 -8.01
C ARG A 57 -6.13 2.70 -8.46
N ASP A 58 -5.08 2.50 -7.67
CA ASP A 58 -3.76 3.05 -8.02
C ASP A 58 -2.66 1.99 -8.11
N TRP A 59 -3.05 0.73 -8.33
CA TRP A 59 -2.06 -0.32 -8.44
C TRP A 59 -1.14 -0.15 -9.65
N GLU A 60 -1.72 0.10 -10.81
CA GLU A 60 -0.92 0.25 -12.03
C GLU A 60 0.09 1.37 -11.89
N LYS A 61 -0.32 2.42 -11.22
CA LYS A 61 0.57 3.55 -11.00
C LYS A 61 1.45 3.34 -9.76
N HIS A 62 1.20 2.26 -9.01
CA HIS A 62 1.96 2.00 -7.81
C HIS A 62 3.20 1.16 -8.09
N HIS A 63 3.06 0.19 -8.99
CA HIS A 63 4.17 -0.70 -9.35
C HIS A 63 5.45 0.07 -9.74
N HIS A 64 5.31 1.35 -10.08
CA HIS A 64 6.48 2.16 -10.44
C HIS A 64 7.42 2.33 -9.25
N VAL A 65 6.90 2.15 -8.05
CA VAL A 65 7.67 2.30 -6.82
C VAL A 65 7.70 1.02 -5.98
N CYS A 66 6.66 0.19 -6.11
CA CYS A 66 6.59 -1.05 -5.35
C CYS A 66 7.82 -1.92 -5.65
N GLY A 67 8.25 -2.71 -4.67
CA GLY A 67 9.41 -3.55 -4.85
C GLY A 67 10.73 -2.83 -4.56
N GLN A 68 10.64 -1.59 -4.09
CA GLN A 68 11.83 -0.80 -3.77
C GLN A 68 12.29 -1.09 -2.33
N SER A 69 12.27 -0.08 -1.44
CA SER A 69 12.70 -0.29 -0.05
C SER A 69 14.16 -0.74 0.02
N LEU A 70 15.05 0.11 -0.49
CA LEU A 70 16.49 -0.18 -0.48
C LEU A 70 16.84 -1.23 -1.52
N GLN A 71 18.10 -1.63 -1.55
CA GLN A 71 18.57 -2.63 -2.49
C GLN A 71 19.04 -3.90 -1.77
ZN ZN B . -7.07 5.26 0.48
ZN ZN C . 3.57 -1.53 -2.72
N GLY A 1 2.95 -15.83 -19.86
CA GLY A 1 2.88 -15.38 -21.28
C GLY A 1 4.08 -14.52 -21.67
N SER A 2 4.18 -14.22 -22.96
CA SER A 2 5.28 -13.40 -23.46
C SER A 2 4.78 -12.04 -23.92
N ALA A 3 5.46 -10.99 -23.45
CA ALA A 3 5.09 -9.63 -23.80
C ALA A 3 3.64 -9.33 -23.42
N SER A 4 3.12 -10.07 -22.43
CA SER A 4 1.75 -9.88 -21.98
C SER A 4 1.68 -8.84 -20.86
N SER A 5 2.81 -8.58 -20.20
CA SER A 5 2.85 -7.61 -19.12
C SER A 5 1.83 -7.97 -18.05
N GLN A 6 2.23 -8.82 -17.11
CA GLN A 6 1.34 -9.25 -16.04
C GLN A 6 1.79 -8.69 -14.69
N VAL A 7 1.12 -7.63 -14.23
CA VAL A 7 1.44 -7.01 -12.95
C VAL A 7 0.26 -7.12 -11.98
N VAL A 8 0.51 -7.69 -10.81
CA VAL A 8 -0.53 -7.85 -9.80
C VAL A 8 -0.33 -6.99 -8.57
N MET A 9 -1.45 -6.55 -7.99
CA MET A 9 -1.44 -5.72 -6.80
C MET A 9 -1.14 -6.53 -5.52
N PRO A 10 0.00 -6.27 -4.84
CA PRO A 10 0.35 -7.00 -3.62
C PRO A 10 -0.70 -6.82 -2.51
N PRO A 11 -1.01 -7.87 -1.72
CA PRO A 11 -2.01 -7.76 -0.64
C PRO A 11 -1.60 -6.72 0.41
N LEU A 12 -2.60 -6.04 0.99
CA LEU A 12 -2.35 -5.03 2.00
C LEU A 12 -2.43 -5.64 3.40
N VAL A 13 -1.87 -4.93 4.38
CA VAL A 13 -1.88 -5.40 5.76
C VAL A 13 -2.57 -4.36 6.63
N ARG A 14 -3.51 -4.81 7.46
CA ARG A 14 -4.22 -3.89 8.33
C ARG A 14 -3.64 -3.90 9.74
N GLY A 15 -3.10 -2.76 10.14
CA GLY A 15 -2.52 -2.64 11.47
C GLY A 15 -3.58 -2.73 12.56
N ALA A 16 -3.33 -3.55 13.56
CA ALA A 16 -4.26 -3.73 14.66
C ALA A 16 -3.69 -4.67 15.73
N GLN A 17 -4.55 -5.02 16.68
CA GLN A 17 -4.22 -5.93 17.81
C GLN A 17 -3.77 -5.15 19.04
N GLN A 18 -2.92 -4.15 18.86
CA GLN A 18 -2.43 -3.35 19.97
C GLN A 18 -1.65 -2.13 19.44
N LYS A 19 -0.31 -2.19 19.49
CA LYS A 19 0.52 -1.09 19.00
C LYS A 19 0.06 0.25 19.56
N ASN A 20 0.42 0.53 20.81
CA ASN A 20 0.03 1.79 21.44
C ASN A 20 0.56 2.98 20.64
N GLY A 21 1.83 2.90 20.25
CA GLY A 21 2.42 3.99 19.48
C GLY A 21 3.15 3.48 18.24
N ARG A 22 2.50 3.59 17.08
CA ARG A 22 3.10 3.14 15.84
C ARG A 22 3.93 4.25 15.19
N GLY A 23 3.60 5.50 15.52
CA GLY A 23 4.33 6.63 14.97
C GLY A 23 4.15 7.90 15.78
N SER A 24 4.88 8.94 15.42
CA SER A 24 4.80 10.23 16.12
C SER A 24 4.81 11.40 15.14
N ASP A 25 5.96 11.64 14.53
CA ASP A 25 6.11 12.74 13.56
C ASP A 25 5.22 12.53 12.35
N SER A 26 4.84 13.65 11.72
CA SER A 26 3.99 13.61 10.54
C SER A 26 2.73 12.79 10.79
N SER A 27 2.11 12.30 9.72
CA SER A 27 0.90 11.49 9.82
C SER A 27 0.82 10.50 8.67
N GLU A 28 0.01 9.46 8.86
CA GLU A 28 -0.16 8.44 7.83
C GLU A 28 -1.36 8.72 6.94
N SER A 29 -1.10 8.95 5.67
CA SER A 29 -2.17 9.23 4.71
C SER A 29 -2.04 8.32 3.50
N CYS A 30 -3.18 7.82 3.02
CA CYS A 30 -3.22 6.94 1.87
C CYS A 30 -2.58 7.56 0.62
N TRP A 31 -2.12 6.70 -0.27
CA TRP A 31 -1.48 7.16 -1.50
C TRP A 31 -2.52 7.57 -2.54
N ASN A 32 -3.34 6.61 -2.96
CA ASN A 32 -4.38 6.87 -3.97
C ASN A 32 -5.36 7.96 -3.54
N CYS A 33 -6.35 7.62 -2.72
CA CYS A 33 -7.34 8.60 -2.27
C CYS A 33 -6.76 9.59 -1.24
N GLY A 34 -6.05 9.07 -0.24
CA GLY A 34 -5.45 9.93 0.77
C GLY A 34 -6.26 10.10 2.05
N ARG A 35 -7.48 9.56 2.07
CA ARG A 35 -8.33 9.67 3.24
C ARG A 35 -8.03 8.59 4.29
N LYS A 36 -7.40 9.02 5.40
CA LYS A 36 -7.03 8.13 6.52
C LYS A 36 -6.52 6.75 6.09
N ALA A 37 -5.20 6.55 6.17
CA ALA A 37 -4.60 5.28 5.81
C ALA A 37 -4.20 4.49 7.06
N SER A 38 -4.73 3.28 7.20
CA SER A 38 -4.42 2.43 8.37
C SER A 38 -3.80 1.08 7.97
N GLU A 39 -3.42 0.94 6.70
CA GLU A 39 -2.82 -0.31 6.23
C GLU A 39 -1.64 -0.04 5.29
N THR A 40 -0.77 -1.03 5.14
CA THR A 40 0.41 -0.88 4.27
C THR A 40 0.49 -1.98 3.23
N CYS A 41 1.25 -1.70 2.17
CA CYS A 41 1.45 -2.64 1.07
C CYS A 41 2.44 -3.74 1.44
N SER A 42 2.03 -4.99 1.28
CA SER A 42 2.89 -6.14 1.60
C SER A 42 4.16 -6.22 0.74
N GLY A 43 4.03 -5.91 -0.54
CA GLY A 43 5.17 -5.98 -1.45
C GLY A 43 6.35 -5.07 -1.10
N CYS A 44 6.07 -3.84 -0.66
CA CYS A 44 7.13 -2.90 -0.31
C CYS A 44 7.04 -2.39 1.13
N ASN A 45 5.82 -2.33 1.63
CA ASN A 45 5.60 -1.86 3.00
C ASN A 45 6.13 -0.44 3.17
N ALA A 46 6.26 0.26 2.03
CA ALA A 46 6.74 1.62 1.98
C ALA A 46 5.60 2.57 1.71
N ALA A 47 4.66 2.07 0.92
CA ALA A 47 3.48 2.84 0.55
C ALA A 47 2.38 2.68 1.60
N ARG A 48 1.73 3.78 1.94
CA ARG A 48 0.65 3.75 2.94
C ARG A 48 -0.69 3.68 2.21
N TYR A 49 -1.43 2.59 2.44
CA TYR A 49 -2.72 2.39 1.80
C TYR A 49 -3.87 2.35 2.81
N CYS A 50 -5.09 2.55 2.32
CA CYS A 50 -6.27 2.53 3.18
C CYS A 50 -7.14 1.30 2.92
N GLY A 51 -7.03 0.72 1.73
CA GLY A 51 -7.84 -0.45 1.43
C GLY A 51 -7.47 -1.17 0.15
N SER A 52 -7.85 -2.43 0.08
CA SER A 52 -7.57 -3.29 -1.07
C SER A 52 -8.20 -2.74 -2.35
N PHE A 53 -9.43 -2.25 -2.25
CA PHE A 53 -10.13 -1.69 -3.41
C PHE A 53 -9.37 -0.48 -3.95
N CYS A 54 -8.96 0.37 -3.02
CA CYS A 54 -8.21 1.58 -3.36
C CYS A 54 -6.95 1.20 -4.13
N GLN A 55 -6.30 0.13 -3.69
CA GLN A 55 -5.08 -0.36 -4.34
C GLN A 55 -5.34 -0.72 -5.78
N HIS A 56 -6.49 -1.32 -6.05
CA HIS A 56 -6.84 -1.72 -7.40
C HIS A 56 -6.92 -0.48 -8.30
N ARG A 57 -7.42 0.61 -7.73
CA ARG A 57 -7.58 1.88 -8.44
C ARG A 57 -6.27 2.49 -8.96
N ASP A 58 -5.21 2.49 -8.16
CA ASP A 58 -3.93 3.09 -8.59
C ASP A 58 -2.75 2.12 -8.64
N TRP A 59 -2.99 0.86 -8.30
CA TRP A 59 -1.94 -0.16 -8.32
C TRP A 59 -1.04 -0.09 -9.57
N GLU A 60 -1.63 0.16 -10.73
CA GLU A 60 -0.84 0.23 -11.96
C GLU A 60 0.24 1.30 -11.83
N LYS A 61 -0.10 2.37 -11.14
CA LYS A 61 0.83 3.46 -10.92
C LYS A 61 1.74 3.21 -9.71
N HIS A 62 1.44 2.18 -8.91
CA HIS A 62 2.24 1.89 -7.73
C HIS A 62 3.42 0.95 -8.05
N HIS A 63 3.21 0.04 -8.99
CA HIS A 63 4.24 -0.91 -9.37
C HIS A 63 5.53 -0.21 -9.81
N HIS A 64 5.42 1.07 -10.17
CA HIS A 64 6.58 1.85 -10.60
C HIS A 64 7.51 2.12 -9.40
N VAL A 65 6.92 2.17 -8.21
CA VAL A 65 7.66 2.43 -6.99
C VAL A 65 7.71 1.21 -6.07
N CYS A 66 6.90 0.19 -6.37
CA CYS A 66 6.86 -1.01 -5.55
C CYS A 66 8.06 -1.91 -5.83
N GLY A 67 8.49 -2.66 -4.83
CA GLY A 67 9.64 -3.53 -4.99
C GLY A 67 10.90 -2.97 -4.39
N GLN A 68 10.79 -1.86 -3.67
CA GLN A 68 11.93 -1.19 -3.02
C GLN A 68 12.79 -0.47 -4.05
N SER A 69 13.60 -1.21 -4.80
CA SER A 69 14.46 -0.60 -5.81
C SER A 69 14.38 -1.35 -7.13
N LEU A 70 14.48 -0.61 -8.24
CA LEU A 70 14.42 -1.20 -9.57
C LEU A 70 14.88 -0.21 -10.62
N GLN A 71 14.16 0.90 -10.74
CA GLN A 71 14.49 1.93 -11.72
C GLN A 71 15.77 2.68 -11.32
ZN ZN B . -7.19 5.09 -0.22
ZN ZN C . 4.04 -1.57 -2.74
N GLY A 1 8.24 -11.77 -8.97
CA GLY A 1 9.05 -11.79 -10.22
C GLY A 1 8.94 -10.50 -11.00
N SER A 2 9.20 -9.37 -10.34
CA SER A 2 9.11 -8.06 -10.99
C SER A 2 7.79 -7.90 -11.71
N ALA A 3 7.69 -6.87 -12.54
CA ALA A 3 6.47 -6.61 -13.29
C ALA A 3 6.22 -7.72 -14.31
N SER A 4 4.96 -8.13 -14.44
CA SER A 4 4.59 -9.18 -15.37
C SER A 4 3.27 -8.83 -16.06
N SER A 5 2.97 -9.53 -17.15
CA SER A 5 1.72 -9.27 -17.88
C SER A 5 0.53 -9.34 -16.92
N GLN A 6 -0.36 -8.36 -17.02
CA GLN A 6 -1.54 -8.31 -16.17
C GLN A 6 -1.10 -8.18 -14.72
N VAL A 7 -0.29 -7.15 -14.49
CA VAL A 7 0.24 -6.85 -13.17
C VAL A 7 -0.84 -6.89 -12.10
N VAL A 8 -0.55 -7.59 -11.00
CA VAL A 8 -1.50 -7.72 -9.90
C VAL A 8 -0.99 -7.02 -8.65
N MET A 9 -1.90 -6.41 -7.90
CA MET A 9 -1.55 -5.69 -6.68
C MET A 9 -1.22 -6.67 -5.53
N PRO A 10 -0.31 -6.27 -4.62
CA PRO A 10 0.07 -7.11 -3.48
C PRO A 10 -0.92 -6.97 -2.32
N PRO A 11 -1.00 -7.98 -1.43
CA PRO A 11 -1.91 -7.95 -0.28
C PRO A 11 -1.43 -6.97 0.78
N LEU A 12 -2.37 -6.33 1.47
CA LEU A 12 -2.02 -5.37 2.52
C LEU A 12 -1.89 -6.04 3.88
N VAL A 13 -1.23 -5.31 4.79
CA VAL A 13 -1.01 -5.78 6.14
C VAL A 13 -1.42 -4.69 7.12
N ARG A 14 -1.84 -5.10 8.33
CA ARG A 14 -2.29 -4.22 9.42
C ARG A 14 -3.78 -4.45 9.70
N GLY A 15 -4.63 -3.90 8.84
CA GLY A 15 -6.07 -4.07 9.01
C GLY A 15 -6.45 -5.54 9.03
N ALA A 16 -7.74 -5.84 9.15
CA ALA A 16 -8.19 -7.22 9.18
C ALA A 16 -7.79 -7.90 10.49
N GLN A 17 -6.50 -8.21 10.62
CA GLN A 17 -6.01 -8.86 11.83
C GLN A 17 -6.26 -7.99 13.07
N GLN A 18 -6.04 -6.68 12.94
CA GLN A 18 -6.25 -5.74 14.03
C GLN A 18 -5.25 -5.96 15.17
N LYS A 19 -4.05 -5.41 15.00
CA LYS A 19 -2.99 -5.53 15.99
C LYS A 19 -2.44 -4.14 16.30
N ASN A 20 -1.86 -3.96 17.49
CA ASN A 20 -1.31 -2.65 17.87
C ASN A 20 0.05 -2.44 17.22
N GLY A 21 0.42 -1.17 17.04
CA GLY A 21 1.70 -0.84 16.43
C GLY A 21 1.55 -0.10 15.12
N ARG A 22 2.66 0.47 14.65
CA ARG A 22 2.65 1.22 13.40
C ARG A 22 1.54 2.27 13.41
N GLY A 23 1.63 3.19 14.36
CA GLY A 23 0.62 4.25 14.47
C GLY A 23 1.23 5.63 14.54
N SER A 24 2.54 5.74 14.30
CA SER A 24 3.21 7.03 14.35
C SER A 24 4.67 6.92 13.93
N ASP A 25 4.89 6.71 12.64
CA ASP A 25 6.25 6.58 12.11
C ASP A 25 6.37 7.17 10.71
N SER A 26 5.38 7.99 10.33
CA SER A 26 5.39 8.62 9.00
C SER A 26 4.08 9.38 8.76
N SER A 27 3.02 8.98 9.45
CA SER A 27 1.72 9.62 9.31
C SER A 27 1.28 9.64 7.84
N GLU A 28 1.78 8.68 7.06
CA GLU A 28 1.44 8.58 5.65
C GLU A 28 -0.03 8.21 5.46
N SER A 29 -0.67 8.80 4.45
CA SER A 29 -2.07 8.53 4.18
C SER A 29 -2.23 7.80 2.85
N CYS A 30 -3.42 7.27 2.60
CA CYS A 30 -3.71 6.55 1.36
C CYS A 30 -3.24 7.31 0.15
N TRP A 31 -2.80 6.60 -0.89
CA TRP A 31 -2.33 7.27 -2.09
C TRP A 31 -3.51 7.82 -2.91
N ASN A 32 -4.38 6.92 -3.32
CA ASN A 32 -5.56 7.30 -4.11
C ASN A 32 -6.50 8.25 -3.38
N CYS A 33 -6.76 7.98 -2.10
CA CYS A 33 -7.65 8.84 -1.31
C CYS A 33 -6.93 10.02 -0.66
N GLY A 34 -5.76 9.76 -0.08
CA GLY A 34 -5.02 10.83 0.56
C GLY A 34 -5.32 10.94 2.05
N ARG A 35 -6.33 10.19 2.52
CA ARG A 35 -6.71 10.21 3.93
C ARG A 35 -6.82 8.80 4.50
N LYS A 36 -6.34 8.64 5.74
CA LYS A 36 -6.37 7.34 6.44
C LYS A 36 -5.18 6.49 6.05
N ALA A 37 -5.00 5.37 6.72
CA ALA A 37 -3.89 4.48 6.45
C ALA A 37 -3.90 3.25 7.36
N SER A 38 -5.06 2.63 7.51
CA SER A 38 -5.20 1.44 8.34
C SER A 38 -4.52 0.23 7.71
N GLU A 39 -4.08 0.35 6.46
CA GLU A 39 -3.44 -0.75 5.77
C GLU A 39 -2.11 -0.31 5.13
N THR A 40 -1.13 -1.21 5.14
CA THR A 40 0.18 -0.94 4.55
C THR A 40 0.47 -1.91 3.41
N CYS A 41 1.12 -1.44 2.34
CA CYS A 41 1.42 -2.32 1.21
C CYS A 41 2.49 -3.34 1.58
N SER A 42 2.18 -4.62 1.43
CA SER A 42 3.14 -5.66 1.76
C SER A 42 4.24 -5.73 0.69
N GLY A 43 3.93 -5.21 -0.49
CA GLY A 43 4.88 -5.22 -1.59
C GLY A 43 6.13 -4.43 -1.30
N CYS A 44 6.00 -3.25 -0.68
CA CYS A 44 7.16 -2.41 -0.37
C CYS A 44 7.19 -2.00 1.10
N ASN A 45 6.02 -1.95 1.74
CA ASN A 45 5.90 -1.56 3.15
C ASN A 45 5.88 -0.04 3.32
N ALA A 46 6.55 0.68 2.42
CA ALA A 46 6.60 2.14 2.49
C ALA A 46 5.23 2.73 2.23
N ALA A 47 4.53 2.14 1.27
CA ALA A 47 3.20 2.59 0.88
C ALA A 47 2.17 2.30 1.98
N ARG A 48 1.28 3.26 2.23
CA ARG A 48 0.23 3.11 3.23
C ARG A 48 -1.12 3.32 2.56
N TYR A 49 -1.96 2.28 2.49
CA TYR A 49 -3.27 2.36 1.84
C TYR A 49 -4.41 2.21 2.85
N CYS A 50 -5.58 2.74 2.51
CA CYS A 50 -6.74 2.66 3.38
C CYS A 50 -7.73 1.61 2.91
N GLY A 51 -7.68 1.25 1.62
CA GLY A 51 -8.62 0.25 1.13
C GLY A 51 -8.10 -0.54 -0.06
N SER A 52 -8.50 -1.80 -0.12
CA SER A 52 -8.09 -2.70 -1.19
C SER A 52 -8.58 -2.21 -2.55
N PHE A 53 -9.74 -1.55 -2.59
CA PHE A 53 -10.28 -1.05 -3.85
C PHE A 53 -9.38 0.04 -4.43
N CYS A 54 -9.26 1.14 -3.68
CA CYS A 54 -8.41 2.25 -4.12
C CYS A 54 -7.04 1.74 -4.57
N GLN A 55 -6.56 0.71 -3.89
CA GLN A 55 -5.27 0.11 -4.22
C GLN A 55 -5.30 -0.50 -5.63
N HIS A 56 -6.43 -1.08 -5.97
CA HIS A 56 -6.60 -1.72 -7.28
C HIS A 56 -6.40 -0.75 -8.44
N ARG A 57 -7.02 0.43 -8.37
CA ARG A 57 -6.89 1.42 -9.45
C ARG A 57 -5.50 2.07 -9.50
N ASP A 58 -4.99 2.48 -8.34
CA ASP A 58 -3.67 3.11 -8.27
C ASP A 58 -2.54 2.11 -8.47
N TRP A 59 -2.79 0.86 -8.09
CA TRP A 59 -1.80 -0.20 -8.22
C TRP A 59 -1.06 -0.18 -9.56
N GLU A 60 -1.75 0.12 -10.64
CA GLU A 60 -1.10 0.14 -11.95
C GLU A 60 0.08 1.10 -11.92
N LYS A 61 -0.15 2.26 -11.30
CA LYS A 61 0.88 3.28 -11.20
C LYS A 61 1.79 3.06 -9.99
N HIS A 62 1.50 2.06 -9.15
CA HIS A 62 2.31 1.80 -7.96
C HIS A 62 3.48 0.87 -8.25
N HIS A 63 3.23 -0.10 -9.13
CA HIS A 63 4.25 -1.08 -9.51
C HIS A 63 5.55 -0.45 -10.02
N HIS A 64 5.54 0.84 -10.36
CA HIS A 64 6.75 1.49 -10.86
C HIS A 64 7.72 1.78 -9.72
N VAL A 65 7.18 1.92 -8.51
CA VAL A 65 8.00 2.22 -7.33
C VAL A 65 8.04 1.05 -6.33
N CYS A 66 7.01 0.22 -6.34
CA CYS A 66 6.95 -0.92 -5.41
C CYS A 66 8.19 -1.80 -5.61
N GLY A 67 8.60 -2.47 -4.52
CA GLY A 67 9.76 -3.33 -4.56
C GLY A 67 11.01 -2.63 -4.06
N GLN A 68 10.99 -1.30 -4.00
CA GLN A 68 12.13 -0.54 -3.53
C GLN A 68 13.34 -0.74 -4.44
N SER A 69 14.12 -1.78 -4.16
CA SER A 69 15.31 -2.07 -4.96
C SER A 69 15.32 -3.54 -5.37
N LEU A 70 15.29 -3.77 -6.67
CA LEU A 70 15.30 -5.14 -7.20
C LEU A 70 15.95 -5.19 -8.57
N GLN A 71 15.38 -4.43 -9.51
CA GLN A 71 15.90 -4.38 -10.87
C GLN A 71 15.96 -2.95 -11.38
ZN ZN B . -7.97 4.63 0.04
ZN ZN C . 4.03 -1.25 -2.65
N GLY A 1 5.48 -11.36 -31.37
CA GLY A 1 6.53 -10.55 -30.68
C GLY A 1 6.02 -9.88 -29.42
N SER A 2 5.28 -10.63 -28.62
CA SER A 2 4.73 -10.10 -27.37
C SER A 2 4.47 -11.22 -26.37
N ALA A 3 4.29 -10.85 -25.11
CA ALA A 3 4.03 -11.82 -24.06
C ALA A 3 2.95 -11.32 -23.11
N SER A 4 2.19 -12.25 -22.53
CA SER A 4 1.12 -11.88 -21.61
C SER A 4 1.69 -11.12 -20.42
N SER A 5 2.72 -11.68 -19.79
CA SER A 5 3.36 -11.04 -18.63
C SER A 5 2.33 -10.67 -17.55
N GLN A 6 1.82 -9.45 -17.60
CA GLN A 6 0.84 -8.98 -16.62
C GLN A 6 1.49 -8.71 -15.28
N VAL A 7 0.91 -7.79 -14.52
CA VAL A 7 1.43 -7.45 -13.21
C VAL A 7 0.30 -7.42 -12.18
N VAL A 8 0.57 -7.95 -10.99
CA VAL A 8 -0.44 -7.99 -9.93
C VAL A 8 0.01 -7.24 -8.68
N MET A 9 -0.96 -6.70 -7.95
CA MET A 9 -0.66 -5.95 -6.74
C MET A 9 -0.37 -6.89 -5.56
N PRO A 10 0.41 -6.41 -4.57
CA PRO A 10 0.77 -7.20 -3.39
C PRO A 10 -0.33 -7.17 -2.34
N PRO A 11 -0.34 -8.15 -1.41
CA PRO A 11 -1.36 -8.23 -0.36
C PRO A 11 -1.18 -7.14 0.70
N LEU A 12 -2.28 -6.72 1.31
CA LEU A 12 -2.23 -5.68 2.33
C LEU A 12 -2.03 -6.29 3.71
N VAL A 13 -1.42 -5.53 4.60
CA VAL A 13 -1.16 -5.99 5.96
C VAL A 13 -1.76 -5.03 6.98
N ARG A 14 -2.31 -5.59 8.05
CA ARG A 14 -2.94 -4.82 9.12
C ARG A 14 -4.31 -4.30 8.67
N GLY A 15 -4.65 -3.06 9.03
CA GLY A 15 -5.93 -2.49 8.64
C GLY A 15 -6.96 -2.57 9.74
N ALA A 16 -6.74 -3.44 10.71
CA ALA A 16 -7.67 -3.59 11.82
C ALA A 16 -6.94 -4.11 13.06
N GLN A 17 -6.51 -3.18 13.92
CA GLN A 17 -5.81 -3.55 15.13
C GLN A 17 -6.78 -3.85 16.27
N GLN A 18 -6.53 -4.94 16.97
CA GLN A 18 -7.38 -5.35 18.09
C GLN A 18 -7.26 -4.38 19.25
N LYS A 19 -6.15 -3.65 19.31
CA LYS A 19 -5.92 -2.68 20.37
C LYS A 19 -5.98 -1.25 19.84
N ASN A 20 -6.70 -0.39 20.57
CA ASN A 20 -6.85 1.02 20.17
C ASN A 20 -6.67 1.92 21.38
N GLY A 21 -5.56 2.65 21.41
CA GLY A 21 -5.29 3.54 22.53
C GLY A 21 -4.96 4.96 22.10
N ARG A 22 -5.47 5.92 22.88
CA ARG A 22 -5.23 7.33 22.61
C ARG A 22 -3.74 7.63 22.46
N GLY A 23 -3.42 8.69 21.73
CA GLY A 23 -2.03 9.07 21.52
C GLY A 23 -1.53 8.74 20.13
N SER A 24 -0.24 8.98 19.90
CA SER A 24 0.39 8.72 18.61
C SER A 24 -0.15 9.68 17.54
N ASP A 25 0.55 9.75 16.42
CA ASP A 25 0.14 10.64 15.33
C ASP A 25 -0.62 9.87 14.26
N SER A 26 -0.14 8.67 13.93
CA SER A 26 -0.78 7.85 12.91
C SER A 26 -0.62 8.45 11.52
N SER A 27 0.57 8.29 10.95
CA SER A 27 0.86 8.82 9.62
C SER A 27 0.79 7.73 8.56
N GLU A 28 -0.03 7.95 7.53
CA GLU A 28 -0.17 6.97 6.46
C GLU A 28 -0.48 7.67 5.12
N SER A 29 -1.77 7.76 4.77
CA SER A 29 -2.19 8.40 3.52
C SER A 29 -1.89 7.50 2.33
N CYS A 30 -2.92 7.27 1.50
CA CYS A 30 -2.76 6.42 0.31
C CYS A 30 -2.33 7.23 -0.89
N TRP A 31 -1.78 6.54 -1.87
CA TRP A 31 -1.33 7.18 -3.09
C TRP A 31 -2.55 7.61 -3.92
N ASN A 32 -3.68 6.93 -3.69
CA ASN A 32 -4.92 7.22 -4.41
C ASN A 32 -5.79 8.28 -3.71
N CYS A 33 -6.57 7.85 -2.71
CA CYS A 33 -7.45 8.76 -1.98
C CYS A 33 -6.67 9.72 -1.07
N GLY A 34 -5.62 9.23 -0.43
CA GLY A 34 -4.80 10.08 0.44
C GLY A 34 -5.28 10.13 1.89
N ARG A 35 -6.52 9.74 2.12
CA ARG A 35 -7.08 9.74 3.47
C ARG A 35 -6.33 8.77 4.37
N LYS A 36 -5.72 9.34 5.44
CA LYS A 36 -4.95 8.58 6.45
C LYS A 36 -5.36 7.12 6.57
N ALA A 37 -4.71 6.27 5.78
CA ALA A 37 -4.96 4.83 5.76
C ALA A 37 -4.47 4.15 7.04
N SER A 38 -5.02 2.95 7.28
CA SER A 38 -4.65 2.16 8.45
C SER A 38 -4.05 0.82 8.05
N GLU A 39 -3.63 0.71 6.78
CA GLU A 39 -3.04 -0.53 6.28
C GLU A 39 -1.76 -0.25 5.51
N THR A 40 -0.79 -1.16 5.60
CA THR A 40 0.49 -1.00 4.92
C THR A 40 0.69 -2.01 3.79
N CYS A 41 1.23 -1.55 2.66
CA CYS A 41 1.46 -2.41 1.50
C CYS A 41 2.58 -3.42 1.77
N SER A 42 2.27 -4.71 1.61
CA SER A 42 3.24 -5.78 1.84
C SER A 42 4.42 -5.73 0.88
N GLY A 43 4.16 -5.39 -0.38
CA GLY A 43 5.22 -5.35 -1.38
C GLY A 43 6.35 -4.36 -1.10
N CYS A 44 6.03 -3.16 -0.62
CA CYS A 44 7.09 -2.17 -0.35
C CYS A 44 7.10 -1.70 1.11
N ASN A 45 5.92 -1.68 1.74
CA ASN A 45 5.76 -1.26 3.14
C ASN A 45 5.66 0.26 3.28
N ALA A 46 6.30 1.00 2.38
CA ALA A 46 6.26 2.46 2.43
C ALA A 46 4.84 2.95 2.18
N ALA A 47 4.19 2.29 1.24
CA ALA A 47 2.82 2.62 0.87
C ALA A 47 1.82 2.27 1.96
N ARG A 48 0.81 3.11 2.15
CA ARG A 48 -0.21 2.88 3.15
C ARG A 48 -1.58 2.98 2.50
N TYR A 49 -2.31 1.87 2.44
CA TYR A 49 -3.64 1.85 1.81
C TYR A 49 -4.75 1.72 2.83
N CYS A 50 -5.92 2.26 2.49
CA CYS A 50 -7.07 2.19 3.38
C CYS A 50 -8.03 1.07 2.98
N GLY A 51 -7.86 0.50 1.79
CA GLY A 51 -8.74 -0.56 1.36
C GLY A 51 -8.38 -1.21 0.04
N SER A 52 -9.05 -2.33 -0.23
CA SER A 52 -8.85 -3.09 -1.46
C SER A 52 -9.17 -2.25 -2.70
N PHE A 53 -10.25 -1.49 -2.62
CA PHE A 53 -10.67 -0.64 -3.73
C PHE A 53 -9.59 0.40 -4.04
N CYS A 54 -9.12 1.02 -2.96
CA CYS A 54 -8.08 2.04 -3.06
C CYS A 54 -6.84 1.48 -3.73
N GLN A 55 -6.45 0.25 -3.35
CA GLN A 55 -5.27 -0.41 -3.93
C GLN A 55 -5.40 -0.58 -5.43
N HIS A 56 -6.59 -0.97 -5.88
CA HIS A 56 -6.85 -1.18 -7.30
C HIS A 56 -6.68 0.12 -8.09
N ARG A 57 -7.15 1.22 -7.51
CA ARG A 57 -7.07 2.54 -8.14
C ARG A 57 -5.66 3.02 -8.45
N ASP A 58 -4.71 2.78 -7.55
CA ASP A 58 -3.33 3.22 -7.77
C ASP A 58 -2.37 2.07 -8.06
N TRP A 59 -2.86 0.85 -8.15
CA TRP A 59 -1.97 -0.27 -8.42
C TRP A 59 -1.16 -0.11 -9.73
N GLU A 60 -1.80 0.22 -10.84
CA GLU A 60 -1.04 0.37 -12.08
C GLU A 60 0.05 1.42 -11.91
N LYS A 61 -0.26 2.44 -11.14
CA LYS A 61 0.69 3.53 -10.88
C LYS A 61 1.61 3.20 -9.70
N HIS A 62 1.32 2.10 -8.99
CA HIS A 62 2.12 1.72 -7.85
C HIS A 62 3.29 0.82 -8.22
N HIS A 63 3.03 -0.12 -9.12
CA HIS A 63 4.04 -1.06 -9.59
C HIS A 63 5.35 -0.39 -10.03
N HIS A 64 5.33 0.91 -10.32
CA HIS A 64 6.53 1.61 -10.74
C HIS A 64 7.41 2.03 -9.55
N VAL A 65 6.87 1.93 -8.33
CA VAL A 65 7.62 2.30 -7.12
C VAL A 65 7.70 1.13 -6.13
N CYS A 66 6.72 0.24 -6.19
CA CYS A 66 6.67 -0.92 -5.29
C CYS A 66 7.90 -1.80 -5.49
N GLY A 67 8.30 -2.49 -4.44
CA GLY A 67 9.46 -3.36 -4.51
C GLY A 67 10.78 -2.60 -4.53
N GLN A 68 10.75 -1.32 -4.15
CA GLN A 68 11.97 -0.52 -4.14
C GLN A 68 13.08 -1.24 -3.37
N SER A 69 12.84 -1.51 -2.08
CA SER A 69 13.83 -2.19 -1.26
C SER A 69 14.17 -3.56 -1.84
N LEU A 70 15.37 -4.04 -1.53
CA LEU A 70 15.83 -5.33 -2.02
C LEU A 70 14.98 -6.45 -1.41
N GLN A 71 14.65 -6.29 -0.14
CA GLN A 71 13.84 -7.27 0.59
C GLN A 71 14.66 -8.52 0.86
ZN ZN B . -7.28 5.21 0.49
ZN ZN C . 3.77 -1.30 -2.51
N GLY A 1 -1.93 -13.42 -28.17
CA GLY A 1 -1.12 -14.67 -28.12
C GLY A 1 -1.29 -15.43 -26.82
N SER A 2 -0.70 -16.61 -26.74
CA SER A 2 -0.80 -17.43 -25.55
C SER A 2 -0.15 -16.75 -24.35
N ALA A 3 0.77 -15.82 -24.61
CA ALA A 3 1.45 -15.09 -23.55
C ALA A 3 0.47 -14.27 -22.72
N SER A 4 0.68 -14.25 -21.41
CA SER A 4 -0.20 -13.49 -20.52
C SER A 4 0.56 -13.00 -19.28
N SER A 5 0.24 -11.79 -18.84
CA SER A 5 0.89 -11.19 -17.68
C SER A 5 -0.14 -10.83 -16.60
N GLN A 6 -0.74 -9.63 -16.73
CA GLN A 6 -1.74 -9.16 -15.78
C GLN A 6 -1.16 -8.99 -14.38
N VAL A 7 -0.21 -8.06 -14.26
CA VAL A 7 0.43 -7.78 -12.98
C VAL A 7 -0.62 -7.63 -11.86
N VAL A 8 -0.24 -8.00 -10.64
CA VAL A 8 -1.17 -7.93 -9.51
C VAL A 8 -0.62 -7.12 -8.34
N MET A 9 -1.53 -6.50 -7.60
CA MET A 9 -1.16 -5.68 -6.44
C MET A 9 -0.86 -6.57 -5.22
N PRO A 10 0.29 -6.36 -4.52
CA PRO A 10 0.65 -7.17 -3.34
C PRO A 10 -0.40 -7.10 -2.23
N PRO A 11 -0.61 -8.19 -1.46
CA PRO A 11 -1.58 -8.22 -0.37
C PRO A 11 -1.30 -7.17 0.70
N LEU A 12 -2.35 -6.67 1.34
CA LEU A 12 -2.23 -5.67 2.39
C LEU A 12 -2.03 -6.32 3.75
N VAL A 13 -1.55 -5.53 4.70
CA VAL A 13 -1.32 -6.03 6.05
C VAL A 13 -1.97 -5.08 7.06
N ARG A 14 -2.35 -5.62 8.22
CA ARG A 14 -2.98 -4.83 9.26
C ARG A 14 -4.41 -4.44 8.84
N GLY A 15 -4.86 -3.25 9.24
CA GLY A 15 -6.20 -2.82 8.88
C GLY A 15 -7.21 -3.02 10.00
N ALA A 16 -6.88 -3.89 10.95
CA ALA A 16 -7.77 -4.15 12.07
C ALA A 16 -8.26 -2.85 12.70
N GLN A 17 -9.56 -2.57 12.52
CA GLN A 17 -10.17 -1.37 13.06
C GLN A 17 -10.79 -1.63 14.43
N GLN A 18 -10.17 -2.52 15.20
CA GLN A 18 -10.68 -2.85 16.53
C GLN A 18 -10.66 -1.63 17.45
N LYS A 19 -9.60 -0.83 17.37
CA LYS A 19 -9.48 0.36 18.20
C LYS A 19 -9.49 -0.01 19.69
N ASN A 20 -10.64 0.11 20.35
CA ASN A 20 -10.73 -0.21 21.76
C ASN A 20 -9.68 0.56 22.54
N GLY A 21 -9.70 1.88 22.37
CA GLY A 21 -8.74 2.74 23.06
C GLY A 21 -7.63 3.21 22.13
N ARG A 22 -7.91 4.27 21.38
CA ARG A 22 -6.92 4.83 20.45
C ARG A 22 -5.86 5.62 21.21
N GLY A 23 -4.71 4.99 21.43
CA GLY A 23 -3.64 5.67 22.14
C GLY A 23 -2.64 6.36 21.22
N SER A 24 -2.79 7.68 21.10
CA SER A 24 -1.91 8.49 20.26
C SER A 24 -2.23 8.34 18.78
N ASP A 25 -2.22 9.47 18.08
CA ASP A 25 -2.50 9.50 16.65
C ASP A 25 -1.37 8.86 15.86
N SER A 26 -1.62 8.62 14.57
CA SER A 26 -0.62 8.02 13.69
C SER A 26 -0.71 8.59 12.28
N SER A 27 0.35 8.38 11.49
CA SER A 27 0.38 8.90 10.13
C SER A 27 0.48 7.76 9.12
N GLU A 28 -0.29 7.87 8.03
CA GLU A 28 -0.30 6.86 6.99
C GLU A 28 -0.56 7.48 5.61
N SER A 29 -1.84 7.64 5.26
CA SER A 29 -2.22 8.23 3.97
C SER A 29 -1.76 7.36 2.79
N CYS A 30 -2.64 7.21 1.80
CA CYS A 30 -2.34 6.41 0.62
C CYS A 30 -1.90 7.29 -0.54
N TRP A 31 -1.24 6.67 -1.50
CA TRP A 31 -0.76 7.39 -2.67
C TRP A 31 -1.95 7.70 -3.59
N ASN A 32 -3.07 6.99 -3.39
CA ASN A 32 -4.26 7.18 -4.20
C ASN A 32 -5.21 8.24 -3.62
N CYS A 33 -6.05 7.82 -2.66
CA CYS A 33 -7.01 8.72 -2.05
C CYS A 33 -6.33 9.76 -1.14
N GLY A 34 -5.28 9.35 -0.44
CA GLY A 34 -4.56 10.27 0.45
C GLY A 34 -5.14 10.32 1.86
N ARG A 35 -6.38 9.90 2.01
CA ARG A 35 -7.04 9.89 3.30
C ARG A 35 -6.54 8.75 4.18
N LYS A 36 -6.21 9.09 5.44
CA LYS A 36 -5.72 8.14 6.47
C LYS A 36 -5.97 6.68 6.11
N ALA A 37 -4.95 5.84 6.35
CA ALA A 37 -5.05 4.42 6.04
C ALA A 37 -4.65 3.54 7.22
N SER A 38 -5.37 2.44 7.41
CA SER A 38 -5.09 1.51 8.50
C SER A 38 -4.36 0.25 8.00
N GLU A 39 -3.97 0.24 6.73
CA GLU A 39 -3.27 -0.91 6.15
C GLU A 39 -2.04 -0.45 5.39
N THR A 40 -1.00 -1.28 5.39
CA THR A 40 0.25 -0.96 4.70
C THR A 40 0.55 -1.96 3.59
N CYS A 41 1.06 -1.46 2.46
CA CYS A 41 1.39 -2.30 1.32
C CYS A 41 2.55 -3.23 1.69
N SER A 42 2.36 -4.55 1.55
CA SER A 42 3.41 -5.50 1.86
C SER A 42 4.52 -5.47 0.82
N GLY A 43 4.19 -5.04 -0.39
CA GLY A 43 5.16 -4.97 -1.47
C GLY A 43 6.32 -4.03 -1.21
N CYS A 44 6.05 -2.86 -0.63
CA CYS A 44 7.10 -1.88 -0.35
C CYS A 44 7.10 -1.41 1.08
N ASN A 45 5.93 -1.45 1.73
CA ASN A 45 5.77 -1.02 3.13
C ASN A 45 5.58 0.50 3.24
N ALA A 46 6.20 1.26 2.34
CA ALA A 46 6.08 2.72 2.37
C ALA A 46 4.66 3.15 2.01
N ALA A 47 4.09 2.47 1.03
CA ALA A 47 2.73 2.76 0.56
C ALA A 47 1.68 2.35 1.59
N ARG A 48 1.06 3.32 2.26
CA ARG A 48 0.03 3.01 3.26
C ARG A 48 -1.34 3.05 2.59
N TYR A 49 -2.02 1.91 2.50
CA TYR A 49 -3.34 1.87 1.86
C TYR A 49 -4.46 1.72 2.87
N CYS A 50 -5.61 2.32 2.55
CA CYS A 50 -6.77 2.26 3.43
C CYS A 50 -7.72 1.14 3.01
N GLY A 51 -7.60 0.66 1.78
CA GLY A 51 -8.49 -0.40 1.34
C GLY A 51 -8.11 -1.02 0.00
N SER A 52 -8.63 -2.23 -0.21
CA SER A 52 -8.37 -2.98 -1.44
C SER A 52 -8.82 -2.18 -2.68
N PHE A 53 -9.96 -1.51 -2.56
CA PHE A 53 -10.49 -0.71 -3.68
C PHE A 53 -9.52 0.42 -4.01
N CYS A 54 -9.07 1.07 -2.94
CA CYS A 54 -8.13 2.20 -3.06
C CYS A 54 -6.85 1.72 -3.75
N GLN A 55 -6.35 0.57 -3.30
CA GLN A 55 -5.15 -0.03 -3.86
C GLN A 55 -5.32 -0.34 -5.34
N HIS A 56 -6.49 -0.83 -5.71
CA HIS A 56 -6.77 -1.18 -7.10
C HIS A 56 -6.67 0.07 -7.99
N ARG A 57 -7.17 1.19 -7.49
CA ARG A 57 -7.15 2.45 -8.22
C ARG A 57 -5.74 2.90 -8.58
N ASP A 58 -4.78 2.69 -7.67
CA ASP A 58 -3.39 3.11 -7.94
C ASP A 58 -2.44 1.94 -8.16
N TRP A 59 -2.95 0.71 -8.14
CA TRP A 59 -2.07 -0.44 -8.35
C TRP A 59 -1.29 -0.39 -9.67
N GLU A 60 -1.94 -0.13 -10.79
CA GLU A 60 -1.22 -0.08 -12.07
C GLU A 60 -0.11 0.96 -12.01
N LYS A 61 -0.41 2.07 -11.37
CA LYS A 61 0.55 3.15 -11.22
C LYS A 61 1.47 2.92 -10.01
N HIS A 62 1.21 1.88 -9.22
CA HIS A 62 2.02 1.61 -8.04
C HIS A 62 3.21 0.71 -8.36
N HIS A 63 2.96 -0.30 -9.18
CA HIS A 63 4.00 -1.26 -9.58
C HIS A 63 5.28 -0.59 -10.09
N HIS A 64 5.19 0.67 -10.50
CA HIS A 64 6.37 1.37 -11.00
C HIS A 64 7.27 1.85 -9.86
N VAL A 65 6.73 1.92 -8.64
CA VAL A 65 7.50 2.35 -7.48
C VAL A 65 7.65 1.24 -6.42
N CYS A 66 6.69 0.32 -6.38
CA CYS A 66 6.72 -0.77 -5.41
C CYS A 66 8.02 -1.57 -5.51
N GLY A 67 8.44 -2.15 -4.39
CA GLY A 67 9.66 -2.93 -4.35
C GLY A 67 10.87 -2.12 -3.88
N GLN A 68 10.71 -0.80 -3.77
CA GLN A 68 11.79 0.06 -3.33
C GLN A 68 11.76 0.27 -1.80
N SER A 69 11.44 -0.79 -1.07
CA SER A 69 11.39 -0.70 0.39
C SER A 69 12.78 -0.48 0.96
N LEU A 70 12.85 0.20 2.09
CA LEU A 70 14.14 0.47 2.74
C LEU A 70 14.34 -0.39 3.99
N GLN A 71 13.34 -1.19 4.35
CA GLN A 71 13.43 -2.04 5.52
C GLN A 71 14.31 -3.27 5.24
ZN ZN B . -6.87 5.20 0.51
ZN ZN C . 3.83 -1.17 -2.62
N GLY A 1 5.91 -9.61 -24.08
CA GLY A 1 4.87 -8.58 -23.82
C GLY A 1 3.66 -9.16 -23.09
N SER A 2 3.39 -10.44 -23.31
CA SER A 2 2.26 -11.11 -22.66
C SER A 2 2.72 -12.33 -21.87
N ALA A 3 2.11 -12.52 -20.71
CA ALA A 3 2.44 -13.65 -19.84
C ALA A 3 3.90 -13.64 -19.41
N SER A 4 4.59 -12.52 -19.63
CA SER A 4 6.00 -12.41 -19.25
C SER A 4 6.16 -12.53 -17.74
N SER A 5 5.26 -11.86 -17.01
CA SER A 5 5.28 -11.87 -15.56
C SER A 5 3.93 -11.46 -14.99
N GLN A 6 3.29 -10.49 -15.65
CA GLN A 6 1.98 -9.98 -15.25
C GLN A 6 2.14 -8.97 -14.12
N VAL A 7 1.13 -8.13 -13.91
CA VAL A 7 1.19 -7.13 -12.85
C VAL A 7 0.36 -7.57 -11.65
N VAL A 8 0.93 -8.49 -10.88
CA VAL A 8 0.28 -9.03 -9.69
C VAL A 8 0.02 -7.96 -8.64
N MET A 9 -1.21 -7.93 -8.13
CA MET A 9 -1.60 -6.96 -7.11
C MET A 9 -1.15 -7.43 -5.71
N PRO A 10 -0.34 -6.62 -4.98
CA PRO A 10 0.13 -7.00 -3.64
C PRO A 10 -0.96 -6.91 -2.56
N PRO A 11 -0.89 -7.77 -1.52
CA PRO A 11 -1.87 -7.77 -0.42
C PRO A 11 -1.58 -6.71 0.63
N LEU A 12 -2.63 -6.24 1.29
CA LEU A 12 -2.49 -5.23 2.32
C LEU A 12 -2.16 -5.87 3.65
N VAL A 13 -1.54 -5.10 4.54
CA VAL A 13 -1.16 -5.60 5.84
C VAL A 13 -1.77 -4.76 6.95
N ARG A 14 -2.32 -5.42 7.96
CA ARG A 14 -2.94 -4.73 9.09
C ARG A 14 -1.90 -3.91 9.85
N GLY A 15 -2.27 -2.70 10.24
CA GLY A 15 -1.36 -1.85 10.98
C GLY A 15 -0.07 -1.57 10.21
N ALA A 16 1.02 -2.15 10.70
CA ALA A 16 2.33 -1.99 10.08
C ALA A 16 3.29 -3.07 10.56
N GLN A 17 4.28 -2.70 11.38
CA GLN A 17 5.24 -3.68 11.89
C GLN A 17 5.17 -3.75 13.41
N GLN A 18 4.01 -4.15 13.92
CA GLN A 18 3.78 -4.27 15.36
C GLN A 18 4.13 -2.97 16.08
N LYS A 19 3.42 -1.90 15.73
CA LYS A 19 3.65 -0.59 16.34
C LYS A 19 2.38 -0.03 16.99
N ASN A 20 2.42 0.11 18.31
CA ASN A 20 1.29 0.63 19.06
C ASN A 20 0.05 -0.25 18.91
N GLY A 21 -1.08 0.23 19.41
CA GLY A 21 -2.32 -0.51 19.33
C GLY A 21 -3.05 -0.34 18.02
N ARG A 22 -2.48 -0.89 16.95
CA ARG A 22 -3.06 -0.83 15.61
C ARG A 22 -2.92 0.55 14.98
N GLY A 23 -3.55 1.56 15.58
CA GLY A 23 -3.48 2.90 15.04
C GLY A 23 -3.21 3.97 16.09
N SER A 24 -1.93 4.22 16.36
CA SER A 24 -1.54 5.22 17.35
C SER A 24 -0.09 5.65 17.16
N ASP A 25 0.13 6.97 17.09
CA ASP A 25 1.48 7.51 16.91
C ASP A 25 2.18 6.82 15.74
N SER A 26 1.57 6.88 14.56
CA SER A 26 2.13 6.25 13.37
C SER A 26 1.82 7.09 12.14
N SER A 27 2.51 6.80 11.04
CA SER A 27 2.32 7.52 9.79
C SER A 27 1.19 6.89 8.96
N GLU A 28 0.16 7.68 8.67
CA GLU A 28 -0.97 7.18 7.89
C GLU A 28 -1.12 7.97 6.58
N SER A 29 -1.44 7.26 5.50
CA SER A 29 -1.63 7.88 4.20
C SER A 29 -2.12 6.87 3.15
N CYS A 30 -2.94 7.34 2.22
CA CYS A 30 -3.47 6.46 1.16
C CYS A 30 -2.89 6.88 -0.19
N TRP A 31 -2.23 5.97 -0.91
CA TRP A 31 -1.66 6.37 -2.20
C TRP A 31 -2.74 6.73 -3.21
N ASN A 32 -3.95 6.25 -3.00
CA ASN A 32 -5.05 6.54 -3.92
C ASN A 32 -5.77 7.84 -3.59
N CYS A 33 -6.71 7.80 -2.64
CA CYS A 33 -7.47 8.98 -2.24
C CYS A 33 -6.67 9.95 -1.35
N GLY A 34 -5.60 9.47 -0.72
CA GLY A 34 -4.80 10.35 0.13
C GLY A 34 -5.29 10.46 1.56
N ARG A 35 -6.36 9.74 1.89
CA ARG A 35 -6.92 9.78 3.24
C ARG A 35 -6.34 8.68 4.12
N LYS A 36 -5.86 9.07 5.31
CA LYS A 36 -5.27 8.15 6.29
C LYS A 36 -5.93 6.77 6.27
N ALA A 37 -5.20 5.74 6.69
CA ALA A 37 -5.72 4.37 6.69
C ALA A 37 -5.38 3.60 7.96
N SER A 38 -4.17 3.00 7.96
CA SER A 38 -3.61 2.18 9.07
C SER A 38 -3.14 0.81 8.57
N GLU A 39 -2.87 0.70 7.26
CA GLU A 39 -2.41 -0.54 6.66
C GLU A 39 -1.23 -0.25 5.73
N THR A 40 -0.29 -1.20 5.61
CA THR A 40 0.87 -0.99 4.74
C THR A 40 1.01 -2.06 3.66
N CYS A 41 1.53 -1.61 2.51
CA CYS A 41 1.75 -2.49 1.36
C CYS A 41 2.84 -3.52 1.67
N SER A 42 2.50 -4.79 1.53
CA SER A 42 3.44 -5.87 1.78
C SER A 42 4.65 -5.83 0.84
N GLY A 43 4.41 -5.47 -0.42
CA GLY A 43 5.48 -5.40 -1.40
C GLY A 43 6.63 -4.46 -1.06
N CYS A 44 6.36 -3.25 -0.58
CA CYS A 44 7.44 -2.31 -0.25
C CYS A 44 7.45 -1.89 1.21
N ASN A 45 6.29 -1.99 1.87
CA ASN A 45 6.16 -1.61 3.28
C ASN A 45 6.04 -0.09 3.49
N ALA A 46 6.63 0.69 2.58
CA ALA A 46 6.58 2.15 2.69
C ALA A 46 5.17 2.67 2.40
N ALA A 47 4.53 2.07 1.39
CA ALA A 47 3.19 2.46 0.99
C ALA A 47 2.12 2.08 2.01
N ARG A 48 1.06 2.87 2.07
CA ARG A 48 -0.05 2.64 2.97
C ARG A 48 -1.36 2.87 2.22
N TYR A 49 -2.29 1.91 2.31
CA TYR A 49 -3.57 2.02 1.60
C TYR A 49 -4.77 2.02 2.56
N CYS A 50 -5.87 2.64 2.13
CA CYS A 50 -7.07 2.71 2.95
C CYS A 50 -8.21 1.81 2.47
N GLY A 51 -8.16 1.35 1.21
CA GLY A 51 -9.24 0.50 0.75
C GLY A 51 -8.91 -0.36 -0.46
N SER A 52 -9.67 -1.43 -0.60
CA SER A 52 -9.52 -2.38 -1.71
C SER A 52 -9.75 -1.70 -3.06
N PHE A 53 -10.76 -0.85 -3.13
CA PHE A 53 -11.04 -0.15 -4.39
C PHE A 53 -9.96 0.88 -4.67
N CYS A 54 -9.48 1.51 -3.61
CA CYS A 54 -8.43 2.51 -3.72
C CYS A 54 -7.15 1.91 -4.31
N GLN A 55 -6.73 0.78 -3.75
CA GLN A 55 -5.52 0.11 -4.22
C GLN A 55 -5.66 -0.46 -5.62
N HIS A 56 -6.86 -0.87 -6.01
CA HIS A 56 -7.07 -1.43 -7.33
C HIS A 56 -6.71 -0.43 -8.45
N ARG A 57 -7.20 0.79 -8.34
CA ARG A 57 -6.92 1.81 -9.36
C ARG A 57 -5.49 2.34 -9.29
N ASP A 58 -5.05 2.70 -8.08
CA ASP A 58 -3.70 3.23 -7.88
C ASP A 58 -2.60 2.21 -8.14
N TRP A 59 -2.85 0.95 -7.76
CA TRP A 59 -1.87 -0.12 -7.94
C TRP A 59 -1.15 -0.09 -9.29
N GLU A 60 -1.84 0.18 -10.39
CA GLU A 60 -1.16 0.21 -11.68
C GLU A 60 -0.04 1.24 -11.65
N LYS A 61 -0.30 2.34 -10.97
CA LYS A 61 0.67 3.40 -10.85
C LYS A 61 1.64 3.14 -9.69
N HIS A 62 1.37 2.14 -8.85
CA HIS A 62 2.23 1.85 -7.72
C HIS A 62 3.35 0.88 -8.10
N HIS A 63 3.02 -0.09 -8.94
CA HIS A 63 3.98 -1.09 -9.39
C HIS A 63 5.27 -0.48 -9.94
N HIS A 64 5.23 0.79 -10.32
CA HIS A 64 6.43 1.45 -10.85
C HIS A 64 7.35 1.94 -9.73
N VAL A 65 6.80 2.09 -8.53
CA VAL A 65 7.57 2.55 -7.38
C VAL A 65 7.81 1.43 -6.36
N CYS A 66 6.91 0.45 -6.32
CA CYS A 66 7.02 -0.67 -5.40
C CYS A 66 8.35 -1.39 -5.59
N GLY A 67 8.86 -1.97 -4.51
CA GLY A 67 10.12 -2.67 -4.54
C GLY A 67 11.27 -1.81 -4.03
N GLN A 68 11.09 -0.49 -4.11
CA GLN A 68 12.10 0.45 -3.64
C GLN A 68 12.18 0.44 -2.12
N SER A 69 11.00 0.32 -1.49
CA SER A 69 10.87 0.29 -0.03
C SER A 69 10.87 1.71 0.54
N LEU A 70 11.20 1.84 1.82
CA LEU A 70 11.24 3.15 2.46
C LEU A 70 12.36 4.00 1.87
N GLN A 71 12.17 5.32 1.86
CA GLN A 71 13.16 6.24 1.31
C GLN A 71 13.79 7.07 2.42
ZN ZN B . -8.08 5.61 -0.05
ZN ZN C . 4.25 -1.28 -2.53
N GLY A 1 11.46 -4.88 -17.10
CA GLY A 1 12.71 -5.45 -17.67
C GLY A 1 12.46 -6.30 -18.90
N SER A 2 12.47 -7.61 -18.71
CA SER A 2 12.23 -8.54 -19.82
C SER A 2 10.74 -8.81 -20.02
N ALA A 3 9.91 -8.31 -19.11
CA ALA A 3 8.46 -8.50 -19.22
C ALA A 3 8.10 -9.95 -18.92
N SER A 4 6.79 -10.23 -18.91
CA SER A 4 6.30 -11.57 -18.64
C SER A 4 4.81 -11.67 -18.89
N SER A 5 4.04 -10.91 -18.11
CA SER A 5 2.58 -10.89 -18.24
C SER A 5 1.98 -9.74 -17.44
N GLN A 6 0.66 -9.71 -17.35
CA GLN A 6 -0.04 -8.66 -16.62
C GLN A 6 0.52 -8.55 -15.20
N VAL A 7 0.70 -7.31 -14.75
CA VAL A 7 1.23 -7.06 -13.41
C VAL A 7 0.15 -7.18 -12.35
N VAL A 8 0.50 -7.79 -11.22
CA VAL A 8 -0.45 -7.98 -10.13
C VAL A 8 0.02 -7.29 -8.86
N MET A 9 -0.94 -6.81 -8.06
CA MET A 9 -0.62 -6.13 -6.81
C MET A 9 -0.45 -7.12 -5.66
N PRO A 10 0.40 -6.78 -4.66
CA PRO A 10 0.63 -7.65 -3.51
C PRO A 10 -0.46 -7.48 -2.43
N PRO A 11 -0.71 -8.53 -1.62
CA PRO A 11 -1.72 -8.45 -0.55
C PRO A 11 -1.39 -7.37 0.47
N LEU A 12 -2.42 -6.78 1.08
CA LEU A 12 -2.23 -5.73 2.08
C LEU A 12 -2.05 -6.34 3.46
N VAL A 13 -1.48 -5.55 4.36
CA VAL A 13 -1.26 -6.00 5.73
C VAL A 13 -1.84 -5.01 6.72
N ARG A 14 -2.23 -5.50 7.89
CA ARG A 14 -2.82 -4.67 8.94
C ARG A 14 -4.24 -4.24 8.54
N GLY A 15 -4.70 -3.10 9.07
CA GLY A 15 -6.05 -2.63 8.76
C GLY A 15 -7.13 -3.27 9.62
N ALA A 16 -6.92 -4.51 10.06
CA ALA A 16 -7.89 -5.20 10.89
C ALA A 16 -8.06 -4.52 12.23
N GLN A 17 -6.94 -4.11 12.82
CA GLN A 17 -6.94 -3.44 14.12
C GLN A 17 -5.50 -3.28 14.62
N GLN A 18 -5.00 -2.05 14.61
CA GLN A 18 -3.64 -1.78 15.08
C GLN A 18 -3.66 -1.33 16.53
N LYS A 19 -3.94 -0.06 16.75
CA LYS A 19 -3.99 0.50 18.09
C LYS A 19 -5.20 1.42 18.26
N ASN A 20 -5.28 2.10 19.40
CA ASN A 20 -6.38 3.00 19.67
C ASN A 20 -5.99 4.43 19.30
N GLY A 21 -4.87 4.89 19.86
CA GLY A 21 -4.40 6.22 19.58
C GLY A 21 -3.48 6.76 20.68
N ARG A 22 -2.75 5.86 21.33
CA ARG A 22 -1.84 6.24 22.40
C ARG A 22 -0.77 7.21 21.90
N GLY A 23 -0.41 7.10 20.63
CA GLY A 23 0.59 7.98 20.06
C GLY A 23 0.04 8.77 18.89
N SER A 24 0.61 8.54 17.70
CA SER A 24 0.18 9.24 16.50
C SER A 24 0.71 8.54 15.26
N ASP A 25 0.04 8.73 14.13
CA ASP A 25 0.47 8.10 12.89
C ASP A 25 1.30 9.07 12.05
N SER A 26 2.42 8.57 11.51
CA SER A 26 3.29 9.40 10.69
C SER A 26 3.59 8.74 9.34
N SER A 27 3.68 9.57 8.30
CA SER A 27 3.96 9.08 6.96
C SER A 27 2.84 8.16 6.48
N GLU A 28 1.62 8.69 6.43
CA GLU A 28 0.45 7.94 6.00
C GLU A 28 -0.11 8.53 4.70
N SER A 29 -1.40 8.32 4.45
CA SER A 29 -2.07 8.84 3.25
C SER A 29 -1.81 7.92 2.04
N CYS A 30 -2.89 7.48 1.40
CA CYS A 30 -2.77 6.61 0.23
C CYS A 30 -2.37 7.40 -0.99
N TRP A 31 -1.85 6.70 -1.96
CA TRP A 31 -1.44 7.32 -3.20
C TRP A 31 -2.70 7.68 -4.00
N ASN A 32 -3.80 7.00 -3.69
CA ASN A 32 -5.09 7.23 -4.35
C ASN A 32 -5.94 8.31 -3.68
N CYS A 33 -6.57 7.96 -2.55
CA CYS A 33 -7.43 8.90 -1.82
C CYS A 33 -6.64 9.83 -0.91
N GLY A 34 -5.69 9.30 -0.16
CA GLY A 34 -4.88 10.11 0.74
C GLY A 34 -5.52 10.29 2.12
N ARG A 35 -6.82 10.07 2.21
CA ARG A 35 -7.54 10.20 3.47
C ARG A 35 -7.24 9.06 4.42
N LYS A 36 -6.83 9.43 5.66
CA LYS A 36 -6.48 8.51 6.76
C LYS A 36 -6.22 7.06 6.32
N ALA A 37 -4.99 6.61 6.50
CA ALA A 37 -4.61 5.25 6.13
C ALA A 37 -5.19 4.23 7.10
N SER A 38 -4.58 3.04 7.15
CA SER A 38 -5.06 1.97 8.05
C SER A 38 -4.31 0.65 7.81
N GLU A 39 -3.77 0.49 6.60
CA GLU A 39 -3.04 -0.71 6.24
C GLU A 39 -1.85 -0.35 5.36
N THR A 40 -0.83 -1.21 5.33
CA THR A 40 0.37 -0.96 4.53
C THR A 40 0.54 -2.00 3.43
N CYS A 41 0.97 -1.55 2.25
CA CYS A 41 1.17 -2.45 1.12
C CYS A 41 2.33 -3.40 1.37
N SER A 42 2.11 -4.69 1.16
CA SER A 42 3.16 -5.67 1.36
C SER A 42 4.29 -5.44 0.37
N GLY A 43 5.32 -6.27 0.43
CA GLY A 43 6.44 -6.12 -0.47
C GLY A 43 7.26 -4.87 -0.23
N CYS A 44 6.73 -3.72 -0.67
CA CYS A 44 7.44 -2.45 -0.50
C CYS A 44 7.35 -1.97 0.96
N ASN A 45 6.19 -2.19 1.57
CA ASN A 45 5.98 -1.79 2.96
C ASN A 45 6.23 -0.30 3.14
N ALA A 46 6.12 0.45 2.05
CA ALA A 46 6.33 1.89 2.05
C ALA A 46 5.02 2.61 1.85
N ALA A 47 4.20 2.03 0.99
CA ALA A 47 2.89 2.57 0.65
C ALA A 47 1.87 2.33 1.77
N ARG A 48 1.11 3.37 2.12
CA ARG A 48 0.10 3.25 3.16
C ARG A 48 -1.28 3.34 2.53
N TYR A 49 -2.03 2.24 2.57
CA TYR A 49 -3.37 2.21 1.98
C TYR A 49 -4.45 2.10 3.05
N CYS A 50 -5.66 2.55 2.70
CA CYS A 50 -6.79 2.50 3.63
C CYS A 50 -7.77 1.39 3.25
N GLY A 51 -7.62 0.82 2.06
CA GLY A 51 -8.53 -0.25 1.65
C GLY A 51 -8.13 -0.93 0.35
N SER A 52 -8.71 -2.12 0.16
CA SER A 52 -8.45 -2.92 -1.03
C SER A 52 -8.82 -2.14 -2.30
N PHE A 53 -9.88 -1.34 -2.20
CA PHE A 53 -10.34 -0.54 -3.33
C PHE A 53 -9.29 0.49 -3.71
N CYS A 54 -8.66 1.06 -2.68
CA CYS A 54 -7.62 2.06 -2.88
C CYS A 54 -6.41 1.45 -3.59
N GLN A 55 -6.04 0.24 -3.18
CA GLN A 55 -4.91 -0.45 -3.80
C GLN A 55 -5.11 -0.68 -5.29
N HIS A 56 -6.29 -1.16 -5.66
CA HIS A 56 -6.61 -1.43 -7.06
C HIS A 56 -6.56 -0.17 -7.93
N ARG A 57 -7.12 0.91 -7.42
CA ARG A 57 -7.17 2.18 -8.15
C ARG A 57 -5.77 2.72 -8.45
N ASP A 58 -4.87 2.65 -7.49
CA ASP A 58 -3.51 3.16 -7.69
C ASP A 58 -2.49 2.05 -7.94
N TRP A 59 -2.96 0.83 -8.10
CA TRP A 59 -2.04 -0.29 -8.34
C TRP A 59 -1.21 -0.10 -9.61
N GLU A 60 -1.87 0.23 -10.73
CA GLU A 60 -1.15 0.41 -11.99
C GLU A 60 -0.08 1.48 -11.84
N LYS A 61 -0.43 2.51 -11.08
CA LYS A 61 0.48 3.61 -10.83
C LYS A 61 1.41 3.32 -9.65
N HIS A 62 1.18 2.21 -8.94
CA HIS A 62 2.01 1.88 -7.79
C HIS A 62 3.23 1.03 -8.12
N HIS A 63 3.05 0.05 -8.99
CA HIS A 63 4.13 -0.86 -9.41
C HIS A 63 5.43 -0.15 -9.80
N HIS A 64 5.38 1.12 -10.20
CA HIS A 64 6.60 1.81 -10.58
C HIS A 64 7.48 2.12 -9.36
N VAL A 65 6.92 1.93 -8.15
CA VAL A 65 7.65 2.18 -6.91
C VAL A 65 7.70 0.94 -6.03
N CYS A 66 6.71 0.05 -6.17
CA CYS A 66 6.66 -1.17 -5.37
C CYS A 66 7.90 -2.02 -5.65
N GLY A 67 8.33 -2.78 -4.66
CA GLY A 67 9.49 -3.61 -4.82
C GLY A 67 10.80 -2.87 -4.64
N GLN A 68 10.72 -1.58 -4.31
CA GLN A 68 11.91 -0.75 -4.11
C GLN A 68 12.80 -0.74 -5.35
N SER A 69 13.75 -1.68 -5.41
CA SER A 69 14.66 -1.77 -6.54
C SER A 69 15.46 -3.08 -6.49
N LEU A 70 16.55 -3.07 -5.75
CA LEU A 70 17.40 -4.25 -5.62
C LEU A 70 17.76 -4.81 -6.99
N GLN A 71 18.22 -3.93 -7.87
CA GLN A 71 18.60 -4.32 -9.23
C GLN A 71 20.06 -3.99 -9.50
ZN ZN B . -7.31 5.38 0.66
ZN ZN C . 3.69 -1.58 -2.68
N GLY A 1 -2.64 -15.74 -11.71
CA GLY A 1 -2.12 -14.96 -12.86
C GLY A 1 -2.40 -15.64 -14.19
N SER A 2 -2.48 -14.85 -15.26
CA SER A 2 -2.75 -15.37 -16.58
C SER A 2 -1.63 -16.33 -17.02
N ALA A 3 -0.39 -15.96 -16.73
CA ALA A 3 0.76 -16.78 -17.10
C ALA A 3 2.00 -16.36 -16.32
N SER A 4 2.66 -15.30 -16.79
CA SER A 4 3.86 -14.80 -16.13
C SER A 4 4.14 -13.36 -16.55
N SER A 5 4.91 -12.64 -15.73
CA SER A 5 5.25 -11.26 -16.03
C SER A 5 4.03 -10.35 -15.91
N GLN A 6 2.98 -10.83 -15.25
CA GLN A 6 1.76 -10.07 -15.06
C GLN A 6 1.93 -9.10 -13.90
N VAL A 7 1.21 -7.97 -13.94
CA VAL A 7 1.31 -7.00 -12.87
C VAL A 7 0.38 -7.41 -11.73
N VAL A 8 0.90 -8.23 -10.84
CA VAL A 8 0.15 -8.74 -9.70
C VAL A 8 0.06 -7.75 -8.55
N MET A 9 -1.17 -7.49 -8.11
CA MET A 9 -1.44 -6.58 -7.01
C MET A 9 -1.46 -7.32 -5.66
N PRO A 10 -0.50 -7.02 -4.74
CA PRO A 10 -0.44 -7.69 -3.43
C PRO A 10 -1.45 -7.10 -2.42
N PRO A 11 -1.82 -7.87 -1.38
CA PRO A 11 -2.77 -7.41 -0.36
C PRO A 11 -2.14 -6.43 0.65
N LEU A 12 -2.98 -5.62 1.29
CA LEU A 12 -2.50 -4.65 2.27
C LEU A 12 -2.59 -5.21 3.70
N VAL A 13 -1.46 -5.18 4.40
CA VAL A 13 -1.37 -5.68 5.78
C VAL A 13 -1.66 -4.57 6.78
N ARG A 14 -1.92 -4.94 8.04
CA ARG A 14 -2.20 -3.96 9.08
C ARG A 14 -0.97 -3.09 9.36
N GLY A 15 -1.20 -1.80 9.56
CA GLY A 15 -0.09 -0.89 9.83
C GLY A 15 0.31 -0.85 11.29
N ALA A 16 1.57 -0.51 11.54
CA ALA A 16 2.09 -0.43 12.89
C ALA A 16 2.19 1.02 13.36
N GLN A 17 2.39 1.21 14.67
CA GLN A 17 2.49 2.54 15.26
C GLN A 17 3.62 2.57 16.27
N GLN A 18 4.04 3.78 16.65
CA GLN A 18 5.13 3.93 17.62
C GLN A 18 4.59 4.12 19.04
N LYS A 19 3.40 4.69 19.14
CA LYS A 19 2.77 4.93 20.44
C LYS A 19 1.33 4.44 20.44
N ASN A 20 0.83 4.06 21.61
CA ASN A 20 -0.54 3.57 21.73
C ASN A 20 -1.53 4.74 21.66
N GLY A 21 -1.85 5.33 22.81
CA GLY A 21 -2.79 6.44 22.85
C GLY A 21 -4.23 5.97 22.94
N ARG A 22 -5.08 6.79 23.56
CA ARG A 22 -6.49 6.46 23.71
C ARG A 22 -7.21 6.65 22.38
N GLY A 23 -7.25 7.90 21.93
CA GLY A 23 -7.89 8.21 20.67
C GLY A 23 -7.25 7.50 19.50
N SER A 24 -5.92 7.40 19.56
CA SER A 24 -5.17 6.74 18.49
C SER A 24 -5.51 7.35 17.14
N ASP A 25 -5.09 8.60 16.94
CA ASP A 25 -5.36 9.29 15.69
C ASP A 25 -4.80 8.50 14.51
N SER A 26 -5.59 8.39 13.45
CA SER A 26 -5.16 7.64 12.26
C SER A 26 -4.47 8.57 11.27
N SER A 27 -3.15 8.75 11.43
CA SER A 27 -2.38 9.60 10.54
C SER A 27 -1.52 8.75 9.62
N GLU A 28 -1.47 9.14 8.34
CA GLU A 28 -0.68 8.42 7.35
C GLU A 28 -0.96 8.92 5.93
N SER A 29 -2.22 8.80 5.50
CA SER A 29 -2.64 9.24 4.18
C SER A 29 -2.18 8.21 3.13
N CYS A 30 -3.10 7.82 2.25
CA CYS A 30 -2.77 6.83 1.22
C CYS A 30 -2.15 7.46 -0.02
N TRP A 31 -1.47 6.62 -0.77
CA TRP A 31 -0.82 7.03 -2.01
C TRP A 31 -1.86 7.14 -3.13
N ASN A 32 -2.95 6.38 -2.98
CA ASN A 32 -4.01 6.39 -3.98
C ASN A 32 -5.07 7.47 -3.71
N CYS A 33 -5.99 7.22 -2.77
CA CYS A 33 -7.03 8.19 -2.47
C CYS A 33 -6.54 9.25 -1.46
N GLY A 34 -5.71 8.84 -0.50
CA GLY A 34 -5.17 9.78 0.48
C GLY A 34 -6.03 9.99 1.72
N ARG A 35 -7.21 9.38 1.75
CA ARG A 35 -8.11 9.51 2.88
C ARG A 35 -7.88 8.42 3.94
N LYS A 36 -7.43 8.86 5.12
CA LYS A 36 -7.16 7.98 6.28
C LYS A 36 -6.70 6.57 5.92
N ALA A 37 -5.42 6.29 6.15
CA ALA A 37 -4.86 4.98 5.85
C ALA A 37 -5.30 3.94 6.87
N SER A 38 -4.58 2.82 6.95
CA SER A 38 -4.91 1.74 7.89
C SER A 38 -4.09 0.47 7.60
N GLU A 39 -3.62 0.34 6.37
CA GLU A 39 -2.83 -0.82 5.97
C GLU A 39 -1.69 -0.42 5.04
N THR A 40 -0.71 -1.30 4.88
CA THR A 40 0.44 -1.04 4.02
C THR A 40 0.66 -2.16 2.99
N CYS A 41 1.39 -1.81 1.93
CA CYS A 41 1.69 -2.78 0.87
C CYS A 41 2.60 -3.88 1.38
N SER A 42 2.18 -5.13 1.23
CA SER A 42 2.99 -6.25 1.69
C SER A 42 4.27 -6.41 0.88
N GLY A 43 4.20 -6.08 -0.42
CA GLY A 43 5.37 -6.21 -1.28
C GLY A 43 6.53 -5.30 -0.93
N CYS A 44 6.25 -4.03 -0.60
CA CYS A 44 7.31 -3.08 -0.26
C CYS A 44 7.04 -2.34 1.07
N ASN A 45 5.78 -2.23 1.44
CA ASN A 45 5.40 -1.55 2.68
C ASN A 45 5.86 -0.09 2.66
N ALA A 46 5.99 0.45 1.47
CA ALA A 46 6.42 1.83 1.28
C ALA A 46 5.21 2.73 1.10
N ALA A 47 4.23 2.23 0.38
CA ALA A 47 3.01 2.96 0.11
C ALA A 47 2.01 2.78 1.24
N ARG A 48 1.09 3.74 1.39
CA ARG A 48 0.07 3.67 2.43
C ARG A 48 -1.30 3.44 1.81
N TYR A 49 -2.04 2.48 2.37
CA TYR A 49 -3.37 2.15 1.86
C TYR A 49 -4.45 2.15 2.94
N CYS A 50 -5.68 2.47 2.55
CA CYS A 50 -6.80 2.50 3.49
C CYS A 50 -7.79 1.36 3.21
N GLY A 51 -7.64 0.72 2.05
CA GLY A 51 -8.54 -0.38 1.71
C GLY A 51 -8.15 -1.10 0.43
N SER A 52 -8.80 -2.25 0.21
CA SER A 52 -8.55 -3.07 -0.97
C SER A 52 -8.88 -2.31 -2.26
N PHE A 53 -9.99 -1.57 -2.24
CA PHE A 53 -10.41 -0.81 -3.41
C PHE A 53 -9.41 0.31 -3.70
N CYS A 54 -8.90 0.93 -2.65
CA CYS A 54 -7.94 2.02 -2.77
C CYS A 54 -6.71 1.52 -3.54
N GLN A 55 -6.22 0.34 -3.16
CA GLN A 55 -5.04 -0.23 -3.82
C GLN A 55 -5.26 -0.47 -5.31
N HIS A 56 -6.42 -1.01 -5.66
CA HIS A 56 -6.72 -1.28 -7.07
C HIS A 56 -6.73 0.01 -7.88
N ARG A 57 -7.25 1.07 -7.28
CA ARG A 57 -7.35 2.37 -7.93
C ARG A 57 -5.98 2.92 -8.38
N ASP A 58 -4.93 2.74 -7.58
CA ASP A 58 -3.60 3.27 -7.98
C ASP A 58 -2.50 2.22 -8.08
N TRP A 59 -2.83 0.95 -7.89
CA TRP A 59 -1.82 -0.10 -7.99
C TRP A 59 -0.98 -0.01 -9.27
N GLU A 60 -1.60 0.23 -10.41
CA GLU A 60 -0.83 0.30 -11.65
C GLU A 60 0.23 1.40 -11.53
N LYS A 61 -0.15 2.47 -10.88
CA LYS A 61 0.73 3.60 -10.67
C LYS A 61 1.67 3.37 -9.47
N HIS A 62 1.45 2.30 -8.72
CA HIS A 62 2.28 2.02 -7.56
C HIS A 62 3.51 1.18 -7.89
N HIS A 63 3.38 0.31 -8.88
CA HIS A 63 4.49 -0.57 -9.28
C HIS A 63 5.74 0.22 -9.68
N HIS A 64 5.59 1.52 -9.92
CA HIS A 64 6.73 2.36 -10.29
C HIS A 64 7.69 2.51 -9.11
N VAL A 65 7.13 2.42 -7.90
CA VAL A 65 7.93 2.55 -6.67
C VAL A 65 7.95 1.25 -5.87
N CYS A 66 7.19 0.24 -6.32
CA CYS A 66 7.13 -1.04 -5.63
C CYS A 66 8.37 -1.88 -5.94
N GLY A 67 8.77 -2.72 -5.00
CA GLY A 67 9.94 -3.55 -5.18
C GLY A 67 11.15 -3.05 -4.41
N GLN A 68 11.02 -1.85 -3.82
CA GLN A 68 12.11 -1.27 -3.05
C GLN A 68 11.70 -1.17 -1.58
N SER A 69 12.61 -1.56 -0.68
CA SER A 69 12.33 -1.51 0.75
C SER A 69 13.61 -1.30 1.54
N LEU A 70 13.49 -0.62 2.67
CA LEU A 70 14.66 -0.36 3.52
C LEU A 70 14.75 -1.39 4.64
N GLN A 71 15.85 -2.13 4.66
CA GLN A 71 16.08 -3.15 5.68
C GLN A 71 16.39 -2.51 7.02
ZN ZN B . -7.32 5.42 0.48
ZN ZN C . 4.42 -1.74 -2.94
N GLY A 1 -4.40 -21.76 -11.23
CA GLY A 1 -3.58 -22.79 -11.92
C GLY A 1 -2.12 -22.74 -11.52
N SER A 2 -1.27 -23.40 -12.29
CA SER A 2 0.16 -23.43 -12.01
C SER A 2 0.75 -22.03 -12.06
N ALA A 3 0.25 -21.21 -12.98
CA ALA A 3 0.72 -19.84 -13.13
C ALA A 3 -0.43 -18.89 -13.44
N SER A 4 -0.45 -17.75 -12.77
CA SER A 4 -1.49 -16.75 -12.99
C SER A 4 -0.90 -15.35 -13.15
N SER A 5 -0.41 -14.79 -12.06
CA SER A 5 0.19 -13.45 -12.07
C SER A 5 -0.70 -12.46 -12.82
N GLN A 6 -0.24 -11.96 -13.97
CA GLN A 6 -1.02 -11.01 -14.77
C GLN A 6 -1.15 -9.67 -14.04
N VAL A 7 0.01 -9.04 -13.78
CA VAL A 7 0.11 -7.76 -13.09
C VAL A 7 -0.95 -7.61 -11.99
N VAL A 8 -0.60 -8.03 -10.78
CA VAL A 8 -1.52 -7.95 -9.66
C VAL A 8 -0.92 -7.19 -8.48
N MET A 9 -1.78 -6.52 -7.73
CA MET A 9 -1.36 -5.74 -6.57
C MET A 9 -0.92 -6.63 -5.40
N PRO A 10 0.08 -6.19 -4.60
CA PRO A 10 0.56 -6.97 -3.46
C PRO A 10 -0.47 -7.02 -2.35
N PRO A 11 -0.42 -8.02 -1.47
CA PRO A 11 -1.38 -8.14 -0.36
C PRO A 11 -1.16 -7.05 0.69
N LEU A 12 -2.26 -6.59 1.28
CA LEU A 12 -2.20 -5.55 2.31
C LEU A 12 -2.35 -6.17 3.69
N VAL A 13 -1.96 -5.40 4.71
CA VAL A 13 -2.06 -5.88 6.09
C VAL A 13 -2.94 -4.93 6.87
N ARG A 14 -3.71 -5.46 7.81
CA ARG A 14 -4.61 -4.64 8.63
C ARG A 14 -4.12 -4.52 10.06
N GLY A 15 -3.60 -3.34 10.39
CA GLY A 15 -3.11 -3.10 11.74
C GLY A 15 -4.01 -2.14 12.49
N ALA A 16 -3.72 -1.92 13.76
CA ALA A 16 -4.52 -1.01 14.58
C ALA A 16 -5.89 -1.59 14.88
N GLN A 17 -5.91 -2.83 15.37
CA GLN A 17 -7.15 -3.51 15.70
C GLN A 17 -7.32 -3.65 17.21
N GLN A 18 -8.09 -2.73 17.80
CA GLN A 18 -8.33 -2.75 19.24
C GLN A 18 -9.65 -2.07 19.58
N LYS A 19 -10.20 -2.40 20.75
CA LYS A 19 -11.47 -1.82 21.18
C LYS A 19 -11.29 -1.01 22.48
N ASN A 20 -10.04 -0.72 22.84
CA ASN A 20 -9.75 0.04 24.04
C ASN A 20 -8.58 1.00 23.82
N GLY A 21 -7.60 0.55 23.02
CA GLY A 21 -6.44 1.37 22.74
C GLY A 21 -5.14 0.62 22.97
N ARG A 22 -4.07 1.06 22.31
CA ARG A 22 -2.78 0.41 22.44
C ARG A 22 -1.70 1.18 21.70
N GLY A 23 -1.90 2.49 21.57
CA GLY A 23 -0.93 3.33 20.87
C GLY A 23 -1.59 4.24 19.85
N SER A 24 -2.77 4.75 20.20
CA SER A 24 -3.51 5.65 19.30
C SER A 24 -3.66 5.04 17.90
N ASP A 25 -3.83 5.90 16.91
CA ASP A 25 -3.99 5.45 15.52
C ASP A 25 -2.63 5.13 14.90
N SER A 26 -2.61 4.92 13.58
CA SER A 26 -1.37 4.60 12.88
C SER A 26 -1.60 4.66 11.37
N SER A 27 -1.28 5.80 10.77
CA SER A 27 -1.45 5.99 9.33
C SER A 27 -0.54 7.09 8.81
N GLU A 28 -0.35 7.13 7.49
CA GLU A 28 0.50 8.14 6.88
C GLU A 28 -0.05 8.59 5.52
N SER A 29 -1.33 8.30 5.24
CA SER A 29 -1.98 8.68 3.99
C SER A 29 -1.62 7.73 2.84
N CYS A 30 -2.56 7.53 1.91
CA CYS A 30 -2.33 6.65 0.78
C CYS A 30 -1.82 7.42 -0.41
N TRP A 31 -1.21 6.69 -1.34
CA TRP A 31 -0.68 7.29 -2.54
C TRP A 31 -1.82 7.60 -3.50
N ASN A 32 -2.93 6.89 -3.32
CA ASN A 32 -4.11 7.04 -4.16
C ASN A 32 -5.08 8.11 -3.63
N CYS A 33 -5.97 7.68 -2.73
CA CYS A 33 -6.96 8.58 -2.15
C CYS A 33 -6.34 9.55 -1.12
N GLY A 34 -5.45 9.05 -0.28
CA GLY A 34 -4.80 9.89 0.72
C GLY A 34 -5.56 9.93 2.05
N ARG A 35 -6.84 9.63 2.01
CA ARG A 35 -7.66 9.64 3.20
C ARG A 35 -7.34 8.46 4.14
N LYS A 36 -6.82 8.80 5.34
CA LYS A 36 -6.43 7.86 6.40
C LYS A 36 -6.20 6.41 5.94
N ALA A 37 -4.96 5.96 6.07
CA ALA A 37 -4.58 4.60 5.69
C ALA A 37 -4.31 3.71 6.90
N SER A 38 -5.15 2.70 7.09
CA SER A 38 -5.00 1.77 8.22
C SER A 38 -4.33 0.46 7.80
N GLU A 39 -3.91 0.38 6.53
CA GLU A 39 -3.24 -0.82 6.02
C GLU A 39 -1.95 -0.45 5.32
N THR A 40 -0.95 -1.32 5.37
CA THR A 40 0.33 -1.03 4.71
C THR A 40 0.58 -1.98 3.54
N CYS A 41 1.29 -1.50 2.51
CA CYS A 41 1.57 -2.33 1.34
C CYS A 41 2.66 -3.33 1.66
N SER A 42 2.38 -4.62 1.49
CA SER A 42 3.37 -5.65 1.77
C SER A 42 4.48 -5.63 0.71
N GLY A 43 4.16 -5.09 -0.46
CA GLY A 43 5.11 -5.02 -1.54
C GLY A 43 6.31 -4.11 -1.26
N CYS A 44 6.07 -2.97 -0.62
CA CYS A 44 7.15 -2.04 -0.32
C CYS A 44 7.13 -1.53 1.12
N ASN A 45 5.93 -1.50 1.73
CA ASN A 45 5.75 -1.03 3.12
C ASN A 45 5.62 0.49 3.19
N ALA A 46 6.30 1.21 2.28
CA ALA A 46 6.25 2.65 2.26
C ALA A 46 4.85 3.13 1.91
N ALA A 47 4.23 2.40 0.99
CA ALA A 47 2.87 2.71 0.53
C ALA A 47 1.81 2.28 1.55
N ARG A 48 1.26 3.23 2.30
CA ARG A 48 0.23 2.91 3.28
C ARG A 48 -1.15 3.10 2.67
N TYR A 49 -1.87 2.00 2.52
CA TYR A 49 -3.20 2.03 1.91
C TYR A 49 -4.31 1.91 2.95
N CYS A 50 -5.48 2.45 2.61
CA CYS A 50 -6.63 2.41 3.52
C CYS A 50 -7.57 1.25 3.18
N GLY A 51 -7.45 0.71 1.97
CA GLY A 51 -8.32 -0.38 1.58
C GLY A 51 -7.96 -1.02 0.25
N SER A 52 -8.48 -2.22 0.05
CA SER A 52 -8.25 -2.99 -1.17
C SER A 52 -8.71 -2.22 -2.41
N PHE A 53 -9.82 -1.49 -2.28
CA PHE A 53 -10.35 -0.72 -3.41
C PHE A 53 -9.39 0.41 -3.76
N CYS A 54 -8.83 1.01 -2.73
CA CYS A 54 -7.89 2.11 -2.88
C CYS A 54 -6.67 1.63 -3.67
N GLN A 55 -6.17 0.46 -3.27
CA GLN A 55 -5.01 -0.16 -3.91
C GLN A 55 -5.26 -0.44 -5.39
N HIS A 56 -6.46 -0.91 -5.71
CA HIS A 56 -6.81 -1.23 -7.10
C HIS A 56 -6.70 0.00 -7.99
N ARG A 57 -7.23 1.13 -7.51
CA ARG A 57 -7.21 2.39 -8.25
C ARG A 57 -5.80 2.87 -8.62
N ASP A 58 -4.83 2.69 -7.71
CA ASP A 58 -3.45 3.15 -8.00
C ASP A 58 -2.48 2.00 -8.27
N TRP A 59 -2.94 0.76 -8.15
CA TRP A 59 -2.07 -0.38 -8.39
C TRP A 59 -1.32 -0.31 -9.74
N GLU A 60 -2.01 0.01 -10.81
CA GLU A 60 -1.34 0.09 -12.12
C GLU A 60 -0.20 1.09 -12.05
N LYS A 61 -0.45 2.18 -11.34
CA LYS A 61 0.54 3.24 -11.17
C LYS A 61 1.50 2.96 -10.01
N HIS A 62 1.24 1.90 -9.22
CA HIS A 62 2.09 1.60 -8.08
C HIS A 62 3.27 0.70 -8.45
N HIS A 63 3.03 -0.27 -9.31
CA HIS A 63 4.06 -1.22 -9.74
C HIS A 63 5.36 -0.55 -10.20
N HIS A 64 5.34 0.73 -10.55
CA HIS A 64 6.57 1.39 -11.00
C HIS A 64 7.42 1.87 -9.83
N VAL A 65 6.81 1.99 -8.65
CA VAL A 65 7.52 2.43 -7.44
C VAL A 65 7.67 1.30 -6.42
N CYS A 66 6.75 0.34 -6.44
CA CYS A 66 6.79 -0.76 -5.50
C CYS A 66 8.10 -1.55 -5.67
N GLY A 67 8.55 -2.16 -4.57
CA GLY A 67 9.78 -2.92 -4.60
C GLY A 67 10.94 -2.16 -3.98
N GLN A 68 10.81 -0.84 -3.89
CA GLN A 68 11.85 0.00 -3.32
C GLN A 68 11.33 0.70 -2.07
N SER A 69 12.02 0.52 -0.95
CA SER A 69 11.62 1.16 0.30
C SER A 69 12.81 1.29 1.25
N LEU A 70 13.50 0.18 1.48
CA LEU A 70 14.67 0.17 2.38
C LEU A 70 14.24 0.29 3.84
N GLN A 71 13.73 1.47 4.21
CA GLN A 71 13.29 1.71 5.57
C GLN A 71 12.05 0.88 5.90
ZN ZN B . -6.92 5.30 0.53
ZN ZN C . 3.97 -1.18 -2.66
N GLY A 1 3.84 -11.36 -29.52
CA GLY A 1 4.15 -11.58 -28.08
C GLY A 1 3.14 -12.51 -27.41
N SER A 2 3.54 -13.75 -27.20
CA SER A 2 2.66 -14.73 -26.57
C SER A 2 3.05 -14.95 -25.11
N ALA A 3 2.43 -14.18 -24.22
CA ALA A 3 2.71 -14.30 -22.80
C ALA A 3 1.59 -13.70 -21.95
N SER A 4 1.16 -14.42 -20.93
CA SER A 4 0.11 -13.94 -20.04
C SER A 4 0.52 -12.65 -19.35
N SER A 5 1.75 -12.62 -18.85
CA SER A 5 2.28 -11.45 -18.17
C SER A 5 1.26 -10.88 -17.17
N GLN A 6 0.86 -9.61 -17.35
CA GLN A 6 -0.11 -8.96 -16.46
C GLN A 6 0.53 -8.58 -15.14
N VAL A 7 0.24 -7.36 -14.68
CA VAL A 7 0.80 -6.87 -13.42
C VAL A 7 -0.14 -7.19 -12.25
N VAL A 8 0.29 -8.14 -11.41
CA VAL A 8 -0.49 -8.55 -10.25
C VAL A 8 -0.43 -7.52 -9.13
N MET A 9 -1.59 -7.22 -8.57
CA MET A 9 -1.69 -6.25 -7.48
C MET A 9 -1.52 -6.95 -6.13
N PRO A 10 -0.53 -6.54 -5.30
CA PRO A 10 -0.30 -7.16 -3.99
C PRO A 10 -1.34 -6.71 -2.95
N PRO A 11 -1.73 -7.58 -2.00
CA PRO A 11 -2.72 -7.23 -0.97
C PRO A 11 -2.14 -6.34 0.13
N LEU A 12 -3.01 -5.63 0.84
CA LEU A 12 -2.60 -4.75 1.91
C LEU A 12 -2.50 -5.54 3.21
N VAL A 13 -1.67 -5.06 4.11
CA VAL A 13 -1.49 -5.72 5.39
C VAL A 13 -1.69 -4.75 6.54
N ARG A 14 -2.30 -5.25 7.61
CA ARG A 14 -2.59 -4.44 8.80
C ARG A 14 -3.86 -3.59 8.61
N GLY A 15 -3.93 -2.42 9.24
CA GLY A 15 -5.10 -1.56 9.13
C GLY A 15 -5.34 -0.71 10.38
N ALA A 16 -4.43 -0.81 11.35
CA ALA A 16 -4.53 -0.05 12.59
C ALA A 16 -3.14 0.29 13.13
N GLN A 17 -3.10 1.10 14.19
CA GLN A 17 -1.83 1.50 14.81
C GLN A 17 -1.16 2.63 14.01
N GLN A 18 0.12 2.85 14.31
CA GLN A 18 0.89 3.90 13.63
C GLN A 18 2.39 3.72 13.87
N LYS A 19 3.22 4.29 13.00
CA LYS A 19 4.66 4.18 13.14
C LYS A 19 5.40 5.31 12.41
N ASN A 20 5.69 5.10 11.12
CA ASN A 20 6.41 6.10 10.31
C ASN A 20 7.57 6.70 11.09
N GLY A 21 8.00 7.90 10.72
CA GLY A 21 9.09 8.55 11.44
C GLY A 21 10.11 9.24 10.55
N ARG A 22 10.71 8.49 9.62
CA ARG A 22 11.72 9.05 8.72
C ARG A 22 11.20 10.27 7.96
N GLY A 23 10.40 10.03 6.92
CA GLY A 23 9.87 11.11 6.12
C GLY A 23 9.06 12.11 6.92
N SER A 24 7.74 12.02 6.81
CA SER A 24 6.84 12.92 7.53
C SER A 24 5.42 12.37 7.48
N ASP A 25 5.07 11.77 6.34
CA ASP A 25 3.74 11.19 6.17
C ASP A 25 3.46 10.22 7.31
N SER A 26 2.30 10.37 7.94
CA SER A 26 1.93 9.50 9.05
C SER A 26 0.46 9.70 9.43
N SER A 27 -0.13 8.66 9.99
CA SER A 27 -1.53 8.69 10.43
C SER A 27 -2.50 8.66 9.25
N GLU A 28 -2.89 9.83 8.73
CA GLU A 28 -3.81 9.91 7.62
C GLU A 28 -3.16 10.45 6.35
N SER A 29 -3.28 9.69 5.25
CA SER A 29 -2.70 10.08 3.97
C SER A 29 -2.70 8.92 2.98
N CYS A 30 -3.88 8.51 2.52
CA CYS A 30 -4.00 7.42 1.57
C CYS A 30 -3.37 7.81 0.23
N TRP A 31 -2.75 6.84 -0.43
CA TRP A 31 -2.10 7.08 -1.71
C TRP A 31 -3.13 7.32 -2.82
N ASN A 32 -4.27 6.64 -2.72
CA ASN A 32 -5.33 6.75 -3.71
C ASN A 32 -6.32 7.88 -3.44
N CYS A 33 -7.33 7.58 -2.60
CA CYS A 33 -8.37 8.56 -2.27
C CYS A 33 -7.84 9.71 -1.40
N GLY A 34 -6.82 9.44 -0.59
CA GLY A 34 -6.26 10.49 0.26
C GLY A 34 -6.84 10.49 1.69
N ARG A 35 -7.72 9.54 1.94
CA ARG A 35 -8.38 9.38 3.24
C ARG A 35 -7.44 8.72 4.26
N LYS A 36 -7.85 8.71 5.52
CA LYS A 36 -7.05 8.12 6.58
C LYS A 36 -6.63 6.70 6.23
N ALA A 37 -5.32 6.42 6.33
CA ALA A 37 -4.79 5.10 6.02
C ALA A 37 -4.06 4.51 7.23
N SER A 38 -4.27 3.21 7.48
CA SER A 38 -3.62 2.55 8.61
C SER A 38 -3.07 1.16 8.26
N GLU A 39 -2.64 1.00 7.01
CA GLU A 39 -2.08 -0.28 6.55
C GLU A 39 -0.92 -0.04 5.60
N THR A 40 -0.10 -1.07 5.41
CA THR A 40 1.05 -0.98 4.51
C THR A 40 1.00 -2.05 3.43
N CYS A 41 1.66 -1.77 2.30
CA CYS A 41 1.69 -2.69 1.18
C CYS A 41 2.59 -3.89 1.47
N SER A 42 2.06 -5.08 1.28
CA SER A 42 2.82 -6.31 1.53
C SER A 42 4.07 -6.42 0.67
N GLY A 43 3.98 -5.98 -0.60
CA GLY A 43 5.11 -6.06 -1.50
C GLY A 43 6.35 -5.27 -1.10
N CYS A 44 6.20 -4.03 -0.61
CA CYS A 44 7.36 -3.22 -0.21
C CYS A 44 7.29 -2.73 1.23
N ASN A 45 6.09 -2.74 1.79
CA ASN A 45 5.90 -2.30 3.17
C ASN A 45 6.36 -0.84 3.36
N ALA A 46 6.37 -0.10 2.26
CA ALA A 46 6.79 1.30 2.26
C ALA A 46 5.60 2.22 2.05
N ALA A 47 4.69 1.76 1.22
CA ALA A 47 3.49 2.50 0.87
C ALA A 47 2.40 2.38 1.95
N ARG A 48 1.64 3.47 2.15
CA ARG A 48 0.57 3.47 3.15
C ARG A 48 -0.76 3.62 2.40
N TYR A 49 -1.58 2.57 2.46
CA TYR A 49 -2.88 2.55 1.78
C TYR A 49 -4.03 2.47 2.80
N CYS A 50 -5.26 2.79 2.37
CA CYS A 50 -6.41 2.73 3.27
C CYS A 50 -7.39 1.61 2.92
N GLY A 51 -7.29 1.04 1.73
CA GLY A 51 -8.20 -0.03 1.36
C GLY A 51 -7.79 -0.81 0.13
N SER A 52 -8.35 -2.01 0.00
CA SER A 52 -8.06 -2.91 -1.12
C SER A 52 -8.50 -2.29 -2.46
N PHE A 53 -9.62 -1.58 -2.46
CA PHE A 53 -10.11 -0.96 -3.69
C PHE A 53 -9.15 0.15 -4.11
N CYS A 54 -8.70 0.89 -3.10
CA CYS A 54 -7.77 1.98 -3.33
C CYS A 54 -6.48 1.43 -3.90
N GLN A 55 -6.05 0.31 -3.35
CA GLN A 55 -4.84 -0.35 -3.80
C GLN A 55 -4.97 -0.84 -5.24
N HIS A 56 -6.12 -1.39 -5.58
CA HIS A 56 -6.35 -1.91 -6.92
C HIS A 56 -6.25 -0.82 -7.99
N ARG A 57 -6.92 0.32 -7.76
CA ARG A 57 -6.90 1.42 -8.72
C ARG A 57 -5.54 2.10 -8.80
N ASP A 58 -4.92 2.34 -7.65
CA ASP A 58 -3.61 3.00 -7.59
C ASP A 58 -2.47 2.06 -7.93
N TRP A 59 -2.68 0.77 -7.71
CA TRP A 59 -1.66 -0.25 -7.98
C TRP A 59 -0.94 -0.06 -9.32
N GLU A 60 -1.65 0.36 -10.35
CA GLU A 60 -1.02 0.53 -11.65
C GLU A 60 0.13 1.52 -11.52
N LYS A 61 -0.10 2.58 -10.76
CA LYS A 61 0.92 3.59 -10.54
C LYS A 61 1.87 3.23 -9.39
N HIS A 62 1.58 2.15 -8.65
CA HIS A 62 2.43 1.75 -7.54
C HIS A 62 3.56 0.82 -7.99
N HIS A 63 3.27 0.02 -9.01
CA HIS A 63 4.26 -0.93 -9.54
C HIS A 63 5.56 -0.25 -9.98
N HIS A 64 5.56 1.07 -10.13
CA HIS A 64 6.77 1.78 -10.54
C HIS A 64 7.66 2.08 -9.33
N VAL A 65 7.11 1.97 -8.13
CA VAL A 65 7.85 2.23 -6.91
C VAL A 65 7.96 1.00 -6.00
N CYS A 66 7.13 0.00 -6.26
CA CYS A 66 7.15 -1.22 -5.46
C CYS A 66 8.36 -2.08 -5.81
N GLY A 67 8.86 -2.84 -4.84
CA GLY A 67 10.02 -3.67 -5.09
C GLY A 67 11.30 -2.88 -5.27
N GLN A 68 11.29 -1.63 -4.82
CA GLN A 68 12.45 -0.75 -4.91
C GLN A 68 12.59 -0.20 -6.33
N SER A 69 11.55 0.52 -6.76
CA SER A 69 11.51 1.11 -8.10
C SER A 69 11.96 0.12 -9.18
N LEU A 70 12.18 0.64 -10.38
CA LEU A 70 12.61 -0.19 -11.50
C LEU A 70 14.14 -0.26 -11.55
N GLN A 71 14.74 -0.64 -10.44
CA GLN A 71 16.20 -0.75 -10.35
C GLN A 71 16.61 -1.85 -9.38
ZN ZN B . -8.12 5.28 0.20
ZN ZN C . 4.42 -1.78 -2.61
N GLY A 1 -0.41 -16.24 -13.52
CA GLY A 1 0.41 -17.43 -13.91
C GLY A 1 0.19 -17.84 -15.35
N SER A 2 -1.05 -18.09 -15.71
CA SER A 2 -1.39 -18.49 -17.08
C SER A 2 -1.00 -17.40 -18.07
N ALA A 3 -1.30 -16.15 -17.73
CA ALA A 3 -0.98 -15.03 -18.59
C ALA A 3 0.52 -14.90 -18.82
N SER A 4 1.29 -15.14 -17.76
CA SER A 4 2.75 -15.07 -17.85
C SER A 4 3.21 -13.78 -18.52
N SER A 5 2.84 -12.65 -17.94
CA SER A 5 3.20 -11.34 -18.49
C SER A 5 2.62 -10.22 -17.65
N GLN A 6 1.42 -10.47 -17.10
CA GLN A 6 0.73 -9.48 -16.28
C GLN A 6 1.32 -9.46 -14.87
N VAL A 7 0.99 -8.40 -14.13
CA VAL A 7 1.47 -8.24 -12.76
C VAL A 7 0.30 -8.08 -11.80
N VAL A 8 0.35 -8.78 -10.66
CA VAL A 8 -0.71 -8.73 -9.67
C VAL A 8 -0.27 -8.10 -8.36
N MET A 9 -1.22 -7.44 -7.69
CA MET A 9 -0.95 -6.76 -6.43
C MET A 9 -1.19 -7.65 -5.21
N PRO A 10 -0.31 -7.56 -4.19
CA PRO A 10 -0.45 -8.34 -2.97
C PRO A 10 -1.42 -7.65 -2.01
N PRO A 11 -1.88 -8.37 -0.97
CA PRO A 11 -2.83 -7.81 0.01
C PRO A 11 -2.20 -6.76 0.95
N LEU A 12 -3.04 -5.89 1.49
CA LEU A 12 -2.59 -4.84 2.39
C LEU A 12 -2.51 -5.38 3.81
N VAL A 13 -1.62 -4.83 4.60
CA VAL A 13 -1.44 -5.27 5.98
C VAL A 13 -1.52 -4.10 6.94
N ARG A 14 -2.03 -4.35 8.15
CA ARG A 14 -2.15 -3.30 9.14
C ARG A 14 -0.79 -2.66 9.35
N GLY A 15 -0.75 -1.33 9.47
CA GLY A 15 0.50 -0.61 9.67
C GLY A 15 1.44 -1.30 10.65
N ALA A 16 1.20 -1.10 11.95
CA ALA A 16 2.02 -1.69 13.01
C ALA A 16 1.82 -0.95 14.34
N GLN A 17 2.46 0.20 14.45
CA GLN A 17 2.37 1.02 15.65
C GLN A 17 2.19 2.50 15.29
N GLN A 18 1.58 3.24 16.21
CA GLN A 18 1.34 4.66 15.99
C GLN A 18 1.68 5.44 17.27
N LYS A 19 2.77 6.21 17.23
CA LYS A 19 3.19 6.99 18.38
C LYS A 19 2.89 8.48 18.19
N ASN A 20 1.98 8.78 17.26
CA ASN A 20 1.61 10.16 16.98
C ASN A 20 0.59 10.70 17.99
N GLY A 21 0.34 9.94 19.06
CA GLY A 21 -0.59 10.38 20.08
C GLY A 21 -0.34 11.80 20.54
N ARG A 22 -1.09 12.74 19.97
CA ARG A 22 -0.98 14.16 20.29
C ARG A 22 -1.84 14.97 19.33
N GLY A 23 -3.13 15.08 19.65
CA GLY A 23 -4.04 15.83 18.80
C GLY A 23 -4.32 15.09 17.51
N SER A 24 -5.60 15.02 17.12
CA SER A 24 -5.97 14.34 15.89
C SER A 24 -5.43 15.07 14.67
N ASP A 25 -4.24 14.70 14.23
CA ASP A 25 -3.61 15.32 13.08
C ASP A 25 -2.34 14.57 12.68
N SER A 26 -2.10 14.44 11.38
CA SER A 26 -0.91 13.76 10.87
C SER A 26 -0.70 12.42 11.57
N SER A 27 -1.38 11.39 11.08
CA SER A 27 -1.27 10.05 11.68
C SER A 27 -0.99 9.01 10.59
N GLU A 28 -1.61 9.19 9.43
CA GLU A 28 -1.46 8.27 8.31
C GLU A 28 -2.32 8.72 7.14
N SER A 29 -1.71 8.81 5.95
CA SER A 29 -2.43 9.24 4.76
C SER A 29 -2.33 8.20 3.65
N CYS A 30 -3.49 7.79 3.12
CA CYS A 30 -3.57 6.81 2.05
C CYS A 30 -2.96 7.36 0.77
N TRP A 31 -2.61 6.47 -0.16
CA TRP A 31 -2.01 6.91 -1.42
C TRP A 31 -3.07 7.46 -2.38
N ASN A 32 -4.02 6.62 -2.76
CA ASN A 32 -5.07 7.02 -3.69
C ASN A 32 -6.00 8.10 -3.11
N CYS A 33 -6.95 7.71 -2.24
CA CYS A 33 -7.88 8.67 -1.66
C CYS A 33 -7.18 9.59 -0.65
N GLY A 34 -6.42 8.99 0.27
CA GLY A 34 -5.69 9.78 1.27
C GLY A 34 -6.43 9.95 2.60
N ARG A 35 -7.67 9.49 2.67
CA ARG A 35 -8.45 9.61 3.90
C ARG A 35 -8.23 8.42 4.84
N LYS A 36 -7.50 8.66 5.93
CA LYS A 36 -7.20 7.64 6.95
C LYS A 36 -6.83 6.29 6.32
N ALA A 37 -5.53 6.03 6.20
CA ALA A 37 -5.06 4.79 5.61
C ALA A 37 -4.89 3.67 6.63
N SER A 38 -4.23 3.97 7.75
CA SER A 38 -3.98 2.99 8.82
C SER A 38 -3.51 1.63 8.29
N GLU A 39 -2.98 1.57 7.07
CA GLU A 39 -2.51 0.31 6.50
C GLU A 39 -1.35 0.53 5.55
N THR A 40 -0.69 -0.55 5.15
CA THR A 40 0.44 -0.47 4.25
C THR A 40 0.42 -1.58 3.19
N CYS A 41 1.16 -1.40 2.11
CA CYS A 41 1.25 -2.37 1.03
C CYS A 41 2.18 -3.50 1.43
N SER A 42 1.73 -4.75 1.39
CA SER A 42 2.60 -5.86 1.77
C SER A 42 3.75 -6.06 0.77
N GLY A 43 3.57 -5.55 -0.45
CA GLY A 43 4.60 -5.69 -1.48
C GLY A 43 5.90 -4.94 -1.15
N CYS A 44 5.77 -3.72 -0.65
CA CYS A 44 6.94 -2.91 -0.32
C CYS A 44 6.92 -2.44 1.14
N ASN A 45 5.73 -2.37 1.71
CA ASN A 45 5.53 -1.94 3.08
C ASN A 45 5.94 -0.48 3.26
N ALA A 46 6.00 0.24 2.13
CA ALA A 46 6.37 1.64 2.10
C ALA A 46 5.16 2.49 1.77
N ALA A 47 4.31 1.93 0.93
CA ALA A 47 3.09 2.59 0.49
C ALA A 47 1.98 2.47 1.54
N ARG A 48 1.50 3.59 2.07
CA ARG A 48 0.44 3.55 3.07
C ARG A 48 -0.90 3.58 2.34
N TYR A 49 -1.64 2.48 2.42
CA TYR A 49 -2.94 2.36 1.76
C TYR A 49 -4.07 2.17 2.77
N CYS A 50 -5.31 2.36 2.31
CA CYS A 50 -6.46 2.20 3.18
C CYS A 50 -7.31 0.99 2.78
N GLY A 51 -7.15 0.52 1.54
CA GLY A 51 -7.92 -0.62 1.11
C GLY A 51 -7.59 -1.13 -0.29
N SER A 52 -8.13 -2.31 -0.59
CA SER A 52 -7.96 -2.98 -1.87
C SER A 52 -8.49 -2.16 -3.05
N PHE A 53 -9.59 -1.45 -2.83
CA PHE A 53 -10.17 -0.63 -3.90
C PHE A 53 -9.21 0.47 -4.32
N CYS A 54 -8.49 1.00 -3.34
CA CYS A 54 -7.53 2.08 -3.59
C CYS A 54 -6.25 1.57 -4.25
N GLN A 55 -5.77 0.42 -3.80
CA GLN A 55 -4.55 -0.17 -4.35
C GLN A 55 -4.70 -0.54 -5.82
N HIS A 56 -5.87 -1.06 -6.19
CA HIS A 56 -6.11 -1.45 -7.57
C HIS A 56 -6.20 -0.23 -8.49
N ARG A 57 -6.80 0.84 -7.98
CA ARG A 57 -6.95 2.08 -8.75
C ARG A 57 -5.60 2.72 -9.10
N ASP A 58 -4.65 2.65 -8.17
CA ASP A 58 -3.33 3.23 -8.40
C ASP A 58 -2.27 2.17 -8.70
N TRP A 59 -2.65 0.91 -8.65
CA TRP A 59 -1.72 -0.18 -8.92
C TRP A 59 -0.91 0.02 -10.21
N GLU A 60 -1.54 0.48 -11.28
CA GLU A 60 -0.81 0.67 -12.53
C GLU A 60 0.37 1.59 -12.31
N LYS A 61 0.15 2.62 -11.51
CA LYS A 61 1.20 3.58 -11.19
C LYS A 61 2.08 3.15 -10.01
N HIS A 62 1.71 2.07 -9.31
CA HIS A 62 2.51 1.64 -8.15
C HIS A 62 3.60 0.65 -8.55
N HIS A 63 3.35 -0.12 -9.60
CA HIS A 63 4.33 -1.10 -10.08
C HIS A 63 5.69 -0.48 -10.39
N HIS A 64 5.76 0.84 -10.53
CA HIS A 64 7.02 1.51 -10.83
C HIS A 64 7.77 1.87 -9.55
N VAL A 65 7.09 1.81 -8.40
CA VAL A 65 7.71 2.14 -7.13
C VAL A 65 7.72 0.95 -6.15
N CYS A 66 6.92 -0.07 -6.43
CA CYS A 66 6.87 -1.24 -5.56
C CYS A 66 8.08 -2.14 -5.79
N GLY A 67 8.50 -2.83 -4.74
CA GLY A 67 9.64 -3.71 -4.85
C GLY A 67 10.95 -2.97 -5.00
N GLN A 68 10.95 -1.68 -4.67
CA GLN A 68 12.15 -0.86 -4.79
C GLN A 68 11.95 0.49 -4.11
N SER A 69 12.65 0.69 -2.99
CA SER A 69 12.55 1.94 -2.24
C SER A 69 13.45 1.91 -1.02
N LEU A 70 14.54 2.69 -1.06
CA LEU A 70 15.49 2.74 0.05
C LEU A 70 16.08 1.37 0.35
N GLN A 71 17.19 1.35 1.07
CA GLN A 71 17.86 0.11 1.43
C GLN A 71 18.46 0.19 2.83
ZN ZN B . -7.70 5.06 0.17
ZN ZN C . 3.95 -1.59 -2.80
N GLY A 1 10.60 -12.35 -5.80
CA GLY A 1 11.45 -11.53 -6.71
C GLY A 1 10.91 -11.48 -8.12
N SER A 2 11.26 -12.48 -8.92
CA SER A 2 10.81 -12.56 -10.30
C SER A 2 9.30 -12.76 -10.37
N ALA A 3 8.70 -12.27 -11.45
CA ALA A 3 7.25 -12.39 -11.62
C ALA A 3 6.89 -12.80 -13.05
N SER A 4 5.73 -13.44 -13.19
CA SER A 4 5.25 -13.89 -14.49
C SER A 4 4.73 -12.72 -15.31
N SER A 5 4.19 -13.02 -16.49
CA SER A 5 3.66 -11.98 -17.36
C SER A 5 2.66 -11.11 -16.61
N GLN A 6 2.64 -9.82 -16.92
CA GLN A 6 1.73 -8.90 -16.25
C GLN A 6 2.16 -8.71 -14.81
N VAL A 7 1.80 -7.57 -14.21
CA VAL A 7 2.17 -7.29 -12.83
C VAL A 7 0.93 -7.31 -11.92
N VAL A 8 1.06 -8.01 -10.80
CA VAL A 8 -0.04 -8.11 -9.84
C VAL A 8 0.30 -7.45 -8.52
N MET A 9 -0.70 -6.82 -7.92
CA MET A 9 -0.53 -6.13 -6.64
C MET A 9 -0.73 -7.09 -5.45
N PRO A 10 0.10 -6.95 -4.40
CA PRO A 10 -0.01 -7.80 -3.21
C PRO A 10 -1.09 -7.32 -2.24
N PRO A 11 -1.54 -8.18 -1.32
CA PRO A 11 -2.58 -7.82 -0.35
C PRO A 11 -2.06 -6.86 0.72
N LEU A 12 -2.96 -6.05 1.28
CA LEU A 12 -2.58 -5.09 2.32
C LEU A 12 -2.37 -5.77 3.65
N VAL A 13 -1.59 -5.12 4.50
CA VAL A 13 -1.31 -5.65 5.83
C VAL A 13 -1.53 -4.55 6.86
N ARG A 14 -1.94 -4.98 8.08
CA ARG A 14 -2.21 -4.11 9.24
C ARG A 14 -3.57 -4.42 9.86
N GLY A 15 -4.60 -3.68 9.45
CA GLY A 15 -5.92 -3.91 10.01
C GLY A 15 -6.11 -3.16 11.32
N ALA A 16 -5.79 -1.87 11.30
CA ALA A 16 -5.90 -1.04 12.51
C ALA A 16 -5.04 -1.61 13.63
N GLN A 17 -3.73 -1.45 13.50
CA GLN A 17 -2.79 -1.95 14.49
C GLN A 17 -3.01 -3.43 14.75
N GLN A 18 -3.45 -4.14 13.72
CA GLN A 18 -3.69 -5.57 13.83
C GLN A 18 -4.70 -5.87 14.93
N LYS A 19 -5.94 -5.44 14.72
CA LYS A 19 -7.00 -5.66 15.70
C LYS A 19 -8.32 -5.07 15.24
N ASN A 20 -9.32 -5.93 15.05
CA ASN A 20 -10.64 -5.50 14.63
C ASN A 20 -11.20 -4.47 15.60
N GLY A 21 -12.33 -3.87 15.25
CA GLY A 21 -12.94 -2.87 16.11
C GLY A 21 -12.16 -1.57 16.12
N ARG A 22 -12.24 -0.83 17.21
CA ARG A 22 -11.54 0.45 17.34
C ARG A 22 -10.04 0.25 17.19
N GLY A 23 -9.40 1.19 16.49
CA GLY A 23 -7.96 1.09 16.29
C GLY A 23 -7.47 1.75 15.01
N SER A 24 -8.19 2.77 14.53
CA SER A 24 -7.80 3.47 13.31
C SER A 24 -7.99 4.97 13.46
N ASP A 25 -6.90 5.71 13.35
CA ASP A 25 -6.95 7.17 13.47
C ASP A 25 -5.54 7.77 13.38
N SER A 26 -5.13 8.15 12.17
CA SER A 26 -3.81 8.74 11.99
C SER A 26 -3.78 9.74 10.82
N SER A 27 -2.88 10.71 10.95
CA SER A 27 -2.71 11.75 9.92
C SER A 27 -2.19 11.18 8.61
N GLU A 28 -1.64 9.97 8.65
CA GLU A 28 -1.11 9.34 7.45
C GLU A 28 -2.13 9.37 6.30
N SER A 29 -1.63 9.39 5.07
CA SER A 29 -2.49 9.42 3.89
C SER A 29 -2.05 8.35 2.88
N CYS A 30 -2.97 7.94 2.03
CA CYS A 30 -2.67 6.91 1.03
C CYS A 30 -2.01 7.49 -0.21
N TRP A 31 -1.36 6.61 -0.96
CA TRP A 31 -0.69 6.98 -2.19
C TRP A 31 -1.72 7.16 -3.30
N ASN A 32 -2.85 6.44 -3.16
CA ASN A 32 -3.92 6.50 -4.14
C ASN A 32 -4.95 7.60 -3.84
N CYS A 33 -5.89 7.30 -2.95
CA CYS A 33 -6.94 8.25 -2.59
C CYS A 33 -6.45 9.30 -1.57
N GLY A 34 -5.65 8.88 -0.59
CA GLY A 34 -5.14 9.82 0.41
C GLY A 34 -5.87 9.76 1.74
N ARG A 35 -7.07 9.20 1.70
CA ARG A 35 -7.90 9.05 2.89
C ARG A 35 -7.10 8.49 4.07
N LYS A 36 -7.69 8.55 5.24
CA LYS A 36 -7.04 8.07 6.45
C LYS A 36 -6.51 6.64 6.26
N ALA A 37 -5.24 6.45 6.61
CA ALA A 37 -4.59 5.15 6.48
C ALA A 37 -5.27 4.06 7.29
N SER A 38 -4.72 2.85 7.20
CA SER A 38 -5.24 1.68 7.89
C SER A 38 -4.41 0.45 7.56
N GLU A 39 -3.85 0.44 6.35
CA GLU A 39 -3.01 -0.67 5.91
C GLU A 39 -1.90 -0.22 4.98
N THR A 40 -1.01 -1.16 4.66
CA THR A 40 0.14 -0.89 3.79
C THR A 40 0.38 -2.05 2.83
N CYS A 41 1.12 -1.79 1.76
CA CYS A 41 1.44 -2.80 0.76
C CYS A 41 2.40 -3.85 1.33
N SER A 42 2.03 -5.12 1.27
CA SER A 42 2.90 -6.16 1.81
C SER A 42 4.13 -6.37 0.94
N GLY A 43 4.03 -6.00 -0.33
CA GLY A 43 5.16 -6.16 -1.24
C GLY A 43 6.34 -5.26 -0.93
N CYS A 44 6.06 -4.00 -0.60
CA CYS A 44 7.13 -3.04 -0.30
C CYS A 44 6.85 -2.27 1.01
N ASN A 45 5.59 -2.12 1.34
CA ASN A 45 5.18 -1.42 2.56
C ASN A 45 5.65 0.03 2.54
N ALA A 46 5.83 0.57 1.34
CA ALA A 46 6.27 1.94 1.14
C ALA A 46 5.10 2.88 0.96
N ALA A 47 4.09 2.41 0.24
CA ALA A 47 2.90 3.21 -0.02
C ALA A 47 1.84 2.98 1.05
N ARG A 48 1.12 4.04 1.39
CA ARG A 48 0.07 3.97 2.40
C ARG A 48 -1.29 3.61 1.78
N TYR A 49 -2.00 2.70 2.42
CA TYR A 49 -3.32 2.26 1.95
C TYR A 49 -4.38 2.34 3.04
N CYS A 50 -5.62 2.56 2.63
CA CYS A 50 -6.73 2.63 3.58
C CYS A 50 -7.70 1.47 3.37
N GLY A 51 -7.57 0.79 2.22
CA GLY A 51 -8.45 -0.34 1.93
C GLY A 51 -8.02 -1.11 0.70
N SER A 52 -8.64 -2.26 0.51
CA SER A 52 -8.34 -3.13 -0.64
C SER A 52 -8.64 -2.43 -1.96
N PHE A 53 -9.75 -1.68 -2.00
CA PHE A 53 -10.15 -0.97 -3.20
C PHE A 53 -9.17 0.15 -3.54
N CYS A 54 -8.61 0.77 -2.51
CA CYS A 54 -7.66 1.86 -2.69
C CYS A 54 -6.45 1.37 -3.52
N GLN A 55 -5.95 0.18 -3.18
CA GLN A 55 -4.80 -0.40 -3.89
C GLN A 55 -5.06 -0.66 -5.37
N HIS A 56 -6.17 -1.29 -5.70
CA HIS A 56 -6.50 -1.59 -7.08
C HIS A 56 -6.69 -0.31 -7.90
N ARG A 57 -7.27 0.69 -7.25
CA ARG A 57 -7.51 1.99 -7.88
C ARG A 57 -6.25 2.66 -8.42
N ASP A 58 -5.12 2.58 -7.69
CA ASP A 58 -3.88 3.22 -8.18
C ASP A 58 -2.70 2.25 -8.34
N TRP A 59 -2.95 0.96 -8.17
CA TRP A 59 -1.89 -0.04 -8.29
C TRP A 59 -1.04 0.15 -9.55
N GLU A 60 -1.65 0.48 -10.68
CA GLU A 60 -0.88 0.66 -11.91
C GLU A 60 0.20 1.72 -11.70
N LYS A 61 -0.17 2.75 -10.97
CA LYS A 61 0.73 3.85 -10.67
C LYS A 61 1.64 3.53 -9.47
N HIS A 62 1.37 2.42 -8.77
CA HIS A 62 2.17 2.06 -7.60
C HIS A 62 3.40 1.22 -7.96
N HIS A 63 3.30 0.43 -9.02
CA HIS A 63 4.42 -0.42 -9.44
C HIS A 63 5.68 0.39 -9.76
N HIS A 64 5.53 1.69 -9.92
CA HIS A 64 6.67 2.56 -10.22
C HIS A 64 7.62 2.65 -9.02
N VAL A 65 7.09 2.41 -7.83
CA VAL A 65 7.89 2.47 -6.61
C VAL A 65 7.85 1.16 -5.83
N CYS A 66 7.13 0.16 -6.34
CA CYS A 66 7.01 -1.12 -5.66
C CYS A 66 8.24 -1.99 -5.97
N GLY A 67 8.61 -2.84 -5.02
CA GLY A 67 9.77 -3.70 -5.21
C GLY A 67 11.08 -3.00 -4.90
N GLN A 68 11.00 -1.74 -4.48
CA GLN A 68 12.20 -0.97 -4.16
C GLN A 68 13.22 -1.04 -5.29
N SER A 69 14.20 -1.94 -5.17
CA SER A 69 15.23 -2.07 -6.21
C SER A 69 15.79 -3.48 -6.23
N LEU A 70 16.15 -3.97 -7.42
CA LEU A 70 16.71 -5.30 -7.58
C LEU A 70 15.73 -6.37 -7.09
N GLN A 71 14.49 -6.29 -7.56
CA GLN A 71 13.46 -7.24 -7.17
C GLN A 71 13.33 -7.30 -5.66
ZN ZN B . -7.18 5.40 0.41
ZN ZN C . 4.22 -1.81 -3.02
#